data_7DPI
#
_entry.id   7DPI
#
_cell.length_a   86.648
_cell.length_b   108.034
_cell.length_c   140.532
_cell.angle_alpha   90.000
_cell.angle_beta   105.110
_cell.angle_gamma   90.000
#
_symmetry.space_group_name_H-M   'P 1 21 1'
#
loop_
_entity.id
_entity.type
_entity.pdbx_description
1 polymer 'Phenylalanine--tRNA ligase'
2 polymer 'Phenylalanyl-tRNA synthetase beta subunit'
3 non-polymer (8R,9S,10S)-10-[(dimethylamino)methyl]-N-(4-methoxyphenyl)-9-[4-(2-phenylethynyl)phenyl]-1,6-diazabicyclo[6.2.0]decane-6-carboxamide
4 non-polymer 'MAGNESIUM ION'
#
loop_
_entity_poly.entity_id
_entity_poly.type
_entity_poly.pdbx_seq_one_letter_code
_entity_poly.pdbx_strand_id
1 'polypeptide(L)'
;KDIKKQITDINYLLLKNEEYKKYDIKKYNFFSSGKKINKGNIHLLTKQMRTFKEIFFSLGFEEMETHNYVESSFWCFDAL
YIPQQHPSRDLQDTFFIKEPETCIDKFVDTEYIDNIKRVHTHGDYGSFGWNYKWKLEESKKNVLRTHTTANSCRALFKLA
KEYKEAGCIKPKKYFSIDRVFRNENLDSTHLAEFHQVEGLIIDKNIGLSHLIGTLAAFYKHIGIHKLKFKPTFNPYTEPS
MEIYGYHEQSKKWLEVGNSGIFRPEMLRSMGFSEEVSVIAWGLSLERPTMIKYNIKNIRDLFGYKSVV
;
A,C
2 'polypeptide(L)'
;MPTISVYEDDLFEKLGEEIIEEKLLDVCFDFGLEVDDIEYKNDKKIYKIEVPANRYDLICVEGLCRALKNFMCKFDDIKY
DISMNNYDICIKGNQYIKVDGSVDDRRGYVVCCVLKNMNINDSVYNNIIEIQEKLHHNLGKKRSVLAIGIHDYDKIKFPL
KYKFEKKEKINFIPLNEKTNLNGMNLIDFYSKNLNLKPYLKIIKDFDKYPIIVDSNEQILSLPPIINCDHTKISLNTKNV
FIECTAIDRNKAQIALNILCSMLSEYCVPKYSIQSFVVIYENQDFSDDQNLKKKETQFLYPIFENKSLTCNIDYVRKLSG
ISHITVHEVNNLLKRMMLSCDIMDNNTFKVTIPFYRSDIMHCCDIIEDIAIAYGYGNIKYEPPQICKKHSLNNCSELFRN
VLVECGYTEVMTNALLSRDENYNCMLRTHKSYDDPNINLDEYNPLAAPIQIKNSKTSEYEIIRTSLIVNLLKFVSANKHR
ELPLRFFEIGDVSYATYNQTDTNAVNKKYLSIIFSDKFTAGLEELHGVLEAILKEYQLFSDYKIEEKKKENISIRSDMYY
KLIPKEDPSFLNERIVDIVLFPHNLKFGVLGIIHPKVLENFSLDIPVSAIEINVETLLNVLMM
;
B,D
#
loop_
_chem_comp.id
_chem_comp.type
_chem_comp.name
_chem_comp.formula
B79 non-polymer (8R,9S,10S)-10-[(dimethylamino)methyl]-N-(4-methoxyphenyl)-9-[4-(2-phenylethynyl)phenyl]-1,6-diazabicyclo[6.2.0]decane-6-carboxamide 'C33 H38 N4 O2'
MG non-polymer 'MAGNESIUM ION' 'Mg 2'
#
# COMPACT_ATOMS: atom_id res chain seq x y z
N ILE A 10 1.12 -48.30 13.81
CA ILE A 10 1.18 -46.89 14.15
C ILE A 10 0.95 -45.98 12.95
N ASN A 11 1.76 -46.04 11.92
CA ASN A 11 1.46 -45.23 10.75
C ASN A 11 0.94 -46.19 9.76
N TYR A 12 -0.03 -45.81 9.00
CA TYR A 12 -0.69 -46.78 8.14
C TYR A 12 -0.22 -46.66 6.71
N LEU A 13 0.21 -47.79 6.15
CA LEU A 13 0.41 -47.98 4.72
C LEU A 13 0.01 -49.41 4.39
N LEU A 14 0.33 -49.84 3.17
CA LEU A 14 -0.25 -51.06 2.61
C LEU A 14 -1.77 -50.99 2.70
N LEU A 15 -2.33 -50.03 1.97
CA LEU A 15 -3.77 -49.83 1.91
C LEU A 15 -4.44 -50.65 0.83
N LYS A 16 -3.76 -51.66 0.31
CA LYS A 16 -4.44 -52.58 -0.57
C LYS A 16 -5.55 -53.26 0.23
N ASN A 17 -6.43 -53.94 -0.49
CA ASN A 17 -7.65 -54.41 0.15
C ASN A 17 -7.33 -55.29 1.34
N GLU A 18 -6.24 -56.04 1.25
CA GLU A 18 -5.83 -56.93 2.32
C GLU A 18 -5.24 -56.15 3.50
N GLU A 19 -6.11 -55.63 4.38
CA GLU A 19 -5.72 -54.82 5.53
C GLU A 19 -6.16 -55.56 6.79
N TYR A 20 -5.26 -56.36 7.37
CA TYR A 20 -5.54 -57.05 8.63
C TYR A 20 -5.04 -56.23 9.80
N LYS A 21 -5.96 -55.84 10.67
CA LYS A 21 -5.75 -54.73 11.59
C LYS A 21 -4.68 -54.97 12.63
N TYR A 28 -1.76 -41.74 22.00
CA TYR A 28 -1.12 -41.74 20.70
C TYR A 28 -0.15 -40.58 20.62
N ASN A 29 0.18 -40.05 21.79
CA ASN A 29 1.25 -39.07 21.92
C ASN A 29 0.97 -37.84 21.07
N PHE A 30 -0.06 -37.10 21.48
CA PHE A 30 -0.28 -35.76 20.99
C PHE A 30 0.45 -34.73 21.83
N PHE A 31 1.60 -35.12 22.37
CA PHE A 31 2.21 -34.36 23.47
C PHE A 31 2.88 -33.10 22.97
N SER A 32 3.90 -33.22 22.11
CA SER A 32 4.63 -32.02 21.73
C SER A 32 4.69 -31.77 20.23
N SER A 33 5.43 -32.58 19.47
CA SER A 33 5.58 -32.31 18.02
C SER A 33 6.11 -33.47 17.24
N GLY A 34 6.37 -33.17 15.97
CA GLY A 34 7.03 -34.11 15.10
C GLY A 34 8.29 -33.48 14.57
N LYS A 35 9.22 -34.35 14.17
CA LYS A 35 10.60 -33.92 13.93
C LYS A 35 10.69 -32.80 12.91
N LYS A 36 11.12 -31.63 13.38
CA LYS A 36 11.39 -30.53 12.48
C LYS A 36 12.52 -30.90 11.53
N ILE A 37 12.28 -30.70 10.25
CA ILE A 37 13.28 -30.93 9.21
C ILE A 37 13.59 -29.54 8.66
N ASN A 38 14.46 -29.46 7.65
CA ASN A 38 14.99 -28.21 7.15
C ASN A 38 13.91 -27.13 7.12
N LYS A 39 14.21 -26.01 7.75
CA LYS A 39 13.27 -24.91 7.92
C LYS A 39 13.96 -23.63 7.47
N GLY A 40 13.37 -22.92 6.53
CA GLY A 40 13.98 -21.71 6.02
C GLY A 40 13.12 -20.49 6.29
N ASN A 41 13.64 -19.52 7.03
CA ASN A 41 12.82 -18.43 7.55
C ASN A 41 13.49 -17.11 7.23
N ILE A 42 12.75 -16.04 7.44
CA ILE A 42 13.23 -14.71 7.16
C ILE A 42 13.67 -14.05 8.46
N HIS A 43 14.53 -13.05 8.34
CA HIS A 43 14.93 -12.28 9.51
C HIS A 43 13.69 -11.70 10.18
N LEU A 44 13.71 -11.68 11.51
CA LEU A 44 12.58 -11.15 12.25
C LEU A 44 12.39 -9.68 11.98
N LEU A 45 13.48 -8.90 12.03
CA LEU A 45 13.34 -7.46 11.83
C LEU A 45 12.69 -7.17 10.49
N THR A 46 13.01 -7.97 9.48
CA THR A 46 12.34 -7.79 8.20
C THR A 46 10.86 -8.08 8.31
N LYS A 47 10.48 -9.06 9.11
CA LYS A 47 9.05 -9.30 9.27
C LYS A 47 8.36 -8.13 9.96
N GLN A 48 8.99 -7.57 10.98
CA GLN A 48 8.39 -6.41 11.64
C GLN A 48 8.31 -5.24 10.69
N MET A 49 9.38 -4.99 9.93
CA MET A 49 9.34 -3.97 8.89
C MET A 49 8.16 -4.17 7.98
N ARG A 50 7.92 -5.42 7.57
CA ARG A 50 6.75 -5.71 6.77
C ARG A 50 5.49 -5.26 7.47
N THR A 51 5.24 -5.77 8.68
CA THR A 51 4.04 -5.41 9.42
C THR A 51 3.86 -3.89 9.49
N PHE A 52 4.96 -3.18 9.72
CA PHE A 52 4.87 -1.72 9.81
C PHE A 52 4.46 -1.12 8.48
N LYS A 53 5.07 -1.57 7.37
CA LYS A 53 4.64 -1.07 6.07
C LYS A 53 3.15 -1.31 5.88
N GLU A 54 2.69 -2.50 6.25
CA GLU A 54 1.27 -2.80 6.14
C GLU A 54 0.43 -1.76 6.88
N ILE A 55 0.70 -1.57 8.17
CA ILE A 55 -0.17 -0.68 8.91
C ILE A 55 -0.03 0.76 8.42
N PHE A 56 1.18 1.16 8.03
CA PHE A 56 1.40 2.53 7.58
C PHE A 56 0.60 2.82 6.31
N PHE A 57 0.78 1.99 5.29
CA PHE A 57 -0.04 2.18 4.10
C PHE A 57 -1.51 1.98 4.40
N SER A 58 -1.84 1.25 5.47
CA SER A 58 -3.24 1.12 5.83
C SER A 58 -3.82 2.43 6.31
N LEU A 59 -3.03 3.21 7.05
CA LEU A 59 -3.52 4.50 7.47
C LEU A 59 -3.66 5.44 6.30
N GLY A 60 -2.97 5.17 5.21
CA GLY A 60 -3.07 6.00 4.03
C GLY A 60 -1.79 6.75 3.77
N PHE A 61 -0.66 6.16 4.12
CA PHE A 61 0.63 6.83 4.05
C PHE A 61 1.32 6.59 2.71
N GLU A 62 2.38 7.36 2.48
CA GLU A 62 3.22 7.24 1.30
C GLU A 62 4.66 7.05 1.72
N GLU A 63 5.31 6.03 1.17
CA GLU A 63 6.68 5.71 1.53
C GLU A 63 7.62 6.70 0.87
N MET A 64 8.42 7.38 1.66
CA MET A 64 9.43 8.22 1.06
C MET A 64 10.63 7.35 0.69
N GLU A 65 11.64 7.98 0.11
CA GLU A 65 12.81 7.26 -0.40
C GLU A 65 14.02 7.70 0.41
N THR A 66 14.32 6.95 1.46
CA THR A 66 15.52 7.16 2.26
C THR A 66 16.63 6.18 1.87
N HIS A 67 16.79 5.93 0.58
CA HIS A 67 17.65 4.85 0.12
C HIS A 67 19.11 5.23 0.13
N ASN A 68 19.48 6.25 0.89
CA ASN A 68 20.86 6.67 0.99
C ASN A 68 21.19 6.96 2.44
N TYR A 69 22.38 6.54 2.90
CA TYR A 69 22.85 6.95 4.23
C TYR A 69 24.25 7.53 4.09
N VAL A 70 24.32 8.75 3.58
CA VAL A 70 25.59 9.45 3.49
C VAL A 70 25.34 10.92 3.81
N GLU A 71 24.06 11.30 3.87
CA GLU A 71 23.60 12.67 3.73
C GLU A 71 24.52 13.67 4.40
N SER A 72 24.80 14.75 3.69
CA SER A 72 25.69 15.78 4.19
C SER A 72 25.19 16.32 5.51
N SER A 73 26.09 16.94 6.26
CA SER A 73 25.67 17.58 7.48
C SER A 73 24.57 18.59 7.22
N PHE A 74 24.62 19.26 6.08
CA PHE A 74 23.65 20.30 5.78
C PHE A 74 22.22 19.79 5.89
N TRP A 75 21.87 18.82 5.04
CA TRP A 75 20.57 18.19 5.21
C TRP A 75 20.47 17.55 6.58
N CYS A 76 21.58 17.02 7.08
CA CYS A 76 21.51 16.32 8.35
C CYS A 76 21.26 17.29 9.49
N PHE A 77 21.99 18.41 9.52
CA PHE A 77 21.89 19.32 10.65
C PHE A 77 21.30 20.68 10.33
N ASP A 78 21.91 21.45 9.43
CA ASP A 78 21.52 22.85 9.37
C ASP A 78 20.13 23.01 8.76
N ALA A 79 19.76 22.14 7.83
CA ALA A 79 18.40 22.17 7.31
C ALA A 79 17.37 21.96 8.40
N LEU A 80 17.74 21.27 9.47
CA LEU A 80 16.83 21.06 10.59
C LEU A 80 17.03 22.08 11.69
N TYR A 81 17.67 23.19 11.37
CA TYR A 81 17.85 24.32 12.28
C TYR A 81 18.43 23.84 13.60
N ILE A 82 19.70 23.43 13.52
CA ILE A 82 20.48 23.11 14.72
C ILE A 82 21.86 23.74 14.57
N PRO A 83 22.30 24.54 15.52
CA PRO A 83 23.68 25.06 15.45
C PRO A 83 24.64 23.90 15.44
N GLN A 84 25.70 24.01 14.64
CA GLN A 84 26.66 22.92 14.57
C GLN A 84 27.31 22.65 15.92
N GLN A 85 27.65 23.70 16.64
CA GLN A 85 28.32 23.52 17.92
C GLN A 85 27.40 22.95 19.00
N HIS A 86 27.36 21.63 19.10
CA HIS A 86 26.44 20.94 19.99
C HIS A 86 26.93 19.52 20.21
N PRO A 87 26.35 18.79 21.17
CA PRO A 87 26.82 17.43 21.45
C PRO A 87 26.75 16.47 20.29
N SER A 88 25.87 16.71 19.32
CA SER A 88 25.86 15.87 18.12
C SER A 88 27.14 16.01 17.33
N ARG A 89 27.52 17.25 17.01
CA ARG A 89 28.70 17.46 16.17
C ARG A 89 29.95 16.83 16.77
N ASP A 90 30.04 16.78 18.09
CA ASP A 90 31.20 16.16 18.71
C ASP A 90 31.30 14.70 18.32
N LEU A 91 32.54 14.23 18.21
CA LEU A 91 32.80 12.88 17.75
C LEU A 91 32.38 11.82 18.76
N GLN A 92 32.08 12.21 19.99
CA GLN A 92 31.63 11.25 20.98
C GLN A 92 30.23 10.71 20.69
N ASP A 93 29.51 11.29 19.73
CA ASP A 93 28.16 10.81 19.44
C ASP A 93 27.86 10.71 17.94
N THR A 94 28.85 10.91 17.07
CA THR A 94 28.57 10.84 15.64
C THR A 94 29.69 10.13 14.89
N PHE A 95 29.46 9.93 13.58
CA PHE A 95 30.38 9.26 12.66
C PHE A 95 30.60 10.17 11.48
N PHE A 96 31.86 10.47 11.16
CA PHE A 96 32.16 11.43 10.11
C PHE A 96 32.99 10.80 9.00
N ILE A 97 32.52 10.94 7.77
CA ILE A 97 33.24 10.45 6.61
C ILE A 97 34.27 11.48 6.17
N LYS A 98 35.36 10.99 5.61
CA LYS A 98 36.40 11.84 5.04
C LYS A 98 36.67 11.60 3.56
N GLU A 99 36.12 10.56 2.96
CA GLU A 99 36.51 10.31 1.58
C GLU A 99 35.90 11.30 0.59
N PRO A 100 34.58 11.35 0.36
CA PRO A 100 34.03 12.54 -0.32
C PRO A 100 33.54 13.56 0.71
N GLU A 101 34.47 14.29 1.30
CA GLU A 101 34.11 15.17 2.39
C GLU A 101 33.36 16.42 1.94
N THR A 102 33.36 16.74 0.66
CA THR A 102 32.73 17.95 0.17
C THR A 102 31.69 17.63 -0.90
N CYS A 103 30.57 18.33 -0.83
CA CYS A 103 29.50 18.27 -1.81
C CYS A 103 29.34 19.62 -2.49
N ILE A 104 28.62 19.62 -3.61
CA ILE A 104 28.51 20.84 -4.42
C ILE A 104 27.08 21.19 -4.78
N ASP A 105 26.29 20.22 -5.24
CA ASP A 105 24.93 20.55 -5.67
C ASP A 105 24.07 20.93 -4.48
N LYS A 106 24.00 22.22 -4.19
CA LYS A 106 23.02 22.76 -3.27
C LYS A 106 22.37 23.99 -3.87
N PHE A 107 21.12 24.19 -3.52
CA PHE A 107 20.37 25.21 -4.13
C PHE A 107 20.90 26.53 -3.87
N VAL A 108 21.67 26.98 -4.83
CA VAL A 108 22.25 28.29 -4.83
C VAL A 108 21.22 29.34 -4.59
N ASP A 109 19.98 28.97 -4.53
CA ASP A 109 19.00 29.99 -4.32
C ASP A 109 18.70 30.24 -2.91
N THR A 110 17.99 31.37 -2.75
CA THR A 110 17.65 32.00 -1.51
C THR A 110 18.99 32.25 -0.88
N GLU A 111 19.86 32.91 -1.65
CA GLU A 111 21.25 33.15 -1.34
C GLU A 111 21.84 31.82 -0.98
N TYR A 112 21.70 30.76 -1.76
CA TYR A 112 22.23 29.41 -1.40
C TYR A 112 21.71 28.94 -0.06
N ILE A 113 20.45 29.19 0.19
CA ILE A 113 19.94 28.97 1.47
C ILE A 113 20.63 29.67 2.60
N ASP A 114 21.38 30.64 2.13
CA ASP A 114 21.99 31.60 3.00
C ASP A 114 20.87 32.15 3.90
N ASN A 115 19.61 31.90 3.56
CA ASN A 115 18.49 32.24 4.31
C ASN A 115 18.65 31.51 5.57
N ILE A 116 18.94 30.23 5.53
CA ILE A 116 19.14 29.52 6.74
C ILE A 116 20.27 30.05 7.60
N LYS A 117 21.35 30.47 7.00
CA LYS A 117 22.43 30.99 7.81
C LYS A 117 22.02 32.24 8.54
N ARG A 118 21.32 33.07 7.80
CA ARG A 118 20.79 34.29 8.32
C ARG A 118 19.93 33.84 9.45
N VAL A 119 19.09 32.85 9.21
CA VAL A 119 18.25 32.41 10.32
C VAL A 119 19.13 31.86 11.43
N HIS A 120 20.28 31.38 11.05
CA HIS A 120 21.12 30.91 12.09
C HIS A 120 21.62 32.15 12.79
N THR A 121 22.23 33.03 12.04
CA THR A 121 22.75 34.22 12.65
C THR A 121 21.81 35.32 13.19
N HIS A 122 20.83 35.70 12.40
CA HIS A 122 19.81 36.70 12.60
C HIS A 122 18.42 36.07 12.55
N GLY A 123 17.35 36.80 12.25
CA GLY A 123 16.00 36.34 12.43
C GLY A 123 15.16 36.29 11.16
N ASP A 124 14.20 35.35 11.16
CA ASP A 124 13.18 35.24 10.13
C ASP A 124 11.95 34.70 10.84
N TYR A 125 10.79 34.95 10.25
CA TYR A 125 9.52 34.58 10.88
C TYR A 125 9.47 35.15 12.28
N GLY A 126 10.07 36.33 12.45
CA GLY A 126 10.13 37.02 13.72
C GLY A 126 11.00 36.40 14.79
N SER A 127 11.65 35.27 14.52
CA SER A 127 12.45 34.59 15.53
C SER A 127 13.85 35.18 15.62
N PHE A 128 14.70 34.53 16.42
CA PHE A 128 16.10 34.89 16.61
C PHE A 128 16.97 33.72 16.20
N GLY A 129 18.20 34.04 15.83
CA GLY A 129 19.17 33.01 15.54
C GLY A 129 20.02 32.59 16.72
N TRP A 130 21.32 32.87 16.64
CA TRP A 130 22.22 32.74 17.77
C TRP A 130 23.22 33.89 17.87
N ASN A 131 23.20 34.85 16.95
CA ASN A 131 24.27 35.84 16.84
C ASN A 131 25.58 35.12 16.60
N TYR A 132 25.48 34.10 15.77
CA TYR A 132 26.54 33.16 15.44
C TYR A 132 26.91 33.35 13.98
N LYS A 133 28.16 33.06 13.64
CA LYS A 133 28.57 33.21 12.25
C LYS A 133 27.94 32.13 11.37
N TRP A 134 27.77 30.93 11.90
CA TRP A 134 27.28 29.79 11.13
C TRP A 134 28.00 29.69 9.79
N LYS A 135 29.27 29.31 9.87
CA LYS A 135 30.06 29.14 8.67
C LYS A 135 29.56 27.96 7.86
N LEU A 136 30.00 27.90 6.60
CA LEU A 136 29.49 26.92 5.67
C LEU A 136 30.19 25.58 5.79
N GLU A 137 31.49 25.59 6.11
CA GLU A 137 32.29 24.37 6.03
C GLU A 137 31.68 23.25 6.86
N GLU A 138 31.37 23.53 8.12
CA GLU A 138 30.75 22.53 8.97
C GLU A 138 29.48 21.99 8.35
N SER A 139 28.73 22.84 7.66
CA SER A 139 27.59 22.34 6.92
C SER A 139 28.01 21.44 5.77
N LYS A 140 29.21 21.65 5.23
CA LYS A 140 29.65 20.88 4.08
C LYS A 140 30.37 19.59 4.44
N LYS A 141 30.67 19.37 5.71
CA LYS A 141 31.35 18.14 6.10
C LYS A 141 30.39 16.97 5.97
N ASN A 142 30.78 15.97 5.19
CA ASN A 142 29.93 14.82 4.96
C ASN A 142 29.87 13.98 6.22
N VAL A 143 28.67 13.59 6.61
CA VAL A 143 28.46 12.85 7.84
C VAL A 143 27.66 11.60 7.54
N LEU A 144 27.78 10.62 8.41
CA LEU A 144 26.86 9.49 8.36
C LEU A 144 25.58 9.85 9.09
N ARG A 145 24.44 9.52 8.49
CA ARG A 145 23.17 9.95 9.06
C ARG A 145 23.02 9.36 10.46
N THR A 146 22.64 10.21 11.41
CA THR A 146 22.20 9.76 12.72
C THR A 146 20.70 9.88 12.91
N HIS A 147 20.03 10.69 12.10
CA HIS A 147 18.58 10.83 12.10
C HIS A 147 18.12 10.59 10.68
N THR A 148 17.27 9.58 10.47
CA THR A 148 16.76 9.35 9.13
C THR A 148 16.04 10.57 8.60
N THR A 149 15.47 11.38 9.50
CA THR A 149 14.66 12.52 9.09
C THR A 149 15.39 13.40 8.09
N ALA A 150 16.72 13.44 8.16
CA ALA A 150 17.50 14.21 7.20
C ALA A 150 17.04 13.93 5.79
N ASN A 151 17.13 12.66 5.37
CA ASN A 151 16.66 12.31 4.04
C ASN A 151 15.24 12.80 3.84
N SER A 152 14.38 12.51 4.81
CA SER A 152 13.01 12.98 4.79
C SER A 152 12.92 14.45 4.43
N CYS A 153 13.63 15.29 5.19
CA CYS A 153 13.44 16.73 5.01
C CYS A 153 13.71 17.14 3.57
N ARG A 154 14.63 16.46 2.89
CA ARG A 154 14.88 16.78 1.50
C ARG A 154 13.60 16.66 0.70
N ALA A 155 12.95 15.50 0.77
CA ALA A 155 11.73 15.29 0.01
C ALA A 155 10.66 16.31 0.37
N LEU A 156 10.83 17.00 1.50
CA LEU A 156 9.88 18.05 1.84
C LEU A 156 10.05 19.23 0.89
N PHE A 157 11.29 19.65 0.70
CA PHE A 157 11.55 20.88 -0.04
C PHE A 157 11.00 20.82 -1.44
N LYS A 158 11.08 19.66 -2.08
CA LYS A 158 10.49 19.51 -3.41
C LYS A 158 9.02 19.85 -3.36
N LEU A 159 8.30 19.26 -2.41
CA LEU A 159 6.92 19.64 -2.16
C LEU A 159 6.80 21.14 -2.04
N ALA A 160 7.69 21.76 -1.27
CA ALA A 160 7.73 23.21 -1.15
C ALA A 160 7.54 23.85 -2.51
N LYS A 161 8.45 23.55 -3.44
CA LYS A 161 8.36 24.16 -4.75
C LYS A 161 7.02 23.83 -5.39
N GLU A 162 6.65 22.56 -5.35
CA GLU A 162 5.35 22.14 -5.87
C GLU A 162 4.23 22.98 -5.30
N TYR A 163 4.21 23.15 -3.97
CA TYR A 163 3.15 23.96 -3.37
C TYR A 163 3.09 25.34 -4.00
N LYS A 164 4.23 26.01 -4.14
CA LYS A 164 4.18 27.33 -4.73
C LYS A 164 3.78 27.20 -6.20
N GLU A 165 4.30 26.18 -6.87
CA GLU A 165 3.99 25.97 -8.27
C GLU A 165 2.51 25.66 -8.47
N ALA A 166 1.78 25.46 -7.38
CA ALA A 166 0.37 25.12 -7.46
C ALA A 166 -0.53 25.95 -6.55
N GLY A 167 0.00 26.56 -5.50
CA GLY A 167 -0.80 27.35 -4.60
C GLY A 167 -1.78 26.58 -3.74
N CYS A 168 -1.97 25.29 -3.99
CA CYS A 168 -2.91 24.52 -3.21
C CYS A 168 -2.29 24.02 -1.93
N ILE A 169 -3.13 23.41 -1.10
CA ILE A 169 -2.75 22.83 0.18
C ILE A 169 -3.22 21.39 0.15
N LYS A 170 -2.28 20.46 0.05
CA LYS A 170 -2.60 19.04 0.00
C LYS A 170 -1.96 18.32 1.16
N PRO A 171 -2.71 18.05 2.22
CA PRO A 171 -2.15 17.35 3.38
C PRO A 171 -1.57 16.02 2.96
N LYS A 172 -0.29 15.83 3.22
CA LYS A 172 0.40 14.63 2.80
C LYS A 172 0.88 13.85 4.01
N LYS A 173 0.89 12.53 3.87
CA LYS A 173 1.34 11.62 4.90
C LYS A 173 2.54 10.85 4.38
N TYR A 174 3.62 10.84 5.17
CA TYR A 174 4.86 10.23 4.77
C TYR A 174 5.43 9.36 5.88
N PHE A 175 6.24 8.38 5.49
CA PHE A 175 6.90 7.51 6.45
C PHE A 175 8.17 6.99 5.83
N SER A 176 9.18 6.77 6.68
CA SER A 176 10.48 6.32 6.22
C SER A 176 11.08 5.32 7.19
N ILE A 177 11.80 4.34 6.64
CA ILE A 177 12.55 3.36 7.41
C ILE A 177 13.79 3.01 6.59
N ASP A 178 14.96 3.17 7.19
CA ASP A 178 16.20 2.65 6.63
C ASP A 178 17.27 2.78 7.71
N ARG A 179 18.39 2.10 7.49
CA ARG A 179 19.41 2.01 8.52
C ARG A 179 19.94 3.40 8.86
N VAL A 180 20.19 3.62 10.14
CA VAL A 180 20.76 4.86 10.64
C VAL A 180 21.93 4.49 11.53
N PHE A 181 22.77 5.48 11.86
CA PHE A 181 23.99 5.19 12.60
C PHE A 181 24.36 6.29 13.59
N ARG A 182 24.91 5.89 14.73
CA ARG A 182 25.54 6.78 15.69
C ARG A 182 26.75 6.10 16.31
N ASN A 183 27.56 6.86 17.04
CA ASN A 183 28.75 6.31 17.71
C ASN A 183 28.78 6.91 19.10
N GLU A 184 28.10 6.25 20.03
CA GLU A 184 28.11 6.72 21.41
C GLU A 184 29.32 6.17 22.15
N ASN A 185 29.32 4.87 22.39
CA ASN A 185 30.41 4.15 23.04
C ASN A 185 30.46 2.74 22.46
N LEU A 186 31.00 1.81 23.24
CA LEU A 186 30.97 0.38 22.93
C LEU A 186 30.54 -0.40 24.17
N ASP A 187 29.83 0.26 25.06
CA ASP A 187 29.27 -0.29 26.28
C ASP A 187 27.88 -0.82 25.99
N SER A 188 27.45 -1.82 26.76
CA SER A 188 26.19 -2.51 26.46
C SER A 188 25.01 -1.59 26.77
N THR A 189 24.76 -0.66 25.84
CA THR A 189 23.62 0.24 25.89
C THR A 189 22.72 0.11 24.68
N HIS A 190 23.29 0.21 23.48
CA HIS A 190 22.62 0.26 22.20
C HIS A 190 23.76 0.26 21.20
N LEU A 191 23.48 -0.15 19.96
CA LEU A 191 24.60 -0.35 19.06
C LEU A 191 24.77 0.85 18.13
N ALA A 192 25.82 0.77 17.32
CA ALA A 192 26.24 1.86 16.45
C ALA A 192 25.36 2.03 15.21
N GLU A 193 24.78 0.96 14.69
CA GLU A 193 23.76 1.08 13.66
C GLU A 193 22.44 0.52 14.17
N PHE A 194 21.34 1.04 13.64
CA PHE A 194 20.01 0.57 14.03
C PHE A 194 19.01 1.04 12.98
N HIS A 195 17.72 0.94 13.29
CA HIS A 195 16.68 1.26 12.32
C HIS A 195 15.52 1.97 12.99
N GLN A 196 15.05 3.03 12.33
CA GLN A 196 14.08 3.94 12.92
C GLN A 196 12.94 4.15 11.93
N VAL A 197 11.74 3.88 12.37
CA VAL A 197 10.57 4.20 11.56
C VAL A 197 10.18 5.62 11.92
N GLU A 198 9.67 6.33 10.93
CA GLU A 198 9.37 7.74 11.12
C GLU A 198 8.16 8.12 10.29
N GLY A 199 7.30 8.94 10.88
CA GLY A 199 6.11 9.43 10.18
C GLY A 199 5.98 10.94 10.29
N LEU A 200 5.48 11.54 9.22
CA LEU A 200 5.27 12.97 9.18
C LEU A 200 4.02 13.29 8.37
N ILE A 201 3.21 14.20 8.89
CA ILE A 201 2.04 14.68 8.19
C ILE A 201 2.18 16.18 7.96
N ILE A 202 1.56 16.66 6.89
CA ILE A 202 1.71 18.06 6.48
C ILE A 202 0.37 18.61 6.04
N ASP A 203 0.01 19.79 6.55
CA ASP A 203 -1.21 20.47 6.13
C ASP A 203 -1.27 21.83 6.80
N LYS A 204 -2.30 22.60 6.45
CA LYS A 204 -2.51 23.92 7.00
C LYS A 204 -3.16 23.87 8.38
N ASN A 205 -2.65 24.70 9.29
CA ASN A 205 -3.32 25.03 10.55
C ASN A 205 -3.76 23.78 11.29
N ILE A 206 -2.81 22.94 11.60
CA ILE A 206 -3.10 21.77 12.41
C ILE A 206 -2.13 21.74 13.56
N GLY A 207 -2.58 21.22 14.68
CA GLY A 207 -1.81 21.33 15.89
C GLY A 207 -1.69 20.04 16.65
N LEU A 208 -1.22 20.18 17.90
CA LEU A 208 -0.90 19.03 18.72
C LEU A 208 -1.98 17.97 18.66
N SER A 209 -3.23 18.34 18.93
CA SER A 209 -4.33 17.39 19.05
C SER A 209 -4.27 16.34 17.95
N HIS A 210 -3.98 16.77 16.73
CA HIS A 210 -3.85 15.82 15.64
C HIS A 210 -2.71 14.87 15.90
N LEU A 211 -1.58 15.41 16.35
CA LEU A 211 -0.42 14.58 16.62
C LEU A 211 -0.73 13.57 17.71
N ILE A 212 -1.30 14.06 18.80
CA ILE A 212 -1.67 13.19 19.91
C ILE A 212 -2.59 12.08 19.42
N GLY A 213 -3.62 12.44 18.68
CA GLY A 213 -4.55 11.44 18.23
C GLY A 213 -3.91 10.42 17.33
N THR A 214 -3.07 10.86 16.40
CA THR A 214 -2.51 9.93 15.43
C THR A 214 -1.49 9.02 16.08
N LEU A 215 -0.75 9.52 17.06
CA LEU A 215 0.09 8.63 17.85
C LEU A 215 -0.77 7.61 18.56
N ALA A 216 -1.88 8.06 19.14
CA ALA A 216 -2.77 7.14 19.82
C ALA A 216 -3.20 6.01 18.90
N ALA A 217 -3.69 6.35 17.71
CA ALA A 217 -4.15 5.34 16.77
C ALA A 217 -3.01 4.43 16.34
N PHE A 218 -1.91 5.03 15.91
CA PHE A 218 -0.80 4.24 15.42
C PHE A 218 -0.33 3.28 16.49
N TYR A 219 0.19 3.81 17.59
CA TYR A 219 0.60 2.96 18.70
C TYR A 219 -0.56 2.16 19.27
N LYS A 220 -1.79 2.37 18.80
CA LYS A 220 -2.82 1.39 19.09
C LYS A 220 -2.62 0.16 18.23
N HIS A 221 -2.26 0.36 16.96
CA HIS A 221 -2.05 -0.79 16.08
C HIS A 221 -0.91 -1.67 16.56
N ILE A 222 0.03 -1.10 17.31
CA ILE A 222 1.12 -1.87 17.91
C ILE A 222 0.66 -2.53 19.20
N GLY A 223 -0.51 -2.15 19.69
CA GLY A 223 -1.08 -2.60 20.95
C GLY A 223 -2.00 -1.52 21.49
N ILE A 224 -2.90 -1.92 22.39
CA ILE A 224 -3.98 -1.03 22.83
C ILE A 224 -3.56 -0.53 24.21
N HIS A 225 -2.89 0.60 24.21
CA HIS A 225 -2.30 1.15 25.43
C HIS A 225 -2.52 2.64 25.60
N LYS A 226 -3.24 2.99 26.68
CA LYS A 226 -3.37 4.39 27.07
C LYS A 226 -1.99 4.99 27.22
N LEU A 227 -1.86 6.23 26.78
CA LEU A 227 -0.54 6.80 26.59
C LEU A 227 -0.36 8.03 27.47
N LYS A 228 0.90 8.35 27.71
CA LYS A 228 1.27 9.48 28.54
C LYS A 228 2.61 9.95 28.05
N PHE A 229 2.79 11.25 28.00
CA PHE A 229 3.95 11.86 27.37
C PHE A 229 4.43 13.04 28.18
N LYS A 230 5.74 13.18 28.26
CA LYS A 230 6.36 14.24 29.03
C LYS A 230 7.18 15.16 28.15
N PRO A 231 7.16 16.45 28.41
CA PRO A 231 7.90 17.39 27.58
C PRO A 231 9.40 17.14 27.62
N THR A 232 10.04 17.39 26.49
CA THR A 232 11.50 17.40 26.38
C THR A 232 11.93 18.64 25.64
N PHE A 233 13.24 18.86 25.61
CA PHE A 233 13.83 20.02 24.94
C PHE A 233 14.71 19.53 23.80
N ASN A 234 14.37 19.92 22.57
CA ASN A 234 15.11 19.43 21.42
C ASN A 234 15.11 20.46 20.32
N PRO A 235 16.20 20.55 19.53
CA PRO A 235 16.34 21.64 18.56
C PRO A 235 15.55 21.41 17.29
N TYR A 236 15.27 20.17 16.91
CA TYR A 236 14.53 20.02 15.67
C TYR A 236 13.07 20.36 15.87
N THR A 237 12.52 20.01 17.02
CA THR A 237 11.16 20.34 17.40
C THR A 237 11.20 21.20 18.66
N GLU A 238 10.89 22.48 18.52
CA GLU A 238 10.85 23.31 19.73
C GLU A 238 9.75 22.85 20.68
N PRO A 239 8.47 22.68 20.27
CA PRO A 239 7.50 21.99 21.13
C PRO A 239 7.54 20.47 20.97
N SER A 240 8.20 19.73 21.87
CA SER A 240 8.33 18.29 21.73
C SER A 240 7.85 17.56 22.96
N MET A 241 7.84 16.24 22.86
CA MET A 241 7.51 15.39 24.00
C MET A 241 8.03 13.99 23.78
N GLU A 242 8.23 13.28 24.88
CA GLU A 242 8.60 11.87 24.90
C GLU A 242 7.36 11.08 25.27
N ILE A 243 7.04 10.11 24.46
CA ILE A 243 5.79 9.37 24.57
C ILE A 243 6.06 8.02 25.21
N TYR A 244 5.17 7.59 26.10
CA TYR A 244 5.29 6.27 26.68
C TYR A 244 3.89 5.73 26.92
N GLY A 245 3.66 4.47 26.52
CA GLY A 245 2.38 3.83 26.68
C GLY A 245 2.52 2.48 27.37
N TYR A 246 1.38 1.95 27.79
CA TYR A 246 1.35 0.93 28.83
C TYR A 246 1.06 -0.44 28.26
N HIS A 247 2.07 -1.32 28.26
CA HIS A 247 1.89 -2.76 28.14
C HIS A 247 2.65 -3.50 29.22
N GLU A 248 2.54 -3.04 30.47
CA GLU A 248 3.03 -3.72 31.68
C GLU A 248 4.43 -4.29 31.53
N GLN A 249 5.43 -3.43 31.39
CA GLN A 249 6.75 -4.04 31.25
C GLN A 249 7.55 -4.15 32.54
N SER A 250 7.98 -3.03 33.10
CA SER A 250 8.71 -3.08 34.37
C SER A 250 8.19 -2.06 35.36
N LYS A 251 8.11 -0.81 34.92
CA LYS A 251 7.37 0.23 35.62
C LYS A 251 5.93 0.24 35.20
N LYS A 252 5.51 -0.82 34.50
CA LYS A 252 4.18 -1.10 33.98
C LYS A 252 3.98 -0.43 32.63
N TRP A 253 5.06 0.07 32.04
CA TRP A 253 4.97 0.71 30.73
C TRP A 253 6.37 0.81 30.16
N LEU A 254 6.49 1.43 28.98
CA LEU A 254 7.77 1.59 28.34
C LEU A 254 7.91 2.96 27.69
N GLU A 255 9.10 3.52 27.75
CA GLU A 255 9.35 4.82 27.15
C GLU A 255 9.33 4.67 25.64
N VAL A 256 8.16 4.37 25.09
CA VAL A 256 8.08 3.81 23.75
C VAL A 256 7.95 4.95 22.75
N GLY A 257 9.08 5.45 22.29
CA GLY A 257 9.06 6.42 21.21
C GLY A 257 9.60 7.77 21.62
N ASN A 258 9.72 8.62 20.61
CA ASN A 258 10.08 10.02 20.72
C ASN A 258 9.10 10.78 19.83
N SER A 259 9.11 12.10 19.93
CA SER A 259 8.11 12.85 19.18
C SER A 259 8.57 14.30 19.04
N GLY A 260 7.64 15.15 18.63
CA GLY A 260 7.87 16.57 18.53
C GLY A 260 6.98 17.17 17.46
N ILE A 261 6.89 18.49 17.49
CA ILE A 261 6.08 19.25 16.56
C ILE A 261 6.98 20.20 15.79
N PHE A 262 6.45 20.75 14.71
CA PHE A 262 7.30 21.38 13.71
C PHE A 262 7.93 22.67 14.22
N ARG A 263 8.68 23.29 13.31
CA ARG A 263 9.62 24.35 13.63
C ARG A 263 9.52 25.44 12.58
N PRO A 264 8.46 26.25 12.64
CA PRO A 264 8.23 27.22 11.57
C PRO A 264 9.40 28.12 11.31
N GLU A 265 10.35 28.22 12.24
CA GLU A 265 11.53 29.04 12.02
C GLU A 265 12.23 28.65 10.73
N MET A 266 12.74 27.43 10.66
CA MET A 266 13.35 27.02 9.41
C MET A 266 12.30 26.70 8.38
N LEU A 267 11.12 26.29 8.83
CA LEU A 267 10.10 25.79 7.91
C LEU A 267 9.73 26.85 6.90
N ARG A 268 9.18 27.97 7.36
CA ARG A 268 8.75 28.98 6.41
C ARG A 268 9.92 29.57 5.64
N SER A 269 11.16 29.24 5.99
CA SER A 269 12.30 29.63 5.18
C SER A 269 12.58 28.66 4.05
N MET A 270 11.79 27.60 3.92
CA MET A 270 11.87 26.73 2.77
C MET A 270 10.81 27.09 1.74
N GLY A 271 10.07 28.15 1.99
CA GLY A 271 9.03 28.58 1.07
C GLY A 271 7.75 27.80 1.14
N PHE A 272 7.51 27.07 2.23
CA PHE A 272 6.29 26.29 2.31
C PHE A 272 5.03 27.15 2.40
N SER A 273 4.84 27.86 3.51
CA SER A 273 3.68 28.74 3.67
C SER A 273 3.76 29.40 5.03
N GLU A 274 2.91 30.39 5.23
CA GLU A 274 2.75 30.95 6.56
C GLU A 274 1.83 30.10 7.40
N GLU A 275 0.89 29.41 6.76
CA GLU A 275 -0.08 28.58 7.45
C GLU A 275 0.28 27.10 7.52
N VAL A 276 1.39 26.68 6.92
CA VAL A 276 1.72 25.27 6.87
C VAL A 276 2.28 24.81 8.21
N SER A 277 1.81 23.67 8.68
CA SER A 277 2.38 22.99 9.84
C SER A 277 2.49 21.52 9.51
N VAL A 278 3.58 20.91 9.98
CA VAL A 278 3.82 19.50 9.79
C VAL A 278 4.10 18.91 11.16
N ILE A 279 3.94 17.59 11.27
CA ILE A 279 4.24 16.91 12.51
C ILE A 279 5.02 15.66 12.18
N ALA A 280 5.92 15.30 13.08
CA ALA A 280 6.77 14.15 12.86
C ALA A 280 6.93 13.40 14.15
N TRP A 281 7.27 12.12 14.01
CA TRP A 281 7.59 11.30 15.16
C TRP A 281 8.43 10.14 14.67
N GLY A 282 9.39 9.72 15.49
CA GLY A 282 10.28 8.65 15.11
C GLY A 282 10.50 7.70 16.26
N LEU A 283 10.93 6.49 15.92
CA LEU A 283 11.17 5.47 16.93
C LEU A 283 12.00 4.36 16.33
N SER A 284 12.40 3.42 17.18
CA SER A 284 13.21 2.30 16.76
C SER A 284 12.34 1.19 16.21
N LEU A 285 12.92 0.39 15.33
CA LEU A 285 12.28 -0.81 14.86
C LEU A 285 12.75 -2.03 15.61
N GLU A 286 13.99 -2.01 16.07
CA GLU A 286 14.51 -3.13 16.82
C GLU A 286 13.87 -3.21 18.18
N ARG A 287 14.01 -2.15 18.99
CA ARG A 287 13.50 -2.20 20.35
C ARG A 287 12.08 -2.74 20.43
N PRO A 288 11.14 -2.34 19.59
CA PRO A 288 9.84 -3.01 19.62
C PRO A 288 9.97 -4.48 19.31
N THR A 289 10.92 -4.85 18.45
CA THR A 289 11.09 -6.26 18.13
C THR A 289 11.59 -7.03 19.35
N MET A 290 12.66 -6.52 19.96
CA MET A 290 13.14 -7.04 21.25
C MET A 290 11.98 -7.30 22.19
N ILE A 291 11.06 -6.34 22.29
CA ILE A 291 9.90 -6.52 23.15
C ILE A 291 9.02 -7.65 22.61
N LYS A 292 8.82 -7.68 21.30
CA LYS A 292 7.80 -8.54 20.73
C LYS A 292 8.15 -10.01 20.88
N TYR A 293 9.21 -10.44 20.24
CA TYR A 293 9.52 -11.87 20.19
C TYR A 293 10.25 -12.34 21.44
N ASN A 294 9.82 -11.89 22.61
CA ASN A 294 10.35 -12.38 23.87
C ASN A 294 11.88 -12.34 23.89
N ILE A 295 12.42 -11.12 23.84
CA ILE A 295 13.86 -10.91 23.85
C ILE A 295 14.19 -10.00 25.02
N LYS A 296 15.43 -10.07 25.49
CA LYS A 296 15.85 -9.28 26.64
C LYS A 296 17.01 -8.33 26.39
N ASN A 297 17.91 -8.61 25.44
CA ASN A 297 18.86 -7.57 25.08
C ASN A 297 19.26 -7.70 23.62
N ILE A 298 19.67 -6.56 23.06
CA ILE A 298 19.89 -6.44 21.63
C ILE A 298 21.26 -6.95 21.26
N ARG A 299 21.38 -8.26 21.14
CA ARG A 299 22.61 -8.85 20.64
C ARG A 299 22.36 -10.05 19.76
N ASP A 300 21.13 -10.38 19.52
CA ASP A 300 20.80 -11.64 18.85
C ASP A 300 19.94 -11.44 17.62
N LEU A 301 19.01 -10.49 17.65
CA LEU A 301 18.29 -10.14 16.45
C LEU A 301 19.25 -9.69 15.35
N PHE A 302 20.18 -8.82 15.72
CA PHE A 302 21.17 -8.32 14.79
C PHE A 302 22.34 -9.28 14.73
N GLY A 303 23.02 -9.28 13.59
CA GLY A 303 24.17 -10.17 13.43
C GLY A 303 23.80 -11.60 13.74
N TYR A 304 24.58 -12.22 14.61
CA TYR A 304 24.40 -13.63 14.90
C TYR A 304 23.03 -13.87 15.53
N LYS A 305 22.61 -15.11 15.50
CA LYS A 305 21.33 -15.50 16.03
C LYS A 305 21.49 -15.96 17.46
N ASN B 11 34.38 -29.90 -4.49
CA ASN B 11 35.50 -30.81 -4.65
C ASN B 11 36.55 -30.64 -3.56
N TYR B 12 36.38 -29.62 -2.72
CA TYR B 12 37.42 -29.20 -1.81
C TYR B 12 37.14 -29.66 -0.38
N LEU B 13 38.14 -30.33 0.22
CA LEU B 13 38.18 -30.56 1.66
C LEU B 13 39.61 -30.46 2.21
N LEU B 14 40.49 -29.72 1.55
CA LEU B 14 41.94 -29.85 1.72
C LEU B 14 42.54 -28.60 2.35
N LEU B 15 43.20 -28.78 3.50
CA LEU B 15 43.89 -27.66 4.15
C LEU B 15 45.35 -27.52 3.70
N LYS B 16 46.19 -28.49 4.09
CA LYS B 16 47.55 -28.56 3.61
C LYS B 16 47.58 -28.85 2.12
N ASN B 17 46.90 -29.92 1.73
CA ASN B 17 46.99 -30.47 0.39
C ASN B 17 46.40 -29.52 -0.63
N GLU B 18 47.10 -28.43 -0.94
CA GLU B 18 46.57 -27.50 -1.91
C GLU B 18 46.57 -28.09 -3.31
N GLU B 19 47.75 -28.42 -3.87
CA GLU B 19 47.76 -28.82 -5.27
C GLU B 19 48.09 -30.29 -5.39
N TYR B 20 47.07 -31.10 -5.20
CA TYR B 20 47.03 -32.51 -5.54
C TYR B 20 46.04 -32.66 -6.68
N LYS B 21 46.05 -31.66 -7.54
CA LYS B 21 44.90 -31.37 -8.38
C LYS B 21 44.65 -32.47 -9.39
N LYS B 22 43.38 -32.74 -9.60
CA LYS B 22 42.95 -33.64 -10.67
C LYS B 22 43.07 -32.90 -12.00
N TYR B 23 42.31 -31.83 -12.14
CA TYR B 23 42.44 -30.70 -13.05
C TYR B 23 41.29 -29.77 -12.71
N ASP B 24 41.50 -28.49 -12.91
CA ASP B 24 40.39 -27.57 -12.76
C ASP B 24 39.56 -27.69 -14.03
N ILE B 25 38.62 -28.62 -14.00
CA ILE B 25 37.89 -28.96 -15.21
C ILE B 25 37.00 -27.80 -15.59
N PHE B 30 32.00 -25.61 -18.84
CA PHE B 30 30.84 -26.47 -19.05
C PHE B 30 29.60 -25.80 -18.51
N PHE B 31 29.62 -24.46 -18.56
CA PHE B 31 28.68 -23.62 -17.84
C PHE B 31 27.33 -23.46 -18.54
N SER B 32 26.71 -24.55 -18.97
CA SER B 32 25.41 -24.49 -19.64
C SER B 32 24.48 -25.54 -19.05
N SER B 33 23.85 -25.22 -17.91
CA SER B 33 23.00 -26.19 -17.21
C SER B 33 22.33 -25.61 -15.97
N GLY B 34 21.52 -26.42 -15.30
CA GLY B 34 21.01 -26.04 -14.00
C GLY B 34 20.91 -27.23 -13.07
N LYS B 35 21.00 -26.94 -11.76
CA LYS B 35 20.92 -28.00 -10.76
C LYS B 35 19.57 -28.69 -10.83
N LYS B 36 18.50 -27.91 -10.85
CA LYS B 36 17.14 -28.41 -11.04
C LYS B 36 16.77 -29.44 -9.97
N ILE B 37 16.67 -28.96 -8.73
CA ILE B 37 16.17 -29.80 -7.65
C ILE B 37 14.88 -29.20 -7.09
N ASN B 38 14.25 -29.92 -6.15
CA ASN B 38 12.98 -29.54 -5.56
C ASN B 38 12.96 -28.07 -5.15
N LYS B 39 11.89 -27.37 -5.53
CA LYS B 39 11.84 -25.93 -5.36
C LYS B 39 10.69 -25.47 -4.48
N GLY B 40 9.45 -25.82 -4.81
CA GLY B 40 8.31 -25.31 -4.07
C GLY B 40 7.96 -23.94 -4.63
N ASN B 41 6.75 -23.78 -5.16
CA ASN B 41 6.40 -22.59 -5.94
C ASN B 41 5.03 -22.05 -5.55
N ILE B 42 4.76 -20.84 -6.05
CA ILE B 42 3.50 -20.13 -5.86
C ILE B 42 2.67 -20.29 -7.12
N HIS B 43 1.35 -20.28 -6.97
CA HIS B 43 0.49 -20.28 -8.14
C HIS B 43 0.76 -19.07 -9.00
N LEU B 44 0.71 -19.26 -10.31
CA LEU B 44 0.98 -18.15 -11.20
C LEU B 44 -0.08 -17.09 -11.03
N LEU B 45 -1.34 -17.48 -11.00
CA LEU B 45 -2.43 -16.50 -10.97
C LEU B 45 -2.38 -15.62 -9.74
N THR B 46 -2.11 -16.19 -8.57
CA THR B 46 -1.96 -15.33 -7.41
C THR B 46 -0.74 -14.44 -7.54
N LYS B 47 0.27 -14.92 -8.26
CA LYS B 47 1.44 -14.10 -8.50
C LYS B 47 1.07 -12.90 -9.37
N GLN B 48 0.20 -13.12 -10.37
CA GLN B 48 -0.31 -12.02 -11.19
C GLN B 48 -1.12 -11.08 -10.33
N MET B 49 -1.99 -11.64 -9.49
CA MET B 49 -2.74 -10.86 -8.53
C MET B 49 -1.83 -9.95 -7.72
N ARG B 50 -0.69 -10.50 -7.29
CA ARG B 50 0.29 -9.70 -6.59
C ARG B 50 0.68 -8.51 -7.44
N THR B 51 1.19 -8.78 -8.64
CA THR B 51 1.66 -7.71 -9.50
C THR B 51 0.60 -6.62 -9.66
N PHE B 52 -0.65 -7.04 -9.85
CA PHE B 52 -1.72 -6.09 -10.06
C PHE B 52 -1.96 -5.24 -8.83
N LYS B 53 -2.02 -5.85 -7.66
CA LYS B 53 -2.17 -5.05 -6.46
C LYS B 53 -1.02 -4.05 -6.36
N GLU B 54 0.19 -4.48 -6.70
CA GLU B 54 1.32 -3.56 -6.68
C GLU B 54 1.02 -2.33 -7.53
N ILE B 55 0.64 -2.56 -8.79
CA ILE B 55 0.48 -1.42 -9.69
C ILE B 55 -0.67 -0.55 -9.22
N PHE B 56 -1.75 -1.17 -8.74
CA PHE B 56 -2.90 -0.39 -8.35
C PHE B 56 -2.56 0.51 -7.17
N PHE B 57 -2.03 -0.07 -6.11
CA PHE B 57 -1.60 0.76 -5.00
C PHE B 57 -0.53 1.77 -5.42
N SER B 58 0.17 1.52 -6.52
CA SER B 58 1.09 2.53 -7.04
C SER B 58 0.33 3.71 -7.61
N LEU B 59 -0.80 3.46 -8.26
CA LEU B 59 -1.60 4.56 -8.79
C LEU B 59 -2.32 5.37 -7.71
N GLY B 60 -2.57 4.78 -6.55
CA GLY B 60 -3.19 5.50 -5.46
C GLY B 60 -4.60 5.03 -5.16
N PHE B 61 -4.85 3.76 -5.38
CA PHE B 61 -6.17 3.16 -5.28
C PHE B 61 -6.41 2.60 -3.89
N GLU B 62 -7.65 2.20 -3.64
CA GLU B 62 -8.06 1.58 -2.39
C GLU B 62 -8.70 0.23 -2.69
N GLU B 63 -8.30 -0.79 -1.96
CA GLU B 63 -8.78 -2.13 -2.19
C GLU B 63 -10.22 -2.28 -1.71
N MET B 64 -11.09 -2.74 -2.59
CA MET B 64 -12.46 -3.02 -2.18
C MET B 64 -12.53 -4.39 -1.52
N GLU B 65 -13.72 -4.75 -1.03
CA GLU B 65 -13.94 -5.97 -0.27
C GLU B 65 -14.94 -6.88 -1.00
N THR B 66 -14.45 -7.79 -1.81
CA THR B 66 -15.32 -8.71 -2.55
C THR B 66 -15.53 -10.02 -1.81
N HIS B 67 -15.96 -9.91 -0.55
CA HIS B 67 -16.01 -11.01 0.39
C HIS B 67 -17.20 -11.91 0.19
N ASN B 68 -17.80 -11.91 -1.00
CA ASN B 68 -19.03 -12.64 -1.28
C ASN B 68 -18.88 -13.46 -2.54
N TYR B 69 -19.60 -14.57 -2.57
CA TYR B 69 -19.59 -15.48 -3.71
C TYR B 69 -20.96 -15.63 -4.35
N VAL B 70 -22.01 -15.12 -3.74
CA VAL B 70 -23.34 -15.19 -4.32
C VAL B 70 -23.99 -13.84 -4.04
N GLU B 71 -24.97 -13.48 -4.86
CA GLU B 71 -25.42 -12.10 -4.90
C GLU B 71 -26.83 -12.06 -5.45
N SER B 72 -27.70 -11.29 -4.83
CA SER B 72 -29.06 -11.19 -5.33
C SER B 72 -29.06 -10.66 -6.75
N SER B 73 -30.11 -11.00 -7.49
CA SER B 73 -30.25 -10.47 -8.83
C SER B 73 -30.30 -8.95 -8.82
N PHE B 74 -30.95 -8.36 -7.82
CA PHE B 74 -31.11 -6.91 -7.77
C PHE B 74 -29.78 -6.21 -7.93
N TRP B 75 -28.86 -6.50 -7.03
CA TRP B 75 -27.50 -6.00 -7.19
C TRP B 75 -26.91 -6.50 -8.49
N CYS B 76 -27.24 -7.73 -8.88
CA CYS B 76 -26.60 -8.32 -10.04
C CYS B 76 -27.06 -7.64 -11.32
N PHE B 77 -28.36 -7.46 -11.47
CA PHE B 77 -28.92 -6.87 -12.67
C PHE B 77 -29.59 -5.53 -12.41
N ASP B 78 -30.61 -5.53 -11.56
CA ASP B 78 -31.56 -4.43 -11.52
C ASP B 78 -31.01 -3.20 -10.82
N ALA B 79 -30.09 -3.37 -9.87
CA ALA B 79 -29.51 -2.17 -9.28
C ALA B 79 -28.92 -1.31 -10.37
N LEU B 80 -28.47 -1.95 -11.44
CA LEU B 80 -28.03 -1.31 -12.67
C LEU B 80 -29.19 -1.34 -13.66
N TYR B 81 -29.15 -0.45 -14.65
CA TYR B 81 -30.17 -0.54 -15.67
C TYR B 81 -29.88 -1.79 -16.48
N ILE B 82 -30.37 -2.92 -16.00
CA ILE B 82 -30.37 -4.15 -16.77
C ILE B 82 -31.78 -4.72 -16.75
N PRO B 83 -32.46 -4.78 -17.89
CA PRO B 83 -33.81 -5.34 -17.92
C PRO B 83 -33.85 -6.78 -17.48
N GLN B 84 -34.89 -7.13 -16.71
CA GLN B 84 -35.04 -8.52 -16.28
C GLN B 84 -35.27 -9.42 -17.47
N GLN B 85 -36.12 -8.99 -18.40
CA GLN B 85 -36.36 -9.77 -19.61
C GLN B 85 -35.13 -9.66 -20.50
N HIS B 86 -34.20 -10.60 -20.38
CA HIS B 86 -32.93 -10.46 -21.07
C HIS B 86 -32.33 -11.84 -21.27
N PRO B 87 -31.39 -11.98 -22.21
CA PRO B 87 -30.74 -13.28 -22.38
C PRO B 87 -29.84 -13.65 -21.21
N SER B 88 -29.30 -12.66 -20.49
CA SER B 88 -28.54 -12.96 -19.29
C SER B 88 -29.42 -13.59 -18.24
N ARG B 89 -30.55 -12.96 -17.94
CA ARG B 89 -31.46 -13.55 -17.00
C ARG B 89 -31.91 -14.93 -17.47
N ASP B 90 -31.99 -15.13 -18.78
CA ASP B 90 -32.26 -16.46 -19.27
C ASP B 90 -31.14 -17.39 -18.85
N LEU B 91 -31.49 -18.63 -18.54
CA LEU B 91 -30.54 -19.60 -18.02
C LEU B 91 -29.59 -19.99 -19.15
N GLN B 92 -28.75 -20.98 -18.88
CA GLN B 92 -27.79 -21.52 -19.85
C GLN B 92 -26.67 -20.52 -20.11
N ASP B 93 -26.76 -19.32 -19.55
CA ASP B 93 -25.73 -18.32 -19.72
C ASP B 93 -25.36 -17.62 -18.42
N THR B 94 -25.93 -18.06 -17.31
CA THR B 94 -25.65 -17.55 -15.99
C THR B 94 -25.74 -18.71 -15.00
N PHE B 95 -25.49 -18.41 -13.73
CA PHE B 95 -25.53 -19.39 -12.65
C PHE B 95 -26.50 -18.95 -11.59
N PHE B 96 -27.47 -19.80 -11.29
CA PHE B 96 -28.56 -19.48 -10.39
C PHE B 96 -28.46 -20.40 -9.19
N ILE B 97 -28.52 -19.82 -8.00
CA ILE B 97 -28.37 -20.60 -6.79
C ILE B 97 -29.66 -21.33 -6.47
N LYS B 98 -30.71 -20.56 -6.16
CA LYS B 98 -32.05 -21.06 -5.93
C LYS B 98 -32.19 -21.79 -4.60
N GLU B 99 -31.08 -22.12 -3.94
CA GLU B 99 -31.21 -22.82 -2.66
C GLU B 99 -31.68 -21.85 -1.59
N PRO B 100 -30.92 -20.82 -1.22
CA PRO B 100 -31.55 -19.67 -0.57
C PRO B 100 -31.88 -18.61 -1.60
N GLU B 101 -32.95 -18.82 -2.36
CA GLU B 101 -33.30 -17.90 -3.42
C GLU B 101 -33.84 -16.58 -2.89
N THR B 102 -33.95 -16.40 -1.57
CA THR B 102 -34.63 -15.25 -0.99
C THR B 102 -33.67 -14.39 -0.20
N CYS B 103 -33.70 -13.09 -0.47
CA CYS B 103 -33.01 -12.10 0.35
C CYS B 103 -34.00 -11.07 0.82
N ILE B 104 -33.65 -10.35 1.89
CA ILE B 104 -34.49 -9.30 2.47
C ILE B 104 -33.57 -8.12 2.77
N ASP B 105 -34.16 -6.96 3.11
CA ASP B 105 -33.45 -5.76 3.50
C ASP B 105 -32.62 -5.05 2.45
N LYS B 106 -33.27 -4.16 1.69
CA LYS B 106 -32.57 -3.14 0.94
C LYS B 106 -33.27 -1.82 1.24
N PHE B 107 -32.55 -0.71 1.12
CA PHE B 107 -33.09 0.56 1.63
C PHE B 107 -34.22 1.00 0.70
N VAL B 108 -35.39 0.39 0.91
CA VAL B 108 -36.60 0.82 0.21
C VAL B 108 -36.83 2.29 0.44
N ASP B 109 -36.51 2.78 1.64
CA ASP B 109 -37.01 4.07 2.09
C ASP B 109 -36.42 5.24 1.35
N THR B 110 -37.07 5.62 0.25
CA THR B 110 -36.65 6.71 -0.61
C THR B 110 -35.18 6.61 -0.98
N GLU B 111 -34.63 5.40 -1.03
CA GLU B 111 -33.21 5.24 -1.33
C GLU B 111 -32.99 4.44 -2.61
N TYR B 112 -33.42 3.19 -2.67
CA TYR B 112 -33.13 2.39 -3.85
C TYR B 112 -34.35 1.74 -4.50
N ILE B 113 -35.14 0.97 -3.78
CA ILE B 113 -35.92 -0.06 -4.47
C ILE B 113 -37.02 0.56 -5.31
N ASP B 114 -37.83 1.42 -4.71
CA ASP B 114 -38.97 1.95 -5.47
C ASP B 114 -38.53 2.94 -6.53
N ASN B 115 -37.43 3.63 -6.31
CA ASN B 115 -36.85 4.42 -7.40
C ASN B 115 -36.51 3.55 -8.59
N ILE B 116 -35.80 2.43 -8.35
CA ILE B 116 -35.46 1.56 -9.48
C ILE B 116 -36.72 0.96 -10.10
N LYS B 117 -37.69 0.58 -9.31
CA LYS B 117 -38.85 -0.05 -9.88
C LYS B 117 -39.53 0.90 -10.80
N ARG B 118 -39.47 2.16 -10.43
CA ARG B 118 -40.02 3.19 -11.26
C ARG B 118 -39.27 3.26 -12.50
N VAL B 119 -37.96 3.20 -12.44
CA VAL B 119 -37.13 3.34 -13.64
C VAL B 119 -37.26 2.34 -14.76
N HIS B 120 -37.71 1.14 -14.43
CA HIS B 120 -37.98 0.12 -15.41
C HIS B 120 -39.42 0.25 -15.89
N THR B 121 -40.20 1.12 -15.27
CA THR B 121 -41.50 1.28 -15.70
C THR B 121 -41.79 2.72 -16.03
N HIS B 122 -40.86 3.61 -15.80
CA HIS B 122 -41.03 5.04 -15.97
C HIS B 122 -39.74 5.77 -15.84
N GLY B 123 -39.71 7.08 -15.82
CA GLY B 123 -38.43 7.74 -15.72
C GLY B 123 -38.22 8.54 -14.48
N ASP B 124 -37.00 8.64 -13.99
CA ASP B 124 -36.63 9.47 -12.86
C ASP B 124 -35.12 9.72 -12.89
N TYR B 125 -34.68 10.64 -12.04
CA TYR B 125 -33.26 10.90 -11.84
C TYR B 125 -32.53 11.21 -13.14
N GLY B 126 -33.21 11.90 -14.04
CA GLY B 126 -32.63 12.25 -15.31
C GLY B 126 -33.71 12.20 -16.35
N SER B 127 -33.52 11.44 -17.41
CA SER B 127 -34.55 11.35 -18.43
C SER B 127 -35.60 10.37 -17.97
N PHE B 128 -36.53 10.05 -18.84
CA PHE B 128 -37.59 9.13 -18.49
C PHE B 128 -37.61 7.95 -19.45
N GLY B 129 -38.04 6.80 -18.94
CA GLY B 129 -38.34 5.68 -19.82
C GLY B 129 -37.62 4.34 -19.74
N TRP B 130 -38.31 3.32 -19.25
CA TRP B 130 -37.93 1.92 -19.52
C TRP B 130 -39.12 1.01 -19.81
N ASN B 131 -40.37 1.39 -19.61
CA ASN B 131 -41.51 0.51 -19.96
C ASN B 131 -41.58 -0.98 -19.64
N TYR B 132 -41.62 -1.36 -18.38
CA TYR B 132 -41.69 -2.78 -18.07
C TYR B 132 -42.27 -3.05 -16.74
N LYS B 133 -42.78 -4.25 -16.63
CA LYS B 133 -43.40 -4.68 -15.44
C LYS B 133 -42.37 -4.98 -14.39
N TRP B 134 -41.78 -3.97 -13.77
CA TRP B 134 -40.70 -4.29 -12.85
C TRP B 134 -41.21 -4.95 -11.59
N LYS B 135 -41.45 -6.25 -11.65
CA LYS B 135 -41.80 -6.93 -10.42
C LYS B 135 -40.57 -7.00 -9.51
N LEU B 136 -40.81 -7.20 -8.22
CA LEU B 136 -39.70 -7.25 -7.30
C LEU B 136 -39.18 -8.66 -7.10
N GLU B 137 -40.07 -9.65 -7.03
CA GLU B 137 -39.67 -10.98 -6.58
C GLU B 137 -38.56 -11.56 -7.47
N GLU B 138 -38.79 -11.62 -8.78
CA GLU B 138 -37.76 -12.14 -9.66
C GLU B 138 -36.47 -11.36 -9.54
N SER B 139 -36.57 -10.05 -9.35
CA SER B 139 -35.37 -9.28 -9.08
C SER B 139 -34.73 -9.69 -7.77
N LYS B 140 -35.49 -10.28 -6.87
CA LYS B 140 -34.96 -10.68 -5.57
C LYS B 140 -34.37 -12.07 -5.56
N LYS B 141 -34.46 -12.83 -6.65
CA LYS B 141 -33.91 -14.18 -6.67
C LYS B 141 -32.39 -14.16 -6.64
N ASN B 142 -31.81 -14.89 -5.69
CA ASN B 142 -30.37 -14.90 -5.47
C ASN B 142 -29.67 -15.65 -6.59
N VAL B 143 -28.61 -15.07 -7.14
CA VAL B 143 -27.93 -15.62 -8.30
C VAL B 143 -26.44 -15.71 -7.99
N LEU B 144 -25.76 -16.60 -8.70
CA LEU B 144 -24.30 -16.63 -8.65
C LEU B 144 -23.71 -15.58 -9.58
N ARG B 145 -22.65 -14.94 -9.12
CA ARG B 145 -22.14 -13.78 -9.82
C ARG B 145 -21.80 -14.07 -11.26
N THR B 146 -22.30 -13.20 -12.15
CA THR B 146 -21.78 -13.09 -13.50
C THR B 146 -21.08 -11.76 -13.71
N HIS B 147 -21.37 -10.77 -12.89
CA HIS B 147 -20.75 -9.45 -12.96
C HIS B 147 -20.17 -9.13 -11.60
N THR B 148 -18.85 -9.00 -11.52
CA THR B 148 -18.23 -8.64 -10.25
C THR B 148 -18.68 -7.27 -9.77
N THR B 149 -19.02 -6.39 -10.71
CA THR B 149 -19.33 -5.01 -10.38
C THR B 149 -20.33 -4.92 -9.26
N ALA B 150 -21.13 -5.97 -9.05
CA ALA B 150 -22.08 -6.03 -7.96
C ALA B 150 -21.45 -5.57 -6.66
N ASN B 151 -20.41 -6.28 -6.22
CA ASN B 151 -19.74 -5.85 -5.00
C ASN B 151 -19.35 -4.39 -5.12
N SER B 152 -18.76 -4.03 -6.25
CA SER B 152 -18.43 -2.64 -6.52
C SER B 152 -19.59 -1.73 -6.18
N CYS B 153 -20.75 -1.99 -6.80
CA CYS B 153 -21.86 -1.06 -6.66
C CYS B 153 -22.24 -0.85 -5.20
N ARG B 154 -22.10 -1.88 -4.36
CA ARG B 154 -22.42 -1.69 -2.96
C ARG B 154 -21.60 -0.54 -2.39
N ALA B 155 -20.29 -0.59 -2.58
CA ALA B 155 -19.41 0.42 -2.03
C ALA B 155 -19.76 1.81 -2.51
N LEU B 156 -20.55 1.90 -3.58
CA LEU B 156 -20.98 3.21 -4.03
C LEU B 156 -22.00 3.80 -3.08
N PHE B 157 -23.05 3.04 -2.78
CA PHE B 157 -24.16 3.59 -2.03
C PHE B 157 -23.73 4.10 -0.68
N LYS B 158 -22.88 3.36 0.02
CA LYS B 158 -22.36 3.85 1.27
C LYS B 158 -21.61 5.15 1.05
N LEU B 159 -20.74 5.20 0.05
CA LEU B 159 -20.16 6.45 -0.38
C LEU B 159 -21.23 7.50 -0.57
N ALA B 160 -22.31 7.11 -1.25
CA ALA B 160 -23.47 7.98 -1.40
C ALA B 160 -23.80 8.69 -0.11
N LYS B 161 -24.07 7.93 0.94
CA LYS B 161 -24.42 8.55 2.22
C LYS B 161 -23.29 9.44 2.71
N GLU B 162 -22.06 8.95 2.65
CA GLU B 162 -20.92 9.78 3.00
C GLU B 162 -20.99 11.08 2.23
N TYR B 163 -21.23 11.00 0.93
CA TYR B 163 -21.32 12.19 0.10
C TYR B 163 -22.30 13.18 0.70
N LYS B 164 -23.44 12.69 1.15
CA LYS B 164 -24.46 13.58 1.69
C LYS B 164 -24.06 14.20 3.00
N GLU B 165 -23.36 13.45 3.86
CA GLU B 165 -23.13 13.97 5.21
C GLU B 165 -22.32 15.26 5.21
N ALA B 166 -21.03 15.18 4.91
CA ALA B 166 -20.26 16.42 4.88
C ALA B 166 -19.30 16.54 3.71
N GLY B 167 -18.83 15.46 3.12
CA GLY B 167 -17.87 15.56 2.04
C GLY B 167 -18.54 15.94 0.74
N CYS B 168 -18.16 17.08 0.17
CA CYS B 168 -18.79 17.43 -1.09
C CYS B 168 -18.12 16.69 -2.24
N ILE B 169 -16.83 16.97 -2.49
CA ILE B 169 -16.12 16.29 -3.57
C ILE B 169 -14.83 15.68 -3.03
N LYS B 170 -14.83 14.35 -2.89
CA LYS B 170 -13.62 13.61 -2.58
C LYS B 170 -13.52 12.55 -3.66
N PRO B 171 -12.81 12.85 -4.74
CA PRO B 171 -12.70 11.88 -5.83
C PRO B 171 -12.13 10.59 -5.31
N LYS B 172 -12.86 9.50 -5.51
CA LYS B 172 -12.43 8.22 -4.97
C LYS B 172 -12.09 7.26 -6.09
N LYS B 173 -11.07 6.45 -5.84
CA LYS B 173 -10.60 5.43 -6.76
C LYS B 173 -10.71 4.08 -6.09
N TYR B 174 -11.33 3.13 -6.78
CA TYR B 174 -11.59 1.80 -6.23
C TYR B 174 -11.18 0.75 -7.24
N PHE B 175 -10.89 -0.44 -6.74
CA PHE B 175 -10.54 -1.55 -7.62
C PHE B 175 -10.91 -2.84 -6.92
N SER B 176 -11.33 -3.82 -7.71
CA SER B 176 -11.80 -5.07 -7.15
C SER B 176 -11.40 -6.24 -8.05
N ILE B 177 -11.12 -7.38 -7.42
CA ILE B 177 -10.85 -8.61 -8.15
C ILE B 177 -11.24 -9.81 -7.32
N ASP B 178 -12.04 -10.69 -7.89
CA ASP B 178 -12.27 -12.02 -7.33
C ASP B 178 -13.00 -12.84 -8.38
N ARG B 179 -13.01 -14.16 -8.17
CA ARG B 179 -13.51 -15.06 -9.19
C ARG B 179 -15.02 -14.89 -9.40
N VAL B 180 -15.42 -14.96 -10.67
CA VAL B 180 -16.81 -14.87 -11.09
C VAL B 180 -17.07 -16.05 -12.00
N PHE B 181 -18.34 -16.37 -12.26
CA PHE B 181 -18.52 -17.52 -13.14
C PHE B 181 -19.80 -17.46 -13.94
N ARG B 182 -19.69 -17.99 -15.16
CA ARG B 182 -20.81 -18.23 -16.06
C ARG B 182 -20.57 -19.60 -16.69
N ASN B 183 -21.60 -20.15 -17.33
CA ASN B 183 -21.53 -21.48 -17.93
C ASN B 183 -22.28 -21.45 -19.25
N GLU B 184 -21.58 -21.26 -20.37
CA GLU B 184 -22.40 -21.24 -21.57
C GLU B 184 -22.82 -22.67 -21.85
N ASN B 185 -21.91 -23.52 -22.31
CA ASN B 185 -22.10 -24.96 -22.22
C ASN B 185 -20.78 -25.60 -21.83
N LEU B 186 -19.83 -25.42 -22.74
CA LEU B 186 -18.42 -25.76 -22.59
C LEU B 186 -17.76 -25.05 -23.75
N ASP B 187 -17.03 -23.98 -23.49
CA ASP B 187 -16.50 -23.18 -24.59
C ASP B 187 -15.13 -23.68 -25.04
N SER B 188 -14.89 -23.59 -26.33
CA SER B 188 -13.63 -24.04 -26.89
C SER B 188 -12.50 -23.08 -26.60
N THR B 189 -12.80 -21.90 -26.06
CA THR B 189 -11.78 -20.93 -25.71
C THR B 189 -11.77 -20.56 -24.23
N HIS B 190 -12.91 -20.19 -23.67
CA HIS B 190 -12.93 -19.69 -22.30
C HIS B 190 -13.62 -20.68 -21.37
N LEU B 191 -13.26 -20.56 -20.10
CA LEU B 191 -13.71 -21.36 -18.97
C LEU B 191 -14.60 -20.52 -18.08
N ALA B 192 -14.97 -21.08 -16.94
CA ALA B 192 -15.87 -20.38 -16.01
C ALA B 192 -15.16 -19.24 -15.29
N GLU B 193 -14.61 -18.32 -16.08
CA GLU B 193 -14.14 -17.00 -15.63
C GLU B 193 -13.31 -17.08 -14.36
N PHE B 194 -12.09 -17.56 -14.53
CA PHE B 194 -11.16 -17.66 -13.42
C PHE B 194 -11.18 -16.42 -12.53
N HIS B 195 -10.74 -15.27 -13.04
CA HIS B 195 -10.59 -14.09 -12.20
C HIS B 195 -10.75 -12.82 -13.02
N GLN B 196 -11.39 -11.80 -12.44
CA GLN B 196 -11.75 -10.59 -13.18
C GLN B 196 -11.31 -9.35 -12.42
N VAL B 197 -10.58 -8.47 -13.10
CA VAL B 197 -10.15 -7.17 -12.59
C VAL B 197 -11.18 -6.11 -12.93
N GLU B 198 -11.37 -5.14 -12.03
CA GLU B 198 -12.27 -4.03 -12.28
C GLU B 198 -11.77 -2.79 -11.55
N GLY B 199 -11.85 -1.65 -12.22
CA GLY B 199 -11.46 -0.38 -11.62
C GLY B 199 -12.54 0.65 -11.82
N LEU B 200 -12.67 1.55 -10.84
CA LEU B 200 -13.72 2.55 -10.85
C LEU B 200 -13.18 3.86 -10.32
N ILE B 201 -13.43 4.95 -11.04
CA ILE B 201 -13.08 6.27 -10.53
C ILE B 201 -14.36 7.07 -10.43
N ILE B 202 -14.44 7.95 -9.45
CA ILE B 202 -15.65 8.73 -9.24
C ILE B 202 -15.29 10.12 -8.76
N ASP B 203 -15.90 11.13 -9.38
CA ASP B 203 -15.65 12.52 -8.97
C ASP B 203 -16.62 13.41 -9.73
N LYS B 204 -16.52 14.72 -9.48
CA LYS B 204 -17.42 15.64 -10.15
C LYS B 204 -17.00 15.78 -11.60
N ASN B 205 -17.99 15.75 -12.49
CA ASN B 205 -17.80 16.17 -13.88
C ASN B 205 -16.62 15.45 -14.52
N ILE B 206 -16.73 14.13 -14.66
CA ILE B 206 -15.65 13.37 -15.28
C ILE B 206 -16.17 12.62 -16.50
N GLY B 207 -15.35 12.60 -17.54
CA GLY B 207 -15.76 12.08 -18.83
C GLY B 207 -14.72 11.24 -19.55
N LEU B 208 -14.97 10.99 -20.83
CA LEU B 208 -14.11 10.12 -21.62
C LEU B 208 -12.65 10.47 -21.46
N SER B 209 -12.26 11.71 -21.77
CA SER B 209 -10.85 12.09 -21.79
C SER B 209 -10.10 11.52 -20.60
N HIS B 210 -10.71 11.62 -19.42
CA HIS B 210 -10.09 11.04 -18.23
C HIS B 210 -9.98 9.54 -18.34
N LEU B 211 -11.03 8.88 -18.84
CA LEU B 211 -10.98 7.43 -18.96
C LEU B 211 -9.90 6.99 -19.93
N ILE B 212 -9.87 7.60 -21.11
CA ILE B 212 -8.82 7.31 -22.08
C ILE B 212 -7.45 7.52 -21.47
N GLY B 213 -7.25 8.65 -20.80
CA GLY B 213 -5.94 8.91 -20.23
C GLY B 213 -5.54 7.84 -19.22
N THR B 214 -6.46 7.45 -18.35
CA THR B 214 -6.07 6.51 -17.32
C THR B 214 -5.87 5.12 -17.88
N LEU B 215 -6.67 4.72 -18.87
CA LEU B 215 -6.39 3.45 -19.53
C LEU B 215 -5.04 3.48 -20.21
N ALA B 216 -4.72 4.59 -20.89
CA ALA B 216 -3.40 4.71 -21.48
C ALA B 216 -2.35 4.45 -20.42
N ALA B 217 -2.49 5.10 -19.27
CA ALA B 217 -1.51 4.93 -18.20
C ALA B 217 -1.42 3.47 -17.77
N PHE B 218 -2.54 2.87 -17.41
CA PHE B 218 -2.55 1.51 -16.92
C PHE B 218 -2.00 0.54 -17.94
N TYR B 219 -2.70 0.38 -19.06
CA TYR B 219 -2.25 -0.51 -20.11
C TYR B 219 -0.87 -0.15 -20.65
N LYS B 220 -0.32 1.00 -20.29
CA LYS B 220 1.11 1.20 -20.52
C LYS B 220 1.92 0.48 -19.47
N HIS B 221 1.49 0.57 -18.22
CA HIS B 221 2.18 -0.09 -17.14
C HIS B 221 2.16 -1.61 -17.27
N ILE B 222 1.19 -2.18 -17.98
CA ILE B 222 1.14 -3.63 -18.12
C ILE B 222 2.10 -4.17 -19.17
N GLY B 223 2.54 -3.36 -20.11
CA GLY B 223 3.43 -3.88 -21.14
C GLY B 223 3.16 -3.30 -22.51
N ILE B 224 1.93 -2.88 -22.74
CA ILE B 224 1.51 -2.48 -24.07
C ILE B 224 1.28 -0.98 -24.05
N HIS B 225 0.86 -0.42 -25.17
CA HIS B 225 0.55 1.01 -25.26
C HIS B 225 -0.79 1.08 -25.96
N LYS B 226 -1.83 1.51 -25.24
CA LYS B 226 -3.15 1.54 -25.83
C LYS B 226 -3.11 2.30 -27.14
N LEU B 227 -3.65 1.68 -28.18
CA LEU B 227 -3.42 2.24 -29.51
C LEU B 227 -4.75 2.40 -30.22
N LYS B 228 -5.75 1.64 -29.82
CA LYS B 228 -7.02 1.68 -30.51
C LYS B 228 -8.14 1.30 -29.58
N PHE B 229 -9.28 1.97 -29.75
CA PHE B 229 -10.48 1.80 -28.97
C PHE B 229 -11.62 1.79 -29.96
N LYS B 230 -12.51 0.82 -29.85
CA LYS B 230 -13.59 0.71 -30.79
C LYS B 230 -14.92 0.73 -30.06
N PRO B 231 -15.94 1.39 -30.61
CA PRO B 231 -17.22 1.45 -29.93
C PRO B 231 -17.83 0.08 -29.79
N THR B 232 -18.48 -0.16 -28.66
CA THR B 232 -19.25 -1.37 -28.46
C THR B 232 -20.57 -1.02 -27.81
N PHE B 233 -21.42 -2.03 -27.62
CA PHE B 233 -22.75 -1.86 -27.08
C PHE B 233 -22.85 -2.51 -25.70
N ASN B 234 -23.19 -1.72 -24.67
CA ASN B 234 -23.26 -2.27 -23.32
C ASN B 234 -24.38 -1.65 -22.48
N PRO B 235 -25.08 -2.46 -21.68
CA PRO B 235 -26.29 -1.94 -21.01
C PRO B 235 -26.05 -1.15 -19.73
N TYR B 236 -25.06 -1.50 -18.91
CA TYR B 236 -24.85 -0.67 -17.73
C TYR B 236 -24.04 0.57 -18.02
N THR B 237 -23.14 0.53 -19.00
CA THR B 237 -22.46 1.74 -19.46
C THR B 237 -22.86 2.01 -20.89
N GLU B 238 -23.66 3.05 -21.08
CA GLU B 238 -24.09 3.43 -22.42
C GLU B 238 -22.94 3.87 -23.31
N PRO B 239 -22.05 4.79 -22.90
CA PRO B 239 -20.84 5.04 -23.69
C PRO B 239 -19.78 4.00 -23.40
N SER B 240 -19.77 2.92 -24.15
CA SER B 240 -18.88 1.82 -23.84
C SER B 240 -17.91 1.61 -24.99
N MET B 241 -16.88 0.82 -24.73
CA MET B 241 -15.92 0.53 -25.78
C MET B 241 -15.15 -0.72 -25.43
N GLU B 242 -14.58 -1.33 -26.47
CA GLU B 242 -13.63 -2.42 -26.33
C GLU B 242 -12.26 -1.84 -26.62
N ILE B 243 -11.32 -2.08 -25.74
CA ILE B 243 -10.03 -1.43 -25.79
C ILE B 243 -9.00 -2.36 -26.41
N TYR B 244 -8.06 -1.79 -27.14
CA TYR B 244 -6.98 -2.53 -27.76
C TYR B 244 -5.65 -1.83 -27.60
N GLY B 245 -4.65 -2.59 -27.20
CA GLY B 245 -3.29 -2.14 -27.22
C GLY B 245 -2.48 -3.20 -27.93
N TYR B 246 -1.30 -2.80 -28.39
CA TYR B 246 -0.68 -3.57 -29.44
C TYR B 246 0.55 -4.32 -28.94
N HIS B 247 0.43 -5.63 -28.97
CA HIS B 247 1.51 -6.59 -28.96
C HIS B 247 1.35 -7.49 -30.16
N GLU B 248 2.46 -8.08 -30.57
CA GLU B 248 2.54 -8.78 -31.85
C GLU B 248 1.73 -10.07 -31.87
N GLN B 249 0.40 -9.96 -31.87
CA GLN B 249 -0.43 -11.14 -31.98
C GLN B 249 -0.85 -11.37 -33.43
N SER B 250 -1.65 -10.47 -33.99
CA SER B 250 -2.00 -10.49 -35.41
C SER B 250 -2.28 -9.05 -35.85
N LYS B 251 -2.78 -8.90 -37.06
CA LYS B 251 -3.40 -7.64 -37.45
C LYS B 251 -4.89 -7.66 -37.18
N LYS B 252 -5.39 -8.77 -36.65
CA LYS B 252 -6.74 -8.94 -36.13
C LYS B 252 -6.62 -8.78 -34.62
N TRP B 253 -7.67 -9.10 -33.89
CA TRP B 253 -7.56 -9.02 -32.43
C TRP B 253 -8.74 -9.73 -31.78
N LEU B 254 -8.74 -9.67 -30.45
CA LEU B 254 -9.77 -10.18 -29.55
C LEU B 254 -9.93 -9.15 -28.45
N GLU B 255 -11.11 -9.08 -27.86
CA GLU B 255 -11.37 -8.04 -26.87
C GLU B 255 -10.39 -8.09 -25.71
N VAL B 256 -9.53 -7.08 -25.60
CA VAL B 256 -8.39 -7.09 -24.69
C VAL B 256 -8.87 -6.45 -23.40
N GLY B 257 -10.17 -6.48 -23.20
CA GLY B 257 -10.82 -5.92 -22.04
C GLY B 257 -11.85 -4.87 -22.46
N ASN B 258 -12.65 -4.46 -21.50
CA ASN B 258 -13.69 -3.50 -21.78
C ASN B 258 -13.70 -2.39 -20.74
N SER B 259 -14.49 -1.37 -21.03
CA SER B 259 -14.59 -0.21 -20.16
C SER B 259 -15.92 0.46 -20.42
N GLY B 260 -16.08 1.65 -19.87
CA GLY B 260 -17.27 2.43 -20.12
C GLY B 260 -17.62 3.25 -18.90
N ILE B 261 -18.52 4.20 -19.08
CA ILE B 261 -18.95 4.95 -17.91
C ILE B 261 -20.44 4.76 -17.76
N PHE B 262 -20.88 4.86 -16.51
CA PHE B 262 -22.22 4.46 -16.13
C PHE B 262 -23.25 5.48 -16.59
N ARG B 263 -24.49 5.29 -16.15
CA ARG B 263 -25.64 5.97 -16.70
C ARG B 263 -26.47 6.56 -15.56
N PRO B 264 -26.81 7.85 -15.61
CA PRO B 264 -27.50 8.48 -14.48
C PRO B 264 -28.74 7.73 -14.06
N GLU B 265 -29.22 6.85 -14.92
CA GLU B 265 -30.37 6.03 -14.60
C GLU B 265 -30.16 5.33 -13.27
N MET B 266 -29.16 4.48 -13.20
CA MET B 266 -28.86 3.86 -11.91
C MET B 266 -28.10 4.81 -11.00
N LEU B 267 -27.31 5.70 -11.58
CA LEU B 267 -26.40 6.51 -10.78
C LEU B 267 -27.14 7.45 -9.85
N ARG B 268 -27.89 8.39 -10.41
CA ARG B 268 -28.58 9.37 -9.59
C ARG B 268 -29.67 8.75 -8.73
N SER B 269 -29.86 7.44 -8.79
CA SER B 269 -30.81 6.79 -7.91
C SER B 269 -30.24 6.48 -6.54
N MET B 270 -28.98 6.79 -6.28
CA MET B 270 -28.43 6.71 -4.95
C MET B 270 -28.30 8.07 -4.30
N GLY B 271 -28.82 9.10 -4.95
CA GLY B 271 -28.69 10.44 -4.40
C GLY B 271 -27.37 11.13 -4.69
N PHE B 272 -26.62 10.66 -5.67
CA PHE B 272 -25.39 11.36 -6.01
C PHE B 272 -25.72 12.70 -6.63
N SER B 273 -24.77 13.62 -6.55
CA SER B 273 -24.98 14.94 -7.10
C SER B 273 -25.28 14.87 -8.59
N GLU B 274 -25.72 15.99 -9.13
CA GLU B 274 -25.94 16.10 -10.57
C GLU B 274 -24.63 16.27 -11.31
N GLU B 275 -23.63 16.80 -10.63
CA GLU B 275 -22.33 17.02 -11.25
C GLU B 275 -21.44 15.80 -11.10
N VAL B 276 -21.97 14.76 -10.51
CA VAL B 276 -21.24 13.53 -10.25
C VAL B 276 -21.20 12.56 -11.37
N SER B 277 -20.01 12.23 -11.81
CA SER B 277 -19.88 11.29 -12.87
C SER B 277 -18.89 10.24 -12.53
N VAL B 278 -19.05 9.01 -12.97
CA VAL B 278 -18.09 7.97 -12.66
C VAL B 278 -17.66 7.23 -13.87
N ILE B 279 -16.51 6.54 -13.87
CA ILE B 279 -15.97 5.79 -14.99
C ILE B 279 -15.52 4.42 -14.48
N ALA B 280 -15.61 3.40 -15.33
CA ALA B 280 -15.30 2.04 -14.93
C ALA B 280 -14.64 1.28 -16.06
N TRP B 281 -13.92 0.22 -15.70
CA TRP B 281 -13.38 -0.69 -16.70
C TRP B 281 -13.10 -2.04 -16.07
N GLY B 282 -13.29 -3.09 -16.86
CA GLY B 282 -13.07 -4.44 -16.37
C GLY B 282 -12.37 -5.29 -17.41
N LEU B 283 -11.74 -6.35 -16.95
CA LEU B 283 -11.06 -7.26 -17.86
C LEU B 283 -10.73 -8.57 -17.14
N SER B 284 -10.24 -9.51 -17.93
CA SER B 284 -9.91 -10.84 -17.43
C SER B 284 -8.52 -10.88 -16.85
N LEU B 285 -8.31 -11.80 -15.93
CA LEU B 285 -6.99 -12.01 -15.35
C LEU B 285 -6.24 -13.18 -15.97
N GLU B 286 -6.94 -14.22 -16.41
CA GLU B 286 -6.23 -15.37 -16.96
C GLU B 286 -5.56 -15.00 -18.28
N ARG B 287 -6.35 -14.54 -19.24
CA ARG B 287 -5.83 -14.25 -20.57
C ARG B 287 -4.57 -13.42 -20.59
N PRO B 288 -4.44 -12.34 -19.82
CA PRO B 288 -3.16 -11.64 -19.78
C PRO B 288 -2.05 -12.51 -19.26
N THR B 289 -2.34 -13.42 -18.33
CA THR B 289 -1.31 -14.32 -17.84
C THR B 289 -0.85 -15.27 -18.94
N MET B 290 -1.81 -15.93 -19.58
CA MET B 290 -1.60 -16.70 -20.80
C MET B 290 -0.66 -15.93 -21.72
N ILE B 291 -0.88 -14.63 -21.84
CA ILE B 291 -0.02 -13.81 -22.68
C ILE B 291 1.39 -13.74 -22.10
N LYS B 292 1.49 -13.55 -20.79
CA LYS B 292 2.80 -13.24 -20.21
C LYS B 292 3.74 -14.41 -20.31
N TYR B 293 3.40 -15.52 -19.68
CA TYR B 293 4.27 -16.67 -19.59
C TYR B 293 4.16 -17.57 -20.83
N ASN B 294 3.83 -17.00 -21.98
CA ASN B 294 3.81 -17.71 -23.28
C ASN B 294 3.09 -19.05 -23.16
N ILE B 295 1.80 -18.97 -22.85
CA ILE B 295 0.98 -20.16 -22.66
C ILE B 295 -0.23 -20.12 -23.56
N LYS B 296 -0.72 -21.31 -23.92
CA LYS B 296 -1.92 -21.47 -24.71
C LYS B 296 -2.88 -22.37 -23.96
N ASN B 297 -4.12 -22.39 -24.44
CA ASN B 297 -5.14 -23.33 -24.03
C ASN B 297 -5.15 -23.55 -22.52
N ILE B 298 -5.56 -22.56 -21.75
CA ILE B 298 -5.39 -22.65 -20.32
C ILE B 298 -6.43 -23.61 -19.78
N ARG B 299 -6.07 -24.88 -19.79
CA ARG B 299 -6.85 -25.96 -19.21
C ARG B 299 -5.94 -26.86 -18.39
N ASP B 300 -4.67 -26.55 -18.35
CA ASP B 300 -3.56 -27.20 -17.68
C ASP B 300 -2.78 -26.22 -16.83
N LEU B 301 -2.63 -24.97 -17.29
CA LEU B 301 -2.05 -23.93 -16.46
C LEU B 301 -2.84 -23.78 -15.17
N PHE B 302 -4.16 -23.73 -15.28
CA PHE B 302 -5.03 -23.69 -14.14
C PHE B 302 -5.35 -25.13 -13.75
N GLY B 303 -5.66 -25.33 -12.48
CA GLY B 303 -6.01 -26.65 -12.00
C GLY B 303 -4.98 -27.72 -12.30
N TYR B 304 -5.44 -28.83 -12.88
CA TYR B 304 -4.59 -29.99 -13.09
C TYR B 304 -3.43 -29.65 -14.01
N LYS B 305 -2.41 -30.51 -14.00
CA LYS B 305 -1.22 -30.31 -14.81
C LYS B 305 -0.63 -28.93 -14.61
N SER B 306 -0.55 -28.51 -13.35
CA SER B 306 0.13 -27.29 -12.98
C SER B 306 1.19 -27.60 -11.93
N ILE C 4 23.06 15.85 38.81
CA ILE C 4 22.97 17.01 39.67
C ILE C 4 22.41 16.61 41.00
N SER C 5 23.24 16.66 42.02
CA SER C 5 22.87 16.12 43.32
C SER C 5 21.67 16.84 43.89
N VAL C 6 20.69 16.07 44.37
CA VAL C 6 19.51 16.64 45.00
C VAL C 6 19.89 17.34 46.29
N TYR C 7 20.58 16.63 47.19
CA TYR C 7 20.73 17.05 48.58
C TYR C 7 19.36 17.22 49.23
N GLU C 8 18.73 16.07 49.49
CA GLU C 8 17.31 16.00 49.77
C GLU C 8 16.82 17.08 50.73
N ASP C 9 17.49 17.26 51.85
CA ASP C 9 16.97 18.27 52.76
C ASP C 9 17.15 19.67 52.20
N ASP C 10 18.14 19.89 51.35
CA ASP C 10 18.32 21.23 50.80
C ASP C 10 17.08 21.66 50.03
N LEU C 11 16.45 20.73 49.33
CA LEU C 11 15.22 21.05 48.63
C LEU C 11 14.14 21.49 49.61
N PHE C 12 13.72 20.57 50.48
CA PHE C 12 12.65 20.87 51.42
C PHE C 12 12.92 22.12 52.22
N GLU C 13 14.18 22.51 52.33
CA GLU C 13 14.49 23.80 52.96
C GLU C 13 14.22 24.96 52.02
N LYS C 14 14.91 24.99 50.88
CA LYS C 14 14.71 26.06 49.91
C LYS C 14 13.26 26.25 49.52
N LEU C 15 12.50 25.16 49.46
CA LEU C 15 11.07 25.23 49.17
C LEU C 15 10.21 25.40 50.41
N GLY C 16 10.60 24.82 51.53
CA GLY C 16 9.78 24.90 52.73
C GLY C 16 8.48 24.16 52.66
N GLU C 17 8.44 23.00 52.00
CA GLU C 17 7.22 22.23 51.89
C GLU C 17 7.48 20.78 52.27
N GLU C 18 6.39 20.02 52.43
CA GLU C 18 6.45 18.61 52.79
C GLU C 18 5.25 17.90 52.18
N ILE C 19 5.43 17.23 51.05
CA ILE C 19 4.29 16.51 50.48
C ILE C 19 4.54 15.02 50.37
N ILE C 20 5.46 14.59 49.51
CA ILE C 20 5.66 13.16 49.28
C ILE C 20 6.92 12.96 48.46
N GLU C 21 7.43 11.72 48.47
CA GLU C 21 8.46 11.31 47.52
C GLU C 21 7.87 11.15 46.13
N GLU C 22 6.83 10.34 46.00
CA GLU C 22 6.31 10.05 44.67
C GLU C 22 5.56 11.24 44.07
N LYS C 23 5.17 12.19 44.89
CA LYS C 23 4.51 13.41 44.45
C LYS C 23 5.51 14.52 44.26
N LEU C 24 6.79 14.19 44.31
CA LEU C 24 7.87 15.11 43.95
C LEU C 24 8.52 14.62 42.67
N LEU C 25 8.96 13.35 42.63
CA LEU C 25 9.30 12.76 41.36
C LEU C 25 8.16 12.93 40.38
N ASP C 26 6.92 12.90 40.88
CA ASP C 26 5.76 13.14 40.04
C ASP C 26 5.80 14.52 39.42
N VAL C 27 5.98 15.56 40.24
CA VAL C 27 5.94 16.91 39.71
C VAL C 27 7.08 17.12 38.74
N CYS C 28 8.28 16.69 39.09
CA CYS C 28 9.38 16.85 38.15
C CYS C 28 9.09 16.13 36.85
N PHE C 29 8.59 14.89 36.93
CA PHE C 29 8.24 14.17 35.71
C PHE C 29 7.22 14.97 34.90
N ASP C 30 6.29 15.64 35.58
CA ASP C 30 5.39 16.49 34.81
C ASP C 30 6.08 17.75 34.33
N PHE C 31 7.26 18.04 34.84
CA PHE C 31 8.12 19.09 34.31
C PHE C 31 9.06 18.42 33.35
N GLY C 32 10.02 19.16 32.79
CA GLY C 32 10.75 18.59 31.68
C GLY C 32 11.82 17.59 32.07
N LEU C 33 12.28 17.60 33.31
CA LEU C 33 13.32 16.69 33.75
C LEU C 33 12.79 15.48 34.52
N GLU C 34 13.47 14.36 34.35
CA GLU C 34 13.16 13.13 35.04
C GLU C 34 14.37 12.21 34.97
N VAL C 35 14.63 11.49 36.06
CA VAL C 35 15.79 10.61 36.10
C VAL C 35 15.54 9.43 37.03
N ASP C 36 15.72 8.22 36.50
CA ASP C 36 15.92 7.06 37.34
C ASP C 36 17.43 6.85 37.42
N ASP C 37 17.85 5.83 38.15
CA ASP C 37 19.27 5.58 38.40
C ASP C 37 19.89 6.70 39.25
N ILE C 38 19.28 6.94 40.42
CA ILE C 38 19.68 8.02 41.32
C ILE C 38 19.88 7.43 42.72
N GLU C 39 21.11 7.56 43.24
CA GLU C 39 21.54 6.88 44.46
C GLU C 39 21.97 7.86 45.54
N TYR C 40 22.22 7.32 46.74
CA TYR C 40 22.44 8.03 47.99
C TYR C 40 23.89 7.94 48.41
N LYS C 41 24.32 8.82 49.33
CA LYS C 41 25.67 8.66 49.84
C LYS C 41 25.79 7.89 51.16
N ASN C 42 25.48 8.53 52.30
CA ASN C 42 25.61 7.79 53.55
C ASN C 42 24.38 7.84 54.45
N ASP C 43 24.04 9.04 54.91
CA ASP C 43 22.84 9.26 55.71
C ASP C 43 21.90 10.25 55.05
N LYS C 44 22.27 10.82 53.91
CA LYS C 44 21.39 11.68 53.14
C LYS C 44 21.08 10.97 51.83
N LYS C 45 19.81 10.71 51.60
CA LYS C 45 19.33 10.09 50.37
C LYS C 45 19.09 11.18 49.34
N ILE C 46 19.87 11.18 48.26
CA ILE C 46 19.84 12.23 47.27
C ILE C 46 19.45 11.64 45.93
N TYR C 47 19.23 12.52 44.95
CA TYR C 47 19.03 12.12 43.57
C TYR C 47 19.79 13.08 42.66
N LYS C 48 19.87 12.73 41.38
CA LYS C 48 20.51 13.54 40.36
C LYS C 48 19.62 13.59 39.12
N ILE C 49 19.59 14.73 38.43
CA ILE C 49 18.65 14.92 37.34
C ILE C 49 19.29 15.66 36.17
N GLU C 50 18.93 15.26 34.95
CA GLU C 50 19.41 15.84 33.70
C GLU C 50 18.59 17.06 33.32
N VAL C 51 18.99 18.22 33.84
CA VAL C 51 18.34 19.47 33.45
C VAL C 51 18.51 19.67 31.96
N PRO C 52 17.55 20.29 31.27
CA PRO C 52 17.71 20.51 29.83
C PRO C 52 18.65 21.67 29.56
N ALA C 53 19.40 21.54 28.48
CA ALA C 53 20.36 22.56 28.09
C ALA C 53 19.77 23.63 27.21
N ASN C 54 18.45 23.76 27.16
CA ASN C 54 17.86 24.87 26.44
C ASN C 54 18.00 26.18 27.23
N ARG C 55 17.67 26.15 28.51
CA ARG C 55 17.82 27.28 29.40
C ARG C 55 18.88 27.02 30.47
N TYR C 56 19.66 28.05 30.78
CA TYR C 56 20.65 27.98 31.85
C TYR C 56 20.05 28.25 33.23
N ASP C 57 18.75 28.55 33.33
CA ASP C 57 18.16 28.90 34.60
C ASP C 57 18.04 27.73 35.55
N LEU C 58 18.10 26.50 35.05
CA LEU C 58 17.92 25.30 35.86
C LEU C 58 19.23 24.61 36.20
N ILE C 59 20.37 25.21 35.86
CA ILE C 59 21.65 24.55 36.06
C ILE C 59 21.89 24.29 37.55
N CYS C 60 21.56 25.25 38.40
CA CYS C 60 21.86 25.14 39.81
C CYS C 60 20.63 24.67 40.58
N VAL C 61 20.87 23.93 41.66
CA VAL C 61 19.77 23.44 42.47
C VAL C 61 19.00 24.60 43.04
N GLU C 62 19.64 25.75 43.19
CA GLU C 62 18.94 26.93 43.70
C GLU C 62 17.93 27.42 42.69
N GLY C 63 18.38 27.79 41.50
CA GLY C 63 17.47 28.26 40.47
C GLY C 63 16.43 27.20 40.13
N LEU C 64 16.85 25.93 40.12
CA LEU C 64 15.94 24.85 39.82
C LEU C 64 14.83 24.75 40.85
N CYS C 65 15.20 24.69 42.14
CA CYS C 65 14.18 24.58 43.16
C CYS C 65 13.30 25.82 43.16
N ARG C 66 13.87 26.98 42.84
CA ARG C 66 13.05 28.18 42.79
C ARG C 66 12.03 28.10 41.66
N ALA C 67 12.45 27.65 40.49
CA ALA C 67 11.52 27.50 39.38
C ALA C 67 10.49 26.43 39.66
N LEU C 68 10.89 25.35 40.33
CA LEU C 68 9.93 24.32 40.67
C LEU C 68 8.92 24.83 41.67
N LYS C 69 9.35 25.69 42.58
CA LYS C 69 8.41 26.37 43.46
C LYS C 69 7.43 27.18 42.64
N ASN C 70 7.95 28.04 41.77
CA ASN C 70 7.07 28.85 40.93
C ASN C 70 6.10 28.00 40.16
N PHE C 71 6.49 26.79 39.80
CA PHE C 71 5.69 25.95 38.94
C PHE C 71 4.37 25.54 39.56
N MET C 72 4.42 24.71 40.60
CA MET C 72 3.21 24.07 41.11
C MET C 72 2.39 25.01 41.97
N CYS C 73 2.14 26.21 41.47
CA CYS C 73 1.35 27.22 42.15
C CYS C 73 1.85 27.48 43.57
N LYS C 74 3.11 27.88 43.68
CA LYS C 74 3.60 28.27 45.00
C LYS C 74 4.22 29.66 45.04
N PHE C 75 5.19 29.91 44.18
CA PHE C 75 6.12 31.02 44.31
C PHE C 75 5.81 32.17 43.37
N ASP C 76 6.76 33.09 43.27
CA ASP C 76 6.66 34.33 42.52
C ASP C 76 8.04 34.67 41.98
N ASP C 77 8.25 35.93 41.63
CA ASP C 77 9.50 36.41 41.04
C ASP C 77 10.28 37.26 42.03
N ILE C 78 11.39 37.81 41.56
CA ILE C 78 12.35 38.53 42.38
C ILE C 78 12.51 39.94 41.81
N LYS C 79 13.15 40.81 42.58
CA LYS C 79 13.49 42.15 42.12
C LYS C 79 14.59 42.77 42.95
N ASP C 105 39.55 41.37 16.00
CA ASP C 105 39.15 40.27 16.88
C ASP C 105 39.82 40.38 18.23
N ARG C 106 40.81 41.26 18.32
CA ARG C 106 41.48 41.54 19.58
C ARG C 106 40.50 42.22 20.53
N ARG C 107 40.04 41.48 21.54
CA ARG C 107 38.99 41.99 22.40
C ARG C 107 39.47 43.20 23.19
N GLY C 108 38.62 44.21 23.26
CA GLY C 108 38.89 45.45 23.98
C GLY C 108 38.81 45.34 25.49
N TYR C 109 37.63 45.01 26.01
CA TYR C 109 37.39 45.06 27.44
C TYR C 109 36.47 43.92 27.83
N VAL C 110 37.05 42.86 28.35
CA VAL C 110 36.27 41.76 28.89
C VAL C 110 35.79 42.19 30.27
N VAL C 111 34.60 41.73 30.67
CA VAL C 111 33.97 42.25 31.87
C VAL C 111 33.92 41.19 32.93
N CYS C 112 34.17 41.63 34.15
CA CYS C 112 34.39 40.79 35.31
C CYS C 112 33.77 41.43 36.55
N CYS C 113 32.53 41.87 36.46
CA CYS C 113 32.00 42.75 37.50
C CYS C 113 30.95 42.07 38.36
N VAL C 114 31.01 42.40 39.65
CA VAL C 114 30.14 41.90 40.71
C VAL C 114 29.87 43.02 41.70
N LEU C 115 29.22 42.68 42.80
CA LEU C 115 28.87 43.61 43.85
C LEU C 115 29.93 43.57 44.94
N LYS C 116 29.66 44.23 46.07
CA LYS C 116 30.66 44.39 47.12
C LYS C 116 30.61 43.34 48.21
N ASN C 117 29.46 43.11 48.83
CA ASN C 117 29.38 42.25 50.00
C ASN C 117 28.34 41.15 49.81
N MET C 118 28.53 40.07 50.56
CA MET C 118 27.72 38.86 50.44
C MET C 118 27.99 38.00 51.67
N ASN C 119 27.55 36.75 51.63
CA ASN C 119 27.76 35.84 52.75
C ASN C 119 27.76 34.41 52.23
N ILE C 120 28.63 33.57 52.79
CA ILE C 120 28.87 32.20 52.32
C ILE C 120 28.73 31.19 53.44
N ASN C 121 28.58 29.92 53.05
CA ASN C 121 28.63 28.79 53.95
C ASN C 121 29.06 27.55 53.16
N ASP C 122 29.24 26.43 53.86
CA ASP C 122 29.68 25.21 53.20
C ASP C 122 28.59 24.64 52.30
N SER C 123 27.39 24.45 52.85
CA SER C 123 26.30 23.87 52.08
C SER C 123 25.96 24.68 50.84
N VAL C 124 26.45 25.91 50.77
CA VAL C 124 26.39 26.69 49.55
C VAL C 124 27.74 26.69 48.83
N TYR C 125 28.84 26.44 49.54
CA TYR C 125 30.14 26.37 48.88
C TYR C 125 30.23 25.17 47.95
N ASN C 126 29.79 24.01 48.42
CA ASN C 126 29.80 22.82 47.58
C ASN C 126 29.00 23.05 46.31
N ASN C 127 27.93 23.85 46.39
CA ASN C 127 27.09 24.13 45.23
C ASN C 127 27.71 25.18 44.32
N ILE C 128 28.34 26.20 44.89
CA ILE C 128 29.02 27.23 44.10
C ILE C 128 30.16 26.62 43.31
N ILE C 129 30.81 25.59 43.86
CA ILE C 129 31.85 24.92 43.10
C ILE C 129 31.28 24.18 41.90
N GLU C 130 30.03 23.72 42.00
CA GLU C 130 29.45 22.91 40.95
C GLU C 130 29.34 23.66 39.64
N ILE C 131 28.94 24.93 39.68
CA ILE C 131 28.83 25.67 38.43
C ILE C 131 30.21 25.83 37.81
N GLN C 132 31.22 26.02 38.64
CA GLN C 132 32.57 26.10 38.11
C GLN C 132 32.99 24.79 37.46
N GLU C 133 32.44 23.67 37.92
CA GLU C 133 32.82 22.39 37.31
C GLU C 133 31.98 22.04 36.09
N LYS C 134 30.74 22.54 36.01
CA LYS C 134 29.85 22.26 34.89
C LYS C 134 29.82 23.37 33.85
N LEU C 135 29.57 24.61 34.30
CA LEU C 135 29.41 25.74 33.40
C LEU C 135 30.61 25.90 32.48
N HIS C 136 31.79 25.50 32.93
CA HIS C 136 32.98 25.70 32.11
C HIS C 136 33.17 24.59 31.09
N HIS C 137 33.14 23.34 31.53
CA HIS C 137 33.43 22.23 30.63
C HIS C 137 32.23 21.88 29.76
N ASN C 138 31.06 21.75 30.37
CA ASN C 138 29.90 21.30 29.61
C ASN C 138 29.45 22.36 28.60
N LEU C 139 29.08 23.55 29.09
CA LEU C 139 28.59 24.59 28.20
C LEU C 139 29.71 25.30 27.47
N GLY C 140 30.86 25.48 28.11
CA GLY C 140 31.92 26.25 27.49
C GLY C 140 32.67 25.51 26.39
N LYS C 141 32.46 24.21 26.23
CA LYS C 141 33.07 23.44 25.14
C LYS C 141 34.60 23.59 25.15
N LYS C 142 35.19 23.01 26.20
CA LYS C 142 36.59 23.27 26.54
C LYS C 142 36.82 24.75 26.83
N ARG C 143 35.79 25.45 27.27
CA ARG C 143 35.90 26.79 27.84
C ARG C 143 36.49 27.77 26.82
N SER C 144 35.80 27.93 25.71
CA SER C 144 36.21 28.92 24.74
C SER C 144 35.59 30.28 25.07
N ILE C 150 39.69 34.01 40.19
CA ILE C 150 39.64 35.18 41.07
C ILE C 150 38.35 35.17 41.88
N HIS C 151 37.51 36.18 41.64
CA HIS C 151 36.24 36.31 42.34
C HIS C 151 36.47 36.44 43.84
N ASP C 152 37.31 37.40 44.22
CA ASP C 152 37.72 37.57 45.60
C ASP C 152 37.22 38.83 46.27
N TYR C 153 37.53 40.01 45.73
CA TYR C 153 37.16 41.30 46.32
C TYR C 153 37.55 41.39 47.78
N ASP C 154 38.55 40.60 48.17
CA ASP C 154 39.13 40.62 49.50
C ASP C 154 40.61 40.90 49.31
N LYS C 155 41.10 41.98 49.90
CA LYS C 155 42.49 42.39 49.72
C LYS C 155 42.77 42.56 48.23
N ILE C 156 42.14 43.59 47.70
CA ILE C 156 42.20 43.89 46.28
C ILE C 156 42.45 45.39 46.11
N LYS C 157 42.46 45.83 44.85
CA LYS C 157 42.62 47.23 44.51
C LYS C 157 41.67 48.16 45.26
N LYS C 169 56.71 36.91 32.12
CA LYS C 169 56.94 37.32 33.49
C LYS C 169 56.37 36.22 34.37
N ILE C 170 56.78 36.22 35.64
CA ILE C 170 56.30 35.23 36.58
C ILE C 170 56.52 35.76 37.99
N ASN C 171 55.56 35.50 38.85
CA ASN C 171 55.76 36.01 40.20
C ASN C 171 55.61 34.95 41.28
N PHE C 172 54.66 34.03 41.15
CA PHE C 172 54.31 33.12 42.24
C PHE C 172 53.57 31.94 41.65
N ILE C 173 53.02 31.09 42.53
CA ILE C 173 52.30 29.90 42.10
C ILE C 173 50.83 30.05 42.40
N PRO C 174 49.94 29.44 41.62
CA PRO C 174 48.51 29.79 41.73
C PRO C 174 47.86 29.52 43.07
N LEU C 175 47.62 28.27 43.44
CA LEU C 175 47.09 28.02 44.78
C LEU C 175 47.88 26.98 45.57
N ASN C 176 47.90 25.75 45.07
CA ASN C 176 48.40 24.62 45.86
C ASN C 176 49.92 24.51 45.78
N GLU C 177 50.47 24.76 44.60
CA GLU C 177 51.88 24.58 44.30
C GLU C 177 52.68 25.81 44.72
N LYS C 178 54.02 25.64 44.73
CA LYS C 178 54.96 26.75 44.98
C LYS C 178 56.06 26.69 43.93
N THR C 179 55.78 27.22 42.74
CA THR C 179 56.73 27.25 41.63
C THR C 179 56.44 28.47 40.77
N ASN C 180 57.41 28.86 39.95
CA ASN C 180 57.23 29.93 38.98
C ASN C 180 57.86 29.53 37.66
N LEU C 181 57.59 30.32 36.62
CA LEU C 181 58.24 30.13 35.31
C LEU C 181 58.02 31.37 34.46
N ASN C 182 59.11 31.97 33.97
CA ASN C 182 59.03 33.33 33.43
C ASN C 182 58.18 33.40 32.17
N GLY C 183 58.40 32.50 31.21
CA GLY C 183 57.66 32.59 29.95
C GLY C 183 56.41 31.75 29.85
N MET C 184 56.53 30.60 29.17
CA MET C 184 55.41 29.70 28.96
C MET C 184 55.71 28.28 29.43
N ASN C 185 56.80 28.08 30.16
CA ASN C 185 57.24 26.74 30.53
C ASN C 185 56.47 26.32 31.76
N LEU C 186 55.36 25.63 31.56
CA LEU C 186 54.58 25.19 32.71
C LEU C 186 53.92 23.84 32.54
N ILE C 187 53.70 23.43 31.29
CA ILE C 187 53.01 22.17 30.97
C ILE C 187 53.70 20.93 31.53
N ASP C 188 54.90 21.13 32.05
CA ASP C 188 55.70 20.07 32.62
C ASP C 188 55.18 19.60 33.96
N PHE C 189 54.34 20.40 34.63
CA PHE C 189 53.97 20.09 35.99
C PHE C 189 53.06 18.88 36.06
N TYR C 190 51.83 19.01 35.55
CA TYR C 190 50.90 17.90 35.53
C TYR C 190 50.00 18.05 34.31
N SER C 191 50.31 17.31 33.25
CA SER C 191 49.63 17.49 31.97
C SER C 191 48.86 16.28 31.49
N LYS C 192 49.12 15.09 32.02
CA LYS C 192 48.40 13.89 31.59
C LYS C 192 47.12 13.65 32.37
N ASN C 193 47.11 13.97 33.66
CA ASN C 193 45.95 13.76 34.50
C ASN C 193 44.89 14.80 34.14
N LEU C 194 43.82 14.86 34.93
CA LEU C 194 42.73 15.76 34.63
C LEU C 194 43.23 17.18 34.82
N ASN C 195 43.69 17.80 33.74
CA ASN C 195 44.38 19.08 33.79
C ASN C 195 43.83 19.96 32.68
N LEU C 196 44.59 20.99 32.32
CA LEU C 196 44.20 21.91 31.28
C LEU C 196 44.68 21.50 29.90
N LYS C 197 45.59 20.54 29.82
CA LYS C 197 45.98 19.99 28.53
C LYS C 197 44.79 19.72 27.64
N PRO C 198 43.71 19.07 28.10
CA PRO C 198 42.57 18.83 27.21
C PRO C 198 41.76 20.09 26.91
N TYR C 199 42.22 21.25 27.38
CA TYR C 199 41.65 22.52 26.93
C TYR C 199 42.75 23.57 26.74
N LEU C 200 43.82 23.20 26.04
CA LEU C 200 45.01 24.06 26.02
C LEU C 200 44.68 25.43 25.45
N LYS C 201 44.35 25.50 24.17
CA LYS C 201 44.00 26.78 23.55
C LYS C 201 43.50 26.51 22.14
N ILE C 202 43.14 27.59 21.46
CA ILE C 202 42.74 27.55 20.07
C ILE C 202 43.49 28.67 19.38
N ILE C 203 44.52 28.32 18.62
CA ILE C 203 45.40 29.28 17.96
C ILE C 203 46.02 30.22 19.00
N LEU C 220 43.98 37.35 37.67
CA LEU C 220 43.95 37.45 36.22
C LEU C 220 44.58 36.20 35.64
N SER C 221 44.16 35.04 36.12
CA SER C 221 44.91 33.83 35.84
C SER C 221 44.74 33.37 34.41
N LEU C 222 43.56 32.86 34.07
CA LEU C 222 43.25 32.46 32.71
C LEU C 222 41.79 32.05 32.59
N PRO C 223 41.15 32.34 31.47
CA PRO C 223 39.77 31.90 31.26
C PRO C 223 39.64 30.39 31.33
N PRO C 224 40.36 29.62 30.49
CA PRO C 224 40.04 28.19 30.39
C PRO C 224 40.65 27.36 31.49
N ILE C 225 41.79 27.80 32.00
CA ILE C 225 42.47 27.15 33.12
C ILE C 225 42.51 28.17 34.25
N ILE C 226 41.50 28.11 35.12
CA ILE C 226 41.50 29.00 36.26
C ILE C 226 42.68 28.67 37.15
N ASN C 227 43.35 29.69 37.63
CA ASN C 227 44.48 29.41 38.51
C ASN C 227 44.40 30.20 39.81
N CYS C 228 43.89 31.43 39.78
CA CYS C 228 43.70 32.25 40.98
C CYS C 228 45.03 32.48 41.69
N ASP C 229 45.97 33.08 40.97
CA ASP C 229 47.31 33.27 41.51
C ASP C 229 47.31 34.41 42.52
N HIS C 230 46.94 35.60 42.06
CA HIS C 230 47.08 36.77 42.92
C HIS C 230 46.03 36.76 44.01
N THR C 231 44.77 36.82 43.61
CA THR C 231 43.67 36.97 44.54
C THR C 231 42.86 35.69 44.64
N LYS C 232 42.06 35.75 45.65
CA LYS C 232 41.17 34.74 46.09
C LYS C 232 40.81 35.26 47.42
N ILE C 233 39.59 35.02 47.77
CA ILE C 233 39.15 35.47 49.03
C ILE C 233 39.35 34.21 49.80
N SER C 234 38.26 33.51 49.98
CA SER C 234 38.37 32.33 50.71
C SER C 234 37.26 31.49 50.47
N LEU C 235 37.48 30.26 50.83
CA LEU C 235 36.41 29.34 50.89
C LEU C 235 36.23 29.67 52.35
N ASN C 236 35.16 30.42 52.64
CA ASN C 236 34.66 31.07 53.86
C ASN C 236 35.11 32.53 53.84
N THR C 237 34.39 33.33 53.07
CA THR C 237 34.63 34.76 52.83
C THR C 237 33.33 35.60 52.84
N LYS C 238 33.47 36.93 52.80
CA LYS C 238 32.36 37.91 52.86
C LYS C 238 32.19 38.92 51.73
N ASN C 239 33.26 39.36 51.11
CA ASN C 239 33.19 40.19 49.91
C ASN C 239 33.63 39.38 48.70
N VAL C 240 33.02 39.64 47.55
CA VAL C 240 33.27 38.86 46.34
C VAL C 240 33.10 39.73 45.10
N PHE C 241 34.01 39.59 44.13
CA PHE C 241 33.93 40.30 42.84
C PHE C 241 34.29 39.30 41.73
N ILE C 242 33.27 38.64 41.19
CA ILE C 242 33.47 37.54 40.25
C ILE C 242 34.02 38.06 38.93
N GLU C 243 34.89 37.26 38.32
CA GLU C 243 35.49 37.64 37.07
C GLU C 243 35.43 36.49 36.08
N CYS C 244 35.34 36.83 34.81
CA CYS C 244 35.45 35.87 33.73
C CYS C 244 35.65 36.61 32.41
N THR C 245 36.50 36.06 31.55
CA THR C 245 36.78 36.57 30.22
C THR C 245 36.36 35.53 29.20
N ALA C 246 35.99 35.99 28.02
CA ALA C 246 35.44 35.12 27.00
C ALA C 246 36.04 35.46 25.64
N ILE C 247 35.65 34.66 24.64
CA ILE C 247 36.14 34.85 23.29
C ILE C 247 35.68 36.20 22.73
N ASP C 248 34.38 36.52 22.87
CA ASP C 248 33.88 37.76 22.31
C ASP C 248 32.85 38.38 23.24
N ARG C 249 32.53 39.65 22.95
CA ARG C 249 31.86 40.55 23.88
C ARG C 249 30.34 40.51 23.78
N ASN C 250 29.73 39.33 23.74
CA ASN C 250 28.28 39.22 23.66
C ASN C 250 27.73 38.40 24.82
N LYS C 251 28.19 37.17 24.98
CA LYS C 251 27.85 36.33 26.12
C LYS C 251 28.38 36.88 27.42
N ALA C 252 29.24 37.89 27.38
CA ALA C 252 29.79 38.45 28.60
C ALA C 252 28.71 38.98 29.51
N GLN C 253 27.96 39.98 29.03
CA GLN C 253 26.87 40.53 29.83
C GLN C 253 25.93 39.42 30.28
N ILE C 254 25.74 38.41 29.43
CA ILE C 254 24.89 37.28 29.81
C ILE C 254 25.45 36.61 31.05
N ALA C 255 26.69 36.14 30.97
CA ALA C 255 27.25 35.37 32.06
C ALA C 255 27.35 36.20 33.32
N LEU C 256 27.49 37.51 33.18
CA LEU C 256 27.61 38.29 34.39
C LEU C 256 26.24 38.40 35.04
N ASN C 257 25.21 38.67 34.25
CA ASN C 257 23.89 38.74 34.85
C ASN C 257 23.50 37.40 35.46
N ILE C 258 23.96 36.29 34.87
CA ILE C 258 23.53 34.99 35.38
C ILE C 258 24.21 34.73 36.71
N LEU C 259 25.52 34.97 36.80
CA LEU C 259 26.19 34.76 38.08
C LEU C 259 25.60 35.69 39.14
N CYS C 260 25.28 36.88 38.67
CA CYS C 260 24.69 37.97 39.43
C CYS C 260 23.45 37.56 40.21
N SER C 261 22.38 37.20 39.50
CA SER C 261 21.19 36.75 40.17
C SER C 261 21.25 35.27 40.43
N MET C 262 22.26 34.59 39.91
CA MET C 262 22.42 33.22 40.19
C MET C 262 22.69 33.08 41.68
N LEU C 263 23.58 33.89 42.20
CA LEU C 263 23.85 33.78 43.60
C LEU C 263 23.26 34.89 44.47
N SER C 264 22.53 35.82 43.88
CA SER C 264 21.99 36.86 44.72
C SER C 264 21.05 36.34 45.75
N GLU C 265 20.77 35.07 45.65
CA GLU C 265 20.10 34.37 46.75
C GLU C 265 20.98 34.34 47.98
N TYR C 266 22.30 34.24 47.78
CA TYR C 266 23.27 34.36 48.86
C TYR C 266 23.87 35.75 48.82
N CYS C 267 23.12 36.74 49.30
CA CYS C 267 23.64 38.07 49.50
C CYS C 267 22.95 38.70 50.71
N VAL C 268 23.60 39.71 51.27
CA VAL C 268 23.04 40.39 52.44
C VAL C 268 21.70 41.05 52.10
N PRO C 269 21.55 41.78 51.00
CA PRO C 269 20.24 42.36 50.68
C PRO C 269 19.30 41.45 49.89
N LYS C 270 19.62 40.18 49.67
CA LYS C 270 18.67 39.24 49.08
C LYS C 270 18.22 39.72 47.68
N TYR C 271 19.14 39.56 46.73
CA TYR C 271 18.92 39.99 45.34
C TYR C 271 18.73 41.51 45.25
N SER C 272 19.83 42.18 45.55
CA SER C 272 19.99 43.61 45.43
C SER C 272 21.47 43.87 45.21
N ILE C 273 21.78 44.89 44.40
CA ILE C 273 23.13 45.08 43.90
C ILE C 273 23.48 46.56 43.98
N GLN C 274 24.62 46.88 44.58
CA GLN C 274 25.03 48.28 44.62
C GLN C 274 25.30 48.87 43.24
N SER C 275 26.48 48.56 42.70
CA SER C 275 26.95 48.91 41.36
C SER C 275 26.74 50.37 40.95
N PHE C 276 26.10 51.18 41.78
CA PHE C 276 25.88 52.61 41.56
C PHE C 276 25.57 52.90 40.09
N VAL C 277 24.52 52.22 39.59
CA VAL C 277 24.14 52.26 38.18
C VAL C 277 23.27 53.44 37.81
N VAL C 278 23.13 54.41 38.70
CA VAL C 278 22.08 55.42 38.57
C VAL C 278 22.59 56.73 37.96
N ILE C 279 23.69 56.70 37.21
CA ILE C 279 24.25 57.91 36.63
C ILE C 279 24.05 57.99 35.11
N TYR C 280 24.67 57.09 34.36
CA TYR C 280 24.72 57.20 32.92
C TYR C 280 23.85 56.13 32.25
N GLU C 281 23.87 56.15 30.90
CA GLU C 281 23.21 55.13 30.11
C GLU C 281 24.01 54.79 28.85
N ASN C 282 25.34 54.83 28.91
CA ASN C 282 26.13 54.61 27.70
C ASN C 282 27.55 54.28 28.08
N GLN C 283 28.03 53.11 27.65
CA GLN C 283 29.38 52.64 27.95
C GLN C 283 30.18 52.57 26.66
N ASP C 284 31.13 53.47 26.50
CA ASP C 284 32.01 53.48 25.34
C ASP C 284 33.18 52.53 25.48
N PHE C 285 33.24 51.75 26.56
CA PHE C 285 34.30 50.78 26.84
C PHE C 285 35.69 51.39 26.86
N SER C 286 35.80 52.71 26.93
CA SER C 286 37.08 53.39 26.98
C SER C 286 37.28 54.13 28.29
N ASP C 287 36.30 54.91 28.73
CA ASP C 287 36.39 55.65 29.98
C ASP C 287 35.59 55.01 31.10
N ASP C 288 34.79 53.99 30.80
CA ASP C 288 34.04 53.32 31.85
C ASP C 288 34.93 52.48 32.75
N GLN C 289 36.03 51.96 32.22
CA GLN C 289 36.88 51.08 33.02
C GLN C 289 38.37 51.30 32.85
N ASN C 290 38.82 52.22 32.00
CA ASN C 290 40.27 52.36 31.75
C ASN C 290 40.67 53.83 31.71
N LEU C 291 40.91 54.41 32.89
CA LEU C 291 41.61 55.67 33.07
C LEU C 291 41.66 56.02 34.56
N ILE C 302 23.17 46.04 32.74
CA ILE C 302 23.85 44.81 32.36
C ILE C 302 22.83 43.73 32.15
N PHE C 303 21.74 43.81 32.90
CA PHE C 303 20.62 42.90 32.73
C PHE C 303 19.66 43.48 31.70
N GLU C 304 19.65 42.90 30.50
CA GLU C 304 18.80 43.36 29.42
C GLU C 304 17.83 42.26 29.07
N ASN C 305 16.54 42.58 29.07
CA ASN C 305 15.50 41.65 28.67
C ASN C 305 15.05 41.93 27.25
N LYS C 306 14.23 41.04 26.73
CA LYS C 306 13.73 41.17 25.36
C LYS C 306 12.24 40.87 25.38
N SER C 307 11.59 41.09 24.24
CA SER C 307 10.15 40.93 24.15
C SER C 307 9.76 40.19 22.88
N LEU C 308 8.81 39.28 23.02
CA LEU C 308 8.29 38.51 21.91
C LEU C 308 6.78 38.65 21.88
N THR C 309 6.26 39.23 20.81
CA THR C 309 4.83 39.33 20.63
C THR C 309 4.31 37.99 20.15
N CYS C 310 3.14 37.61 20.63
CA CYS C 310 2.60 36.30 20.29
C CYS C 310 1.13 36.45 19.98
N ASN C 311 0.70 35.90 18.85
CA ASN C 311 -0.69 35.89 18.48
C ASN C 311 -1.38 34.68 19.11
N ILE C 312 -2.70 34.78 19.31
CA ILE C 312 -3.37 33.77 20.11
C ILE C 312 -3.97 32.65 19.26
N ASP C 313 -4.54 32.93 18.10
CA ASP C 313 -5.10 31.83 17.32
C ASP C 313 -4.02 30.86 16.92
N TYR C 314 -2.82 31.37 16.67
CA TYR C 314 -1.67 30.51 16.44
C TYR C 314 -1.57 29.46 17.52
N VAL C 315 -1.50 29.92 18.78
CA VAL C 315 -1.28 29.00 19.88
C VAL C 315 -2.49 28.12 20.07
N ARG C 316 -3.68 28.67 19.84
CA ARG C 316 -4.90 27.87 19.94
C ARG C 316 -4.84 26.71 18.98
N LYS C 317 -4.43 26.98 17.75
CA LYS C 317 -4.30 25.93 16.76
C LYS C 317 -3.27 24.90 17.18
N LEU C 318 -2.09 25.37 17.59
CA LEU C 318 -1.03 24.46 17.99
C LEU C 318 -1.48 23.56 19.13
N SER C 319 -1.77 24.14 20.28
CA SER C 319 -1.97 23.38 21.49
C SER C 319 -3.21 22.50 21.44
N GLY C 320 -4.09 22.67 20.48
CA GLY C 320 -5.26 21.82 20.36
C GLY C 320 -6.28 21.96 21.47
N ILE C 321 -6.12 22.94 22.35
CA ILE C 321 -7.13 23.34 23.34
C ILE C 321 -7.16 24.86 23.35
N SER C 322 -8.33 25.44 23.15
CA SER C 322 -8.37 26.87 22.86
C SER C 322 -9.52 27.54 23.62
N HIS C 323 -9.82 28.76 23.17
CA HIS C 323 -10.88 29.68 23.57
C HIS C 323 -10.62 30.52 24.82
N ILE C 324 -9.48 30.41 25.48
CA ILE C 324 -9.19 31.27 26.63
C ILE C 324 -8.00 32.17 26.31
N THR C 325 -7.92 33.32 26.98
CA THR C 325 -6.76 34.19 26.91
C THR C 325 -6.26 34.71 28.24
N VAL C 326 -7.06 34.69 29.29
CA VAL C 326 -6.54 35.01 30.60
C VAL C 326 -5.81 33.82 31.21
N HIS C 327 -6.33 32.62 31.00
CA HIS C 327 -5.62 31.44 31.49
C HIS C 327 -4.21 31.38 30.93
N GLU C 328 -3.97 31.99 29.78
CA GLU C 328 -2.60 32.11 29.31
C GLU C 328 -1.78 32.90 30.32
N VAL C 329 -2.32 34.02 30.81
CA VAL C 329 -1.59 34.82 31.78
C VAL C 329 -1.37 34.02 33.04
N ASN C 330 -2.35 33.26 33.45
CA ASN C 330 -2.17 32.48 34.68
C ASN C 330 -1.08 31.43 34.50
N ASN C 331 -1.07 30.75 33.36
CA ASN C 331 -0.03 29.75 33.13
C ASN C 331 1.35 30.41 33.10
N LEU C 332 1.45 31.56 32.45
CA LEU C 332 2.76 32.19 32.30
C LEU C 332 3.24 32.75 33.62
N LEU C 333 2.33 33.20 34.47
CA LEU C 333 2.72 33.49 35.84
C LEU C 333 3.26 32.23 36.50
N LYS C 334 2.54 31.12 36.38
CA LYS C 334 2.97 29.96 37.15
C LYS C 334 4.26 29.36 36.63
N ARG C 335 4.74 29.77 35.45
CA ARG C 335 6.02 29.28 34.96
C ARG C 335 7.07 30.38 34.84
N MET C 336 6.96 31.42 35.67
CA MET C 336 8.02 32.43 35.83
C MET C 336 8.28 33.21 34.54
N MET C 337 7.23 33.75 33.95
CA MET C 337 7.35 34.40 32.65
C MET C 337 6.98 35.86 32.62
N LEU C 338 5.93 36.28 33.34
CA LEU C 338 5.51 37.69 33.37
C LEU C 338 5.12 38.18 31.97
N SER C 339 3.98 37.70 31.51
CA SER C 339 3.40 38.18 30.27
C SER C 339 3.08 39.67 30.37
N CYS C 340 2.64 40.26 29.26
CA CYS C 340 2.39 41.69 29.26
C CYS C 340 1.11 42.14 28.56
N ASP C 341 0.32 41.24 27.98
CA ASP C 341 -1.08 41.56 27.68
C ASP C 341 -1.19 42.64 26.61
N ILE C 342 -0.60 42.39 25.46
CA ILE C 342 -0.67 43.36 24.37
C ILE C 342 -2.13 43.64 24.09
N MET C 343 -2.53 44.87 24.35
CA MET C 343 -3.90 45.23 24.74
C MET C 343 -4.97 44.63 23.84
N ASP C 344 -4.64 44.12 22.67
CA ASP C 344 -5.66 43.49 21.88
C ASP C 344 -5.96 42.09 22.38
N ASN C 345 -7.17 41.62 22.10
CA ASN C 345 -7.58 40.34 22.61
C ASN C 345 -6.76 39.20 22.05
N ASN C 346 -5.93 39.47 21.05
CA ASN C 346 -5.25 38.40 20.34
C ASN C 346 -3.74 38.59 20.31
N THR C 347 -3.19 39.41 21.19
CA THR C 347 -1.77 39.69 21.14
C THR C 347 -1.17 39.75 22.53
N PHE C 348 0.07 39.27 22.63
CA PHE C 348 0.86 39.46 23.83
C PHE C 348 2.21 40.01 23.42
N LYS C 349 2.94 40.46 24.43
CA LYS C 349 4.29 40.99 24.27
C LYS C 349 5.15 40.42 25.39
N VAL C 350 5.16 39.09 25.50
CA VAL C 350 5.78 38.46 26.66
C VAL C 350 7.23 38.90 26.76
N THR C 351 7.71 39.06 27.99
CA THR C 351 9.05 39.56 28.26
C THR C 351 9.98 38.42 28.66
N ILE C 352 10.89 38.06 27.76
CA ILE C 352 11.86 37.00 27.99
C ILE C 352 13.04 37.62 28.72
N PRO C 353 13.39 37.15 29.91
CA PRO C 353 14.54 37.69 30.62
C PRO C 353 15.83 37.02 30.22
N PHE C 354 16.91 37.31 30.95
CA PHE C 354 18.17 36.63 30.71
C PHE C 354 18.09 35.16 31.14
N TYR C 355 17.27 34.85 32.14
CA TYR C 355 17.21 33.49 32.66
C TYR C 355 16.68 32.52 31.64
N ARG C 356 16.47 32.97 30.42
CA ARG C 356 15.99 32.10 29.38
C ARG C 356 16.92 32.33 28.21
N SER C 357 17.24 31.27 27.51
CA SER C 357 17.93 31.36 26.24
C SER C 357 17.17 30.45 25.30
N ASP C 358 16.06 30.97 24.79
CA ASP C 358 15.16 30.17 23.98
C ASP C 358 14.73 31.09 22.85
N ILE C 359 14.75 30.54 21.65
CA ILE C 359 14.62 31.36 20.46
C ILE C 359 13.32 32.13 20.49
N MET C 360 13.41 33.40 20.10
CA MET C 360 12.32 34.34 20.35
C MET C 360 11.01 33.86 19.76
N HIS C 361 11.04 32.92 18.82
CA HIS C 361 9.82 32.58 18.14
C HIS C 361 8.85 32.00 19.15
N CYS C 362 7.58 32.29 18.95
CA CYS C 362 6.62 31.91 19.96
C CYS C 362 6.51 30.42 20.16
N CYS C 363 7.21 29.61 19.37
CA CYS C 363 7.17 28.18 19.56
C CYS C 363 7.42 27.81 21.01
N ASP C 364 8.58 28.20 21.54
CA ASP C 364 8.91 27.83 22.92
C ASP C 364 7.94 28.45 23.91
N ILE C 365 7.41 29.62 23.59
CA ILE C 365 6.41 30.24 24.45
C ILE C 365 5.19 29.33 24.58
N ILE C 366 4.76 28.78 23.46
CA ILE C 366 3.67 27.83 23.52
C ILE C 366 4.11 26.55 24.19
N GLU C 367 5.39 26.20 24.05
CA GLU C 367 5.90 25.02 24.76
C GLU C 367 5.69 25.19 26.25
N ASP C 368 5.96 26.38 26.77
CA ASP C 368 5.74 26.64 28.19
C ASP C 368 4.26 26.65 28.52
N ILE C 369 3.46 27.30 27.67
CA ILE C 369 2.02 27.29 27.90
C ILE C 369 1.48 25.87 27.95
N ALA C 370 2.04 24.99 27.14
CA ALA C 370 1.57 23.62 27.06
C ALA C 370 2.06 22.79 28.23
N ILE C 371 3.30 22.99 28.65
CA ILE C 371 3.79 22.37 29.86
C ILE C 371 2.88 22.73 31.02
N ALA C 372 2.52 24.01 31.13
CA ALA C 372 1.74 24.45 32.28
C ALA C 372 0.32 23.91 32.22
N TYR C 373 -0.27 23.89 31.03
CA TYR C 373 -1.58 23.28 30.87
C TYR C 373 -1.46 21.78 31.04
N GLY C 374 -0.30 21.22 30.70
CA GLY C 374 -0.11 19.81 30.84
C GLY C 374 -0.47 19.11 29.56
N TYR C 375 0.55 18.58 28.87
CA TYR C 375 0.33 17.91 27.60
C TYR C 375 -0.84 16.94 27.67
N GLY C 376 -0.99 16.24 28.78
CA GLY C 376 -2.05 15.24 28.89
C GLY C 376 -3.43 15.81 28.71
N ASN C 377 -3.65 17.06 29.13
CA ASN C 377 -5.01 17.61 29.19
C ASN C 377 -5.42 18.31 27.91
N ILE C 378 -5.04 17.80 26.77
CA ILE C 378 -5.62 18.32 25.54
C ILE C 378 -6.77 17.41 25.21
N LYS C 379 -7.89 18.01 24.82
CA LYS C 379 -9.14 17.25 24.86
C LYS C 379 -9.24 16.20 23.77
N TYR C 380 -8.87 16.60 22.57
CA TYR C 380 -9.03 15.83 21.34
C TYR C 380 -8.50 14.42 21.09
N GLU C 381 -9.39 13.66 20.42
CA GLU C 381 -9.15 12.34 19.88
C GLU C 381 -10.05 12.33 18.64
N PRO C 382 -10.16 11.24 17.86
CA PRO C 382 -10.89 11.38 16.58
C PRO C 382 -12.26 12.05 16.64
N CYS C 386 -8.21 4.04 7.53
CA CYS C 386 -7.74 4.36 8.85
C CYS C 386 -8.41 3.47 9.88
N LYS C 387 -8.26 2.16 9.73
CA LYS C 387 -8.96 1.24 10.62
C LYS C 387 -8.29 -0.13 10.55
N LYS C 388 -8.94 -1.13 11.14
CA LYS C 388 -8.52 -2.51 10.97
C LYS C 388 -8.38 -2.84 9.49
N HIS C 389 -9.49 -2.78 8.77
CA HIS C 389 -9.47 -2.60 7.33
C HIS C 389 -8.97 -3.78 6.52
N SER C 390 -8.31 -4.75 7.14
CA SER C 390 -7.76 -5.76 6.25
C SER C 390 -7.32 -7.00 7.00
N LEU C 391 -7.57 -8.13 6.38
CA LEU C 391 -7.16 -9.45 6.79
C LEU C 391 -6.40 -10.16 5.69
N ASN C 392 -6.86 -10.01 4.45
CA ASN C 392 -6.27 -10.70 3.31
C ASN C 392 -4.87 -10.19 3.02
N ASN C 393 -4.43 -9.15 3.71
CA ASN C 393 -3.03 -8.78 3.66
C ASN C 393 -2.26 -9.66 4.62
N CYS C 394 -2.87 -10.04 5.72
CA CYS C 394 -2.21 -10.92 6.66
C CYS C 394 -2.43 -12.39 6.33
N SER C 395 -3.08 -12.69 5.21
CA SER C 395 -3.07 -14.08 4.74
C SER C 395 -1.77 -14.38 4.02
N GLU C 396 -1.23 -13.41 3.27
CA GLU C 396 0.02 -13.65 2.59
C GLU C 396 1.09 -14.14 3.55
N LEU C 397 0.96 -13.80 4.84
CA LEU C 397 1.80 -14.39 5.86
C LEU C 397 1.74 -15.90 5.78
N PHE C 398 0.54 -16.44 5.95
CA PHE C 398 0.33 -17.88 5.86
C PHE C 398 0.90 -18.42 4.57
N ARG C 399 0.60 -17.75 3.47
CA ARG C 399 1.07 -18.22 2.16
C ARG C 399 2.59 -18.38 2.14
N ASN C 400 3.31 -17.33 2.54
CA ASN C 400 4.76 -17.39 2.55
C ASN C 400 5.26 -18.49 3.45
N VAL C 401 4.81 -18.51 4.70
CA VAL C 401 5.25 -19.53 5.64
C VAL C 401 4.96 -20.91 5.11
N LEU C 402 3.91 -21.05 4.32
CA LEU C 402 3.52 -22.37 3.86
C LEU C 402 4.42 -22.82 2.74
N VAL C 403 4.70 -21.93 1.79
CA VAL C 403 5.55 -22.36 0.70
C VAL C 403 7.00 -22.46 1.15
N GLU C 404 7.36 -21.81 2.25
CA GLU C 404 8.69 -22.03 2.81
C GLU C 404 8.94 -23.50 3.12
N CYS C 405 7.90 -24.27 3.40
CA CYS C 405 8.03 -25.69 3.74
C CYS C 405 7.82 -26.58 2.54
N GLY C 406 8.28 -26.16 1.36
CA GLY C 406 8.21 -27.02 0.19
C GLY C 406 6.82 -27.29 -0.33
N TYR C 407 5.81 -26.66 0.24
CA TYR C 407 4.42 -26.82 -0.17
C TYR C 407 4.11 -25.95 -1.38
N THR C 408 3.49 -26.54 -2.38
CA THR C 408 3.15 -25.82 -3.60
C THR C 408 1.67 -25.48 -3.60
N GLU C 409 1.32 -24.38 -4.25
CA GLU C 409 -0.05 -23.92 -4.26
C GLU C 409 -0.82 -24.61 -5.37
N VAL C 410 -2.11 -24.82 -5.13
CA VAL C 410 -3.00 -25.43 -6.10
C VAL C 410 -4.32 -24.69 -6.05
N MET C 411 -4.87 -24.37 -7.22
CA MET C 411 -6.18 -23.74 -7.32
C MET C 411 -7.20 -24.81 -7.71
N THR C 412 -8.11 -25.10 -6.80
CA THR C 412 -9.12 -26.12 -7.02
C THR C 412 -10.15 -25.64 -8.04
N ASN C 413 -11.08 -26.52 -8.38
CA ASN C 413 -12.22 -26.11 -9.17
C ASN C 413 -13.21 -25.33 -8.31
N ALA C 414 -14.07 -24.60 -9.01
CA ALA C 414 -15.05 -23.75 -8.34
C ALA C 414 -15.97 -24.56 -7.43
N LEU C 415 -16.62 -25.58 -7.99
CA LEU C 415 -17.70 -26.28 -7.32
C LEU C 415 -17.52 -27.78 -7.51
N LEU C 416 -18.25 -28.55 -6.71
CA LEU C 416 -18.08 -29.99 -6.63
C LEU C 416 -19.42 -30.71 -6.74
N SER C 417 -19.36 -31.95 -7.19
CA SER C 417 -20.54 -32.80 -7.25
C SER C 417 -21.12 -32.99 -5.87
N ARG C 418 -22.44 -33.22 -5.80
CA ARG C 418 -23.07 -33.43 -4.51
C ARG C 418 -22.43 -34.61 -3.81
N ASP C 419 -22.62 -35.80 -4.38
CA ASP C 419 -22.07 -37.01 -3.80
C ASP C 419 -20.56 -36.93 -3.63
N GLU C 420 -19.88 -36.09 -4.40
CA GLU C 420 -18.45 -35.93 -4.23
C GLU C 420 -18.10 -35.39 -2.86
N ASN C 421 -18.97 -34.60 -2.26
CA ASN C 421 -18.75 -34.09 -0.92
C ASN C 421 -19.73 -34.64 0.09
N TYR C 422 -20.71 -35.40 -0.34
CA TYR C 422 -21.71 -35.90 0.59
C TYR C 422 -21.76 -37.41 0.65
N ASN C 423 -21.70 -38.08 -0.50
CA ASN C 423 -21.81 -39.53 -0.54
C ASN C 423 -20.44 -40.21 -0.56
N CYS C 424 -19.45 -39.64 -1.23
CA CYS C 424 -18.11 -40.21 -1.16
C CYS C 424 -17.59 -40.20 0.27
N MET C 425 -17.47 -39.02 0.86
CA MET C 425 -17.25 -38.93 2.29
C MET C 425 -18.55 -39.24 3.00
N LEU C 426 -18.45 -39.86 4.18
CA LEU C 426 -19.67 -40.26 4.87
C LEU C 426 -20.33 -39.05 5.51
N ARG C 427 -20.99 -38.24 4.70
CA ARG C 427 -21.46 -36.94 5.12
C ARG C 427 -22.98 -36.92 5.30
N THR C 428 -23.42 -36.50 6.48
CA THR C 428 -24.76 -35.96 6.68
C THR C 428 -24.51 -34.50 6.96
N HIS C 429 -25.06 -33.63 6.13
CA HIS C 429 -24.48 -32.30 6.17
C HIS C 429 -25.15 -31.33 7.13
N LYS C 430 -26.46 -31.18 7.03
CA LYS C 430 -27.09 -29.99 7.55
C LYS C 430 -27.72 -30.14 8.92
N SER C 431 -27.46 -29.13 9.76
CA SER C 431 -28.19 -28.85 10.99
C SER C 431 -28.51 -27.35 10.95
N TYR C 432 -29.23 -26.94 9.91
CA TYR C 432 -29.41 -25.52 9.61
C TYR C 432 -29.62 -24.67 10.83
N ASP C 433 -30.59 -25.03 11.66
CA ASP C 433 -30.84 -24.25 12.85
C ASP C 433 -29.59 -24.15 13.71
N ASP C 434 -28.81 -25.23 13.82
CA ASP C 434 -27.55 -25.15 14.53
C ASP C 434 -27.74 -24.58 15.92
N PRO C 435 -28.11 -25.39 16.90
CA PRO C 435 -28.78 -24.90 18.11
C PRO C 435 -28.50 -23.47 18.56
N ASN C 436 -27.26 -23.03 18.49
CA ASN C 436 -26.90 -21.66 18.83
C ASN C 436 -27.70 -20.82 17.87
N ILE C 437 -28.36 -19.83 18.44
CA ILE C 437 -29.33 -19.05 17.72
C ILE C 437 -28.72 -18.42 16.49
N ASN C 438 -27.56 -17.84 16.60
CA ASN C 438 -26.92 -17.36 15.43
C ASN C 438 -25.82 -18.38 15.45
N LEU C 439 -25.84 -19.34 14.52
CA LEU C 439 -24.93 -20.52 14.44
C LEU C 439 -23.57 -20.44 15.07
N ASP C 440 -22.58 -19.96 14.34
CA ASP C 440 -21.23 -19.80 14.81
C ASP C 440 -20.59 -18.86 13.84
N GLU C 441 -20.10 -17.75 14.32
CA GLU C 441 -19.50 -16.82 13.39
C GLU C 441 -18.19 -17.41 12.89
N TYR C 442 -17.40 -17.84 13.83
CA TYR C 442 -16.17 -18.60 13.62
C TYR C 442 -16.46 -20.07 13.83
N ASN C 443 -16.44 -20.86 12.77
CA ASN C 443 -16.61 -22.29 12.96
C ASN C 443 -16.47 -23.05 11.67
N PRO C 444 -16.20 -24.37 11.73
CA PRO C 444 -16.10 -25.16 10.49
C PRO C 444 -17.45 -25.21 9.81
N LEU C 445 -17.57 -26.02 8.79
CA LEU C 445 -18.64 -25.85 7.84
C LEU C 445 -19.45 -27.11 7.70
N ALA C 446 -20.77 -26.91 7.76
CA ALA C 446 -21.81 -27.87 7.40
C ALA C 446 -22.94 -27.02 6.83
N ALA C 447 -24.14 -27.55 6.79
CA ALA C 447 -25.31 -26.79 6.37
C ALA C 447 -25.03 -26.16 5.00
N PRO C 448 -24.76 -26.99 3.99
CA PRO C 448 -24.10 -26.51 2.79
C PRO C 448 -25.00 -25.62 1.96
N ILE C 449 -24.40 -25.00 0.95
CA ILE C 449 -25.13 -24.14 0.02
C ILE C 449 -25.27 -24.91 -1.28
N GLN C 450 -26.50 -25.11 -1.70
CA GLN C 450 -26.81 -25.88 -2.89
C GLN C 450 -26.94 -24.92 -4.07
N ILE C 451 -27.31 -25.48 -5.23
CA ILE C 451 -27.31 -24.73 -6.48
C ILE C 451 -28.46 -25.19 -7.35
N LYS C 452 -28.92 -24.31 -8.22
CA LYS C 452 -29.88 -24.74 -9.22
C LYS C 452 -29.13 -25.43 -10.34
N ASN C 453 -29.80 -26.38 -10.99
CA ASN C 453 -29.16 -27.18 -12.01
C ASN C 453 -28.71 -26.33 -13.18
N SER C 454 -27.48 -26.56 -13.64
CA SER C 454 -26.89 -25.90 -14.80
C SER C 454 -26.61 -26.94 -15.88
N LYS C 455 -26.14 -26.44 -17.03
CA LYS C 455 -25.77 -27.30 -18.16
C LYS C 455 -24.58 -28.20 -17.86
N THR C 456 -23.86 -27.93 -16.78
CA THR C 456 -22.69 -28.73 -16.45
C THR C 456 -23.11 -30.01 -15.74
N SER C 457 -22.21 -30.99 -15.75
CA SER C 457 -22.43 -32.28 -15.13
C SER C 457 -21.76 -32.40 -13.77
N GLU C 458 -21.02 -31.38 -13.33
CA GLU C 458 -20.33 -31.43 -12.05
C GLU C 458 -20.54 -30.17 -11.23
N TYR C 459 -21.45 -29.30 -11.64
CA TYR C 459 -21.70 -28.03 -10.97
C TYR C 459 -23.01 -28.11 -10.18
N GLU C 460 -23.01 -28.99 -9.18
CA GLU C 460 -24.20 -29.27 -8.38
C GLU C 460 -24.22 -28.56 -7.04
N ILE C 461 -23.07 -28.23 -6.45
CA ILE C 461 -23.04 -27.55 -5.16
C ILE C 461 -21.71 -26.86 -4.99
N ILE C 462 -21.67 -25.84 -4.14
CA ILE C 462 -20.43 -25.14 -3.82
C ILE C 462 -19.69 -25.95 -2.78
N ARG C 463 -18.43 -25.59 -2.53
CA ARG C 463 -17.61 -26.25 -1.53
C ARG C 463 -18.17 -26.03 -0.13
N THR C 464 -17.82 -26.95 0.77
CA THR C 464 -18.07 -26.80 2.20
C THR C 464 -16.81 -27.15 2.96
N SER C 465 -16.02 -28.05 2.39
CA SER C 465 -14.67 -28.38 2.84
C SER C 465 -13.91 -28.64 1.58
N LEU C 466 -12.98 -27.78 1.26
CA LEU C 466 -12.41 -27.78 -0.08
C LEU C 466 -11.52 -28.99 -0.33
N ILE C 467 -11.03 -29.64 0.73
CA ILE C 467 -10.01 -30.67 0.60
C ILE C 467 -10.39 -31.71 -0.44
N VAL C 468 -11.69 -31.95 -0.63
CA VAL C 468 -12.12 -33.00 -1.54
C VAL C 468 -11.63 -32.70 -2.94
N ASN C 469 -11.86 -31.48 -3.42
CA ASN C 469 -11.32 -31.10 -4.72
C ASN C 469 -9.82 -31.31 -4.73
N LEU C 470 -9.14 -30.92 -3.64
CA LEU C 470 -7.72 -31.20 -3.54
C LEU C 470 -7.50 -32.69 -3.74
N LEU C 471 -8.24 -33.51 -3.00
CA LEU C 471 -8.14 -34.94 -3.19
C LEU C 471 -8.38 -35.31 -4.65
N LYS C 472 -9.43 -34.73 -5.25
CA LYS C 472 -9.68 -35.00 -6.66
C LYS C 472 -8.46 -34.69 -7.49
N PHE C 473 -7.84 -33.54 -7.23
CA PHE C 473 -6.64 -33.16 -7.97
C PHE C 473 -5.58 -34.23 -7.90
N VAL C 474 -5.38 -34.83 -6.72
CA VAL C 474 -4.30 -35.81 -6.61
C VAL C 474 -4.65 -37.08 -7.38
N SER C 475 -5.94 -37.36 -7.57
CA SER C 475 -6.27 -38.47 -8.43
C SER C 475 -5.96 -38.19 -9.88
N ALA C 476 -5.41 -37.02 -10.19
CA ALA C 476 -5.19 -36.61 -11.56
C ALA C 476 -3.76 -36.76 -12.05
N ASN C 477 -2.79 -36.77 -11.16
CA ASN C 477 -1.37 -36.74 -11.54
C ASN C 477 -0.65 -37.86 -10.78
N LYS C 478 -0.80 -39.09 -11.26
CA LYS C 478 -0.30 -40.26 -10.56
C LYS C 478 1.12 -40.64 -10.93
N HIS C 479 1.89 -39.74 -11.52
CA HIS C 479 3.26 -40.06 -11.88
C HIS C 479 4.29 -39.10 -11.32
N ARG C 480 3.89 -38.10 -10.56
CA ARG C 480 4.84 -37.08 -10.13
C ARG C 480 5.70 -37.60 -8.99
N GLU C 481 6.46 -36.70 -8.35
CA GLU C 481 7.39 -37.06 -7.31
C GLU C 481 6.68 -37.77 -6.16
N LEU C 482 7.47 -38.51 -5.37
CA LEU C 482 6.88 -39.30 -4.30
C LEU C 482 6.16 -38.42 -3.28
N PRO C 483 6.80 -37.47 -2.62
CA PRO C 483 6.08 -36.64 -1.66
C PRO C 483 5.40 -35.48 -2.35
N LEU C 484 4.07 -35.54 -2.40
CA LEU C 484 3.25 -34.49 -2.95
C LEU C 484 2.73 -33.66 -1.80
N ARG C 485 3.07 -32.38 -1.81
CA ARG C 485 2.79 -31.50 -0.70
C ARG C 485 2.09 -30.25 -1.24
N PHE C 486 0.83 -30.08 -0.88
CA PHE C 486 0.01 -29.01 -1.45
C PHE C 486 -0.81 -28.32 -0.38
N PHE C 487 -1.36 -27.16 -0.74
CA PHE C 487 -2.16 -26.37 0.18
C PHE C 487 -3.06 -25.45 -0.63
N GLU C 488 -4.01 -24.81 0.05
CA GLU C 488 -4.92 -23.89 -0.62
C GLU C 488 -5.63 -22.98 0.37
N ILE C 489 -5.69 -21.70 0.03
CA ILE C 489 -6.54 -20.72 0.67
C ILE C 489 -7.70 -20.45 -0.28
N GLY C 490 -8.84 -20.08 0.28
CA GLY C 490 -9.93 -19.73 -0.60
C GLY C 490 -11.16 -19.34 0.18
N ASP C 491 -12.18 -18.94 -0.55
CA ASP C 491 -13.48 -18.63 0.01
C ASP C 491 -14.39 -19.84 -0.20
N VAL C 492 -15.12 -20.21 0.84
CA VAL C 492 -16.11 -21.27 0.79
C VAL C 492 -17.44 -20.65 1.21
N SER C 493 -18.53 -21.38 1.00
CA SER C 493 -19.84 -20.80 1.27
C SER C 493 -20.82 -21.85 1.75
N TYR C 494 -21.64 -21.48 2.73
CA TYR C 494 -22.72 -22.35 3.21
C TYR C 494 -23.96 -21.50 3.47
N ALA C 495 -25.05 -22.19 3.80
CA ALA C 495 -26.34 -21.56 3.99
C ALA C 495 -26.53 -21.01 5.39
N THR C 496 -27.08 -19.80 5.48
CA THR C 496 -27.31 -19.14 6.75
C THR C 496 -28.74 -18.63 6.84
N TYR C 497 -29.45 -19.07 7.88
CA TYR C 497 -30.82 -18.66 8.12
C TYR C 497 -30.91 -17.21 8.60
N ASN C 498 -30.10 -16.85 9.60
CA ASN C 498 -30.32 -15.66 10.39
C ASN C 498 -29.87 -14.36 9.75
N GLN C 499 -29.70 -13.32 10.57
CA GLN C 499 -29.36 -11.96 10.18
C GLN C 499 -28.20 -11.83 9.21
N THR C 500 -27.62 -12.96 8.84
CA THR C 500 -26.62 -12.94 7.80
C THR C 500 -27.29 -12.44 6.53
N ASP C 501 -26.74 -11.39 5.95
CA ASP C 501 -27.33 -10.88 4.73
C ASP C 501 -27.31 -11.95 3.65
N THR C 502 -28.21 -11.81 2.67
CA THR C 502 -28.35 -12.73 1.55
C THR C 502 -28.72 -14.13 1.99
N ASN C 503 -28.89 -14.34 3.28
CA ASN C 503 -29.20 -15.66 3.83
C ASN C 503 -28.14 -16.68 3.45
N ALA C 504 -26.89 -16.25 3.35
CA ALA C 504 -25.81 -17.17 3.00
C ALA C 504 -24.51 -16.54 3.41
N VAL C 505 -23.52 -17.37 3.68
CA VAL C 505 -22.25 -16.87 4.19
C VAL C 505 -21.14 -17.46 3.37
N ASN C 506 -20.06 -16.69 3.28
CA ASN C 506 -18.87 -17.05 2.51
C ASN C 506 -17.68 -16.67 3.36
N LYS C 507 -17.00 -17.69 3.88
CA LYS C 507 -15.89 -17.53 4.79
C LYS C 507 -14.64 -18.13 4.19
N LYS C 508 -13.48 -17.63 4.61
CA LYS C 508 -12.21 -18.06 4.05
C LYS C 508 -11.59 -19.15 4.89
N TYR C 509 -11.07 -20.18 4.22
CA TYR C 509 -10.40 -21.27 4.89
C TYR C 509 -9.11 -21.62 4.14
N LEU C 510 -8.38 -22.57 4.72
CA LEU C 510 -7.17 -23.13 4.15
C LEU C 510 -7.07 -24.60 4.52
N SER C 511 -6.66 -25.41 3.56
CA SER C 511 -6.40 -26.80 3.84
C SER C 511 -5.07 -27.17 3.20
N ILE C 512 -4.39 -28.13 3.82
CA ILE C 512 -3.09 -28.57 3.32
C ILE C 512 -3.04 -30.08 3.41
N ILE C 513 -2.26 -30.67 2.52
CA ILE C 513 -2.23 -32.13 2.40
C ILE C 513 -0.83 -32.58 2.03
N PHE C 514 -0.47 -33.74 2.55
CA PHE C 514 0.79 -34.41 2.26
C PHE C 514 0.51 -35.83 1.81
N SER C 515 1.31 -36.34 0.89
CA SER C 515 1.24 -37.75 0.55
C SER C 515 2.60 -38.26 0.07
N ASP C 516 2.93 -39.48 0.46
CA ASP C 516 4.12 -40.16 -0.05
C ASP C 516 3.74 -41.53 -0.54
N LYS C 517 4.40 -41.96 -1.62
CA LYS C 517 4.09 -43.22 -2.27
C LYS C 517 4.10 -44.39 -1.31
N PHE C 518 4.79 -44.27 -0.18
CA PHE C 518 4.96 -45.40 0.73
C PHE C 518 4.35 -45.18 2.10
N THR C 519 4.74 -44.14 2.83
CA THR C 519 4.55 -44.26 4.27
C THR C 519 3.41 -43.49 4.91
N ALA C 520 3.54 -42.18 5.06
CA ALA C 520 2.51 -41.39 5.73
C ALA C 520 2.86 -39.93 5.84
N GLY C 521 2.04 -39.17 6.55
CA GLY C 521 2.42 -37.87 7.03
C GLY C 521 2.25 -37.81 8.54
N LEU C 522 1.64 -36.73 9.01
CA LEU C 522 1.26 -36.50 10.40
C LEU C 522 2.44 -36.27 11.33
N GLU C 523 3.63 -36.69 10.92
CA GLU C 523 4.80 -36.20 11.62
C GLU C 523 5.17 -34.85 11.05
N GLU C 524 5.27 -34.78 9.73
CA GLU C 524 5.51 -33.52 9.05
C GLU C 524 4.40 -32.53 9.33
N LEU C 525 3.15 -32.96 9.13
CA LEU C 525 2.03 -32.03 9.26
C LEU C 525 2.02 -31.37 10.62
N HIS C 526 2.37 -32.13 11.66
CA HIS C 526 2.44 -31.53 12.98
C HIS C 526 3.50 -30.44 13.03
N GLY C 527 4.70 -30.74 12.54
CA GLY C 527 5.73 -29.72 12.46
C GLY C 527 5.29 -28.52 11.66
N VAL C 528 4.56 -28.76 10.59
CA VAL C 528 4.08 -27.67 9.74
C VAL C 528 3.15 -26.78 10.54
N LEU C 529 2.15 -27.40 11.16
CA LEU C 529 1.19 -26.66 11.96
C LEU C 529 1.89 -25.83 13.02
N GLU C 530 2.72 -26.46 13.85
CA GLU C 530 3.40 -25.69 14.88
C GLU C 530 4.26 -24.59 14.28
N ALA C 531 4.81 -24.80 13.09
CA ALA C 531 5.68 -23.79 12.50
C ALA C 531 4.88 -22.60 12.03
N ILE C 532 3.73 -22.86 11.41
CA ILE C 532 2.84 -21.78 11.02
C ILE C 532 2.40 -21.00 12.23
N LEU C 533 2.07 -21.70 13.29
CA LEU C 533 1.55 -21.09 14.51
C LEU C 533 2.63 -20.48 15.39
N LYS C 534 3.90 -20.70 15.05
CA LYS C 534 5.02 -20.13 15.80
C LYS C 534 5.28 -18.67 15.50
N GLU C 535 4.84 -18.16 14.37
CA GLU C 535 4.98 -16.74 14.09
C GLU C 535 3.83 -15.94 14.67
N TYR C 536 2.88 -16.61 15.34
CA TYR C 536 1.74 -16.02 16.04
C TYR C 536 1.72 -16.32 17.54
N GLN C 537 2.58 -17.22 18.02
CA GLN C 537 2.77 -17.65 19.41
C GLN C 537 1.84 -18.76 19.91
N LEU C 538 0.86 -19.19 19.15
CA LEU C 538 -0.02 -20.26 19.63
C LEU C 538 0.74 -21.57 19.74
N PHE C 539 0.68 -22.24 20.91
CA PHE C 539 1.53 -23.41 21.12
C PHE C 539 0.81 -24.54 21.88
N SER C 540 0.25 -25.47 21.12
CA SER C 540 0.04 -26.86 21.47
C SER C 540 -0.28 -27.24 22.91
N ASP C 541 -0.81 -26.34 23.74
CA ASP C 541 -1.32 -26.73 25.05
C ASP C 541 -0.21 -27.24 25.97
N TYR C 542 0.90 -27.66 25.40
CA TYR C 542 1.94 -28.37 26.12
C TYR C 542 3.30 -27.71 25.98
N LYS C 543 3.58 -27.12 24.82
CA LYS C 543 4.84 -26.40 24.68
C LYS C 543 4.91 -25.26 25.67
N ILE C 544 3.80 -24.58 25.91
CA ILE C 544 3.82 -23.51 26.91
C ILE C 544 4.09 -24.10 28.28
N GLU C 545 3.53 -25.27 28.58
CA GLU C 545 3.88 -25.97 29.81
C GLU C 545 5.39 -26.19 29.84
N GLU C 546 5.90 -26.92 28.84
CA GLU C 546 7.32 -27.22 28.81
C GLU C 546 8.14 -25.96 29.07
N LYS C 547 7.81 -24.86 28.39
CA LYS C 547 8.54 -23.62 28.62
C LYS C 547 8.38 -23.16 30.07
N LYS C 548 7.17 -23.25 30.61
CA LYS C 548 7.00 -23.04 32.05
C LYS C 548 7.86 -24.03 32.82
N LYS C 549 7.86 -25.28 32.38
CA LYS C 549 8.79 -26.26 32.91
C LYS C 549 10.22 -25.99 32.51
N GLU C 550 10.48 -24.90 31.78
CA GLU C 550 11.83 -24.57 31.35
C GLU C 550 12.22 -23.11 31.55
N ASN C 551 11.27 -22.20 31.64
CA ASN C 551 11.52 -20.78 31.88
C ASN C 551 12.22 -20.10 30.70
N ASP C 557 -0.21 -17.22 27.87
CA ASP C 557 -1.11 -18.20 27.27
C ASP C 557 -1.97 -17.53 26.22
N MET C 558 -3.25 -17.87 26.22
CA MET C 558 -4.21 -17.41 25.20
C MET C 558 -3.87 -18.02 23.84
N TYR C 559 -3.72 -19.34 23.81
CA TYR C 559 -3.30 -20.10 22.64
C TYR C 559 -4.17 -21.36 22.53
N TYR C 560 -3.79 -22.31 21.67
CA TYR C 560 -4.66 -23.37 21.18
C TYR C 560 -4.33 -24.74 21.81
N LYS C 561 -5.00 -25.78 21.32
CA LYS C 561 -4.82 -27.16 21.77
C LYS C 561 -5.50 -28.11 20.79
N LEU C 562 -4.90 -29.27 20.57
CA LEU C 562 -5.45 -30.28 19.67
C LEU C 562 -6.09 -31.41 20.46
N ILE C 563 -7.40 -31.54 20.36
CA ILE C 563 -8.15 -32.57 21.07
C ILE C 563 -8.51 -33.67 20.08
N PRO C 564 -8.18 -34.92 20.34
CA PRO C 564 -8.66 -36.01 19.49
C PRO C 564 -10.18 -36.08 19.53
N LYS C 565 -10.77 -36.44 18.39
CA LYS C 565 -12.20 -36.51 18.26
C LYS C 565 -12.54 -37.75 17.44
N GLU C 566 -13.79 -37.81 16.98
CA GLU C 566 -14.25 -38.94 16.18
C GLU C 566 -15.05 -38.39 15.00
N ASP C 567 -14.50 -38.52 13.81
CA ASP C 567 -15.19 -38.23 12.58
C ASP C 567 -14.94 -39.36 11.59
N PRO C 568 -15.97 -39.82 10.88
CA PRO C 568 -15.80 -41.00 10.03
C PRO C 568 -14.83 -40.79 8.90
N SER C 569 -14.79 -39.59 8.33
CA SER C 569 -13.95 -39.34 7.18
C SER C 569 -12.47 -39.62 7.46
N PHE C 570 -12.06 -39.61 8.72
CA PHE C 570 -10.66 -39.77 9.08
C PHE C 570 -10.44 -41.10 9.81
N LEU C 571 -9.18 -41.51 9.85
CA LEU C 571 -8.79 -42.80 10.43
C LEU C 571 -8.77 -42.74 11.93
N ASN C 572 -9.34 -43.75 12.58
CA ASN C 572 -9.47 -43.75 14.02
C ASN C 572 -8.10 -43.72 14.69
N GLU C 573 -8.07 -43.11 15.87
CA GLU C 573 -6.85 -42.90 16.65
C GLU C 573 -5.88 -42.00 15.90
N ARG C 574 -6.30 -41.50 14.73
CA ARG C 574 -5.51 -40.61 13.90
C ARG C 574 -6.37 -39.45 13.35
N ILE C 575 -7.12 -38.79 14.22
CA ILE C 575 -7.94 -37.64 13.83
C ILE C 575 -8.06 -36.73 15.02
N VAL C 576 -7.85 -35.43 14.81
CA VAL C 576 -7.85 -34.47 15.90
C VAL C 576 -8.51 -33.18 15.45
N ASP C 577 -9.43 -32.69 16.26
CA ASP C 577 -9.96 -31.35 16.14
C ASP C 577 -9.05 -30.39 16.87
N ILE C 578 -9.19 -29.11 16.55
CA ILE C 578 -8.36 -28.08 17.16
C ILE C 578 -9.27 -27.13 17.93
N VAL C 579 -8.68 -26.44 18.89
CA VAL C 579 -9.42 -25.68 19.89
C VAL C 579 -8.58 -24.49 20.31
N LEU C 580 -9.24 -23.42 20.74
CA LEU C 580 -8.55 -22.20 21.18
C LEU C 580 -8.68 -21.95 22.67
N HIS C 583 -11.13 -20.61 24.17
CA HIS C 583 -12.47 -20.11 23.94
C HIS C 583 -13.33 -21.25 23.43
N ASN C 584 -12.71 -22.42 23.37
CA ASN C 584 -13.38 -23.67 23.01
C ASN C 584 -14.16 -23.53 21.70
N LEU C 585 -13.48 -22.98 20.71
CA LEU C 585 -14.03 -22.74 19.39
C LEU C 585 -13.30 -23.64 18.40
N LYS C 586 -13.94 -24.69 17.93
CA LYS C 586 -13.26 -25.57 17.00
C LYS C 586 -13.25 -24.90 15.64
N PHE C 587 -12.08 -24.89 15.01
CA PHE C 587 -11.92 -24.25 13.72
C PHE C 587 -11.10 -25.05 12.73
N GLY C 588 -10.35 -26.06 13.16
CA GLY C 588 -9.52 -26.83 12.28
C GLY C 588 -9.60 -28.30 12.62
N VAL C 589 -9.23 -29.12 11.63
CA VAL C 589 -9.10 -30.55 11.81
C VAL C 589 -7.81 -31.00 11.17
N LEU C 590 -7.28 -32.11 11.69
CA LEU C 590 -6.06 -32.73 11.22
C LEU C 590 -6.24 -34.23 11.26
N GLY C 591 -5.99 -34.92 10.14
CA GLY C 591 -6.29 -36.33 10.18
C GLY C 591 -5.71 -37.10 9.03
N ILE C 592 -5.78 -38.42 9.18
CA ILE C 592 -5.49 -39.39 8.14
C ILE C 592 -6.81 -39.93 7.61
N ILE C 593 -7.07 -39.74 6.32
CA ILE C 593 -8.35 -40.13 5.76
C ILE C 593 -8.50 -41.64 5.77
N HIS C 594 -9.72 -42.11 5.82
CA HIS C 594 -9.94 -43.54 5.87
C HIS C 594 -9.68 -44.15 4.51
N PRO C 595 -9.11 -45.36 4.47
CA PRO C 595 -8.76 -45.95 3.16
C PRO C 595 -9.93 -46.07 2.24
N LYS C 596 -11.14 -46.21 2.79
CA LYS C 596 -12.30 -46.33 1.93
C LYS C 596 -12.44 -45.12 1.03
N VAL C 597 -12.21 -43.93 1.57
CA VAL C 597 -12.30 -42.74 0.73
C VAL C 597 -11.23 -42.79 -0.36
N LEU C 598 -10.05 -43.29 -0.02
CA LEU C 598 -9.02 -43.41 -1.04
C LEU C 598 -9.47 -44.35 -2.15
N GLU C 599 -10.12 -45.46 -1.78
CA GLU C 599 -10.76 -46.30 -2.77
C GLU C 599 -11.76 -45.53 -3.61
N ASN C 600 -12.51 -44.62 -2.98
CA ASN C 600 -13.47 -43.81 -3.72
C ASN C 600 -12.76 -42.96 -4.75
N PHE C 601 -11.68 -42.30 -4.37
CA PHE C 601 -11.07 -41.32 -5.23
C PHE C 601 -10.03 -41.92 -6.16
N SER C 602 -10.09 -43.23 -6.40
CA SER C 602 -9.14 -43.90 -7.29
C SER C 602 -7.71 -43.59 -6.88
N LEU C 603 -7.48 -43.48 -5.57
CA LEU C 603 -6.15 -43.30 -5.01
C LEU C 603 -5.55 -44.62 -4.55
N ASP C 604 -4.23 -44.61 -4.40
CA ASP C 604 -3.46 -45.81 -4.09
C ASP C 604 -2.56 -45.57 -2.89
N ILE C 605 -2.10 -44.34 -2.72
CA ILE C 605 -1.10 -44.03 -1.71
C ILE C 605 -1.71 -43.26 -0.54
N PRO C 606 -1.22 -43.46 0.67
CA PRO C 606 -1.84 -42.82 1.84
C PRO C 606 -1.51 -41.34 1.92
N VAL C 607 -2.52 -40.56 2.28
CA VAL C 607 -2.42 -39.11 2.36
C VAL C 607 -2.85 -38.67 3.76
N SER C 608 -2.39 -37.50 4.17
CA SER C 608 -2.84 -36.85 5.39
C SER C 608 -3.21 -35.41 5.09
N ALA C 609 -4.12 -34.84 5.88
CA ALA C 609 -4.57 -33.50 5.54
C ALA C 609 -5.10 -32.76 6.76
N ILE C 610 -5.14 -31.43 6.64
CA ILE C 610 -5.71 -30.54 7.63
C ILE C 610 -6.56 -29.49 6.94
N GLU C 611 -7.59 -29.02 7.64
CA GLU C 611 -8.54 -28.01 7.16
C GLU C 611 -8.81 -27.06 8.31
N ILE C 612 -8.40 -25.80 8.18
CA ILE C 612 -8.53 -24.85 9.27
C ILE C 612 -9.06 -23.52 8.76
N ASN C 613 -9.88 -22.89 9.57
CA ASN C 613 -10.31 -21.52 9.32
C ASN C 613 -9.15 -20.57 9.52
N VAL C 614 -9.40 -19.32 9.12
CA VAL C 614 -8.48 -18.23 9.39
C VAL C 614 -9.19 -17.08 10.10
N GLU C 615 -10.39 -16.71 9.66
CA GLU C 615 -11.18 -15.64 10.27
C GLU C 615 -11.19 -15.79 11.78
N THR C 616 -11.12 -17.04 12.22
CA THR C 616 -10.96 -17.38 13.60
C THR C 616 -9.56 -16.98 14.08
N PRO D 2 -25.72 -11.24 -29.89
CA PRO D 2 -26.43 -11.25 -31.15
C PRO D 2 -26.16 -12.52 -31.89
N THR D 3 -26.03 -12.41 -33.18
CA THR D 3 -25.75 -13.55 -33.97
C THR D 3 -25.01 -13.11 -35.23
N ILE D 4 -24.92 -13.96 -36.22
CA ILE D 4 -24.11 -13.57 -37.37
C ILE D 4 -24.95 -13.60 -38.64
N SER D 5 -26.24 -13.33 -38.51
CA SER D 5 -27.18 -13.48 -39.62
C SER D 5 -26.94 -12.51 -40.76
N VAL D 6 -25.88 -11.73 -40.83
CA VAL D 6 -25.68 -10.85 -41.97
C VAL D 6 -25.50 -11.67 -43.24
N TYR D 7 -25.46 -11.00 -44.38
CA TYR D 7 -25.63 -11.70 -45.64
C TYR D 7 -24.69 -11.12 -46.70
N GLU D 8 -24.95 -11.52 -47.94
CA GLU D 8 -24.07 -11.46 -49.10
C GLU D 8 -23.43 -10.12 -49.42
N ASP D 9 -22.49 -10.16 -50.35
CA ASP D 9 -21.73 -8.99 -50.80
C ASP D 9 -22.62 -8.03 -51.56
N ASP D 10 -23.79 -8.46 -52.03
CA ASP D 10 -24.64 -7.66 -52.91
C ASP D 10 -24.80 -6.23 -52.45
N LEU D 11 -24.52 -5.98 -51.18
CA LEU D 11 -24.53 -4.63 -50.63
C LEU D 11 -23.74 -3.66 -51.49
N PHE D 12 -22.55 -4.04 -51.95
CA PHE D 12 -21.76 -3.11 -52.75
C PHE D 12 -22.56 -2.54 -53.90
N GLU D 13 -23.57 -3.28 -54.36
CA GLU D 13 -24.51 -2.74 -55.34
C GLU D 13 -25.50 -1.81 -54.65
N LYS D 14 -26.20 -2.34 -53.64
CA LYS D 14 -27.10 -1.54 -52.83
C LYS D 14 -26.47 -0.23 -52.41
N LEU D 15 -25.16 -0.21 -52.22
CA LEU D 15 -24.46 1.03 -51.99
C LEU D 15 -24.04 1.69 -53.30
N GLY D 16 -23.78 0.92 -54.35
CA GLY D 16 -23.40 1.52 -55.61
C GLY D 16 -22.05 2.21 -55.56
N GLU D 17 -21.11 1.64 -54.82
CA GLU D 17 -19.78 2.20 -54.66
C GLU D 17 -18.75 1.10 -54.86
N GLU D 18 -17.47 1.48 -54.82
CA GLU D 18 -16.37 0.53 -54.95
C GLU D 18 -15.27 0.89 -53.95
N ILE D 19 -15.39 0.32 -52.76
CA ILE D 19 -14.41 0.41 -51.69
C ILE D 19 -14.07 -1.03 -51.35
N ILE D 20 -12.85 -1.44 -51.65
CA ILE D 20 -12.46 -2.84 -51.55
C ILE D 20 -12.57 -3.33 -50.11
N GLU D 21 -12.51 -4.65 -49.93
CA GLU D 21 -12.30 -5.12 -48.58
C GLU D 21 -10.92 -4.66 -48.13
N GLU D 22 -10.68 -4.76 -46.84
CA GLU D 22 -9.57 -4.18 -46.09
C GLU D 22 -9.85 -2.70 -45.88
N LYS D 23 -10.78 -2.12 -46.62
CA LYS D 23 -11.20 -0.74 -46.45
C LYS D 23 -12.63 -0.64 -45.94
N LEU D 24 -13.25 -1.78 -45.62
CA LEU D 24 -14.60 -1.82 -45.10
C LEU D 24 -14.69 -2.34 -43.68
N LEU D 25 -14.11 -3.50 -43.41
CA LEU D 25 -14.01 -3.99 -42.05
C LEU D 25 -13.45 -2.92 -41.12
N ASP D 26 -12.61 -2.02 -41.64
CA ASP D 26 -12.15 -0.91 -40.83
C ASP D 26 -13.33 -0.08 -40.35
N VAL D 27 -14.22 0.30 -41.26
CA VAL D 27 -15.34 1.14 -40.87
C VAL D 27 -16.25 0.42 -39.89
N CYS D 28 -16.51 -0.87 -40.12
CA CYS D 28 -17.31 -1.62 -39.16
C CYS D 28 -16.66 -1.61 -37.78
N PHE D 29 -15.36 -1.88 -37.71
CA PHE D 29 -14.67 -1.82 -36.43
C PHE D 29 -14.80 -0.45 -35.80
N ASP D 30 -14.78 0.59 -36.62
CA ASP D 30 -15.01 1.94 -36.11
C ASP D 30 -16.48 2.24 -35.81
N PHE D 31 -17.40 1.35 -36.18
CA PHE D 31 -18.83 1.55 -35.95
C PHE D 31 -19.34 0.96 -34.65
N GLY D 32 -19.09 -0.32 -34.41
CA GLY D 32 -19.79 -1.05 -33.36
C GLY D 32 -20.05 -2.46 -33.81
N LEU D 33 -19.89 -2.67 -35.11
CA LEU D 33 -20.10 -3.97 -35.71
C LEU D 33 -18.79 -4.73 -35.73
N GLU D 34 -18.88 -6.05 -35.72
CA GLU D 34 -17.68 -6.86 -35.68
C GLU D 34 -17.98 -8.20 -36.33
N VAL D 35 -16.95 -8.76 -36.96
CA VAL D 35 -17.08 -9.99 -37.71
C VAL D 35 -15.78 -10.77 -37.57
N ASP D 36 -15.90 -12.06 -37.28
CA ASP D 36 -14.79 -12.98 -37.38
C ASP D 36 -14.72 -13.55 -38.79
N ASP D 37 -13.75 -14.44 -39.02
CA ASP D 37 -13.59 -15.04 -40.34
C ASP D 37 -14.94 -15.51 -40.88
N ILE D 38 -15.22 -15.09 -42.10
CA ILE D 38 -16.54 -15.22 -42.70
C ILE D 38 -16.40 -15.90 -44.04
N GLU D 39 -17.30 -16.84 -44.28
CA GLU D 39 -17.29 -17.70 -45.44
C GLU D 39 -18.10 -17.44 -46.67
N TYR D 40 -17.86 -18.23 -47.70
CA TYR D 40 -18.54 -18.01 -48.97
C TYR D 40 -19.48 -19.12 -49.32
N LYS D 41 -20.54 -18.76 -50.03
CA LYS D 41 -21.50 -19.73 -50.42
C LYS D 41 -20.97 -19.86 -51.78
N ASN D 42 -20.54 -21.06 -52.11
CA ASN D 42 -19.78 -21.37 -53.31
C ASN D 42 -19.45 -20.33 -54.38
N ASP D 43 -20.43 -19.64 -54.94
CA ASP D 43 -20.13 -18.63 -55.94
C ASP D 43 -20.44 -17.21 -55.47
N LYS D 44 -20.78 -17.07 -54.22
CA LYS D 44 -21.17 -15.80 -53.71
C LYS D 44 -20.39 -15.48 -52.51
N LYS D 45 -19.53 -14.48 -52.60
CA LYS D 45 -18.63 -14.08 -51.53
C LYS D 45 -19.43 -13.33 -50.47
N ILE D 46 -19.63 -13.94 -49.31
CA ILE D 46 -20.50 -13.38 -48.29
C ILE D 46 -19.75 -13.24 -46.97
N TYR D 47 -20.39 -12.58 -46.02
CA TYR D 47 -19.93 -12.53 -44.64
C TYR D 47 -21.08 -12.53 -43.64
N LYS D 48 -20.69 -12.58 -42.36
CA LYS D 48 -21.59 -12.63 -41.21
C LYS D 48 -21.14 -11.61 -40.16
N ILE D 49 -22.08 -11.03 -39.43
CA ILE D 49 -21.81 -9.85 -38.61
C ILE D 49 -22.43 -9.96 -37.21
N GLU D 50 -21.79 -9.27 -36.25
CA GLU D 50 -22.18 -9.36 -34.84
C GLU D 50 -23.50 -8.66 -34.56
N VAL D 51 -23.62 -7.37 -34.89
CA VAL D 51 -24.92 -6.69 -34.84
C VAL D 51 -25.56 -6.64 -33.46
N PRO D 52 -25.41 -5.54 -32.73
CA PRO D 52 -25.99 -5.47 -31.37
C PRO D 52 -27.50 -5.42 -31.41
N ALA D 53 -28.12 -6.02 -30.41
CA ALA D 53 -29.57 -6.01 -30.29
C ALA D 53 -30.09 -4.82 -29.52
N ASN D 54 -29.30 -3.76 -29.41
CA ASN D 54 -29.83 -2.54 -28.81
C ASN D 54 -30.77 -1.85 -29.77
N ARG D 55 -30.38 -1.75 -31.04
CA ARG D 55 -31.23 -1.17 -32.08
C ARG D 55 -31.72 -2.25 -33.03
N TYR D 56 -32.99 -2.16 -33.40
CA TYR D 56 -33.53 -3.05 -34.42
C TYR D 56 -33.21 -2.55 -35.81
N ASP D 57 -32.60 -1.38 -35.91
CA ASP D 57 -32.30 -0.77 -37.19
C ASP D 57 -31.22 -1.56 -37.92
N LEU D 58 -30.38 -2.29 -37.18
CA LEU D 58 -29.30 -3.05 -37.77
C LEU D 58 -29.59 -4.54 -37.81
N ILE D 59 -30.76 -4.97 -37.35
CA ILE D 59 -31.06 -6.40 -37.30
C ILE D 59 -31.10 -6.98 -38.70
N CYS D 60 -31.70 -6.27 -39.65
CA CYS D 60 -31.91 -6.77 -41.00
C CYS D 60 -30.86 -6.22 -41.96
N VAL D 61 -30.61 -6.97 -43.03
CA VAL D 61 -29.64 -6.56 -44.03
C VAL D 61 -30.03 -5.22 -44.65
N GLU D 62 -31.32 -4.95 -44.73
CA GLU D 62 -31.77 -3.68 -45.29
C GLU D 62 -31.41 -2.54 -44.36
N GLY D 63 -31.89 -2.60 -43.12
CA GLY D 63 -31.57 -1.55 -42.16
C GLY D 63 -30.08 -1.41 -41.93
N LEU D 64 -29.36 -2.54 -41.91
CA LEU D 64 -27.92 -2.47 -41.72
C LEU D 64 -27.25 -1.73 -42.87
N CYS D 65 -27.53 -2.15 -44.10
CA CYS D 65 -26.90 -1.50 -45.24
C CYS D 65 -27.31 -0.04 -45.33
N ARG D 66 -28.54 0.27 -44.94
CA ARG D 66 -28.98 1.65 -44.97
C ARG D 66 -28.22 2.48 -43.94
N ALA D 67 -28.05 1.96 -42.73
CA ALA D 67 -27.31 2.69 -41.72
C ALA D 67 -25.86 2.85 -42.10
N LEU D 68 -25.29 1.85 -42.76
CA LEU D 68 -23.91 1.98 -43.20
C LEU D 68 -23.79 3.02 -44.30
N LYS D 69 -24.77 3.07 -45.20
CA LYS D 69 -24.78 4.09 -46.24
C LYS D 69 -24.82 5.48 -45.62
N ASN D 70 -25.86 5.74 -44.84
CA ASN D 70 -26.00 7.03 -44.19
C ASN D 70 -24.80 7.34 -43.30
N PHE D 71 -24.12 6.31 -42.81
CA PHE D 71 -23.14 6.51 -41.75
C PHE D 71 -22.08 7.51 -42.17
N MET D 72 -21.27 7.16 -43.16
CA MET D 72 -20.15 8.02 -43.49
C MET D 72 -20.74 9.25 -44.18
N CYS D 73 -19.88 10.09 -44.74
CA CYS D 73 -20.39 11.32 -45.33
C CYS D 73 -21.21 11.04 -46.60
N LYS D 74 -22.32 10.35 -46.44
CA LYS D 74 -23.26 10.11 -47.52
C LYS D 74 -24.64 10.58 -47.08
N PHE D 75 -25.64 10.27 -47.88
CA PHE D 75 -26.96 10.86 -47.71
C PHE D 75 -27.94 9.86 -47.10
N ASP D 104 -64.39 -13.47 -19.89
CA ASP D 104 -63.64 -12.59 -20.77
C ASP D 104 -62.15 -12.78 -20.56
N ASP D 105 -61.46 -13.15 -21.63
CA ASP D 105 -60.03 -13.41 -21.59
C ASP D 105 -59.32 -12.28 -22.30
N ARG D 106 -58.54 -11.51 -21.56
CA ARG D 106 -57.95 -10.30 -22.10
C ARG D 106 -56.98 -10.71 -23.19
N ARG D 107 -57.43 -10.63 -24.43
CA ARG D 107 -56.63 -11.09 -25.55
C ARG D 107 -55.44 -10.18 -25.76
N GLY D 108 -54.31 -10.77 -26.13
CA GLY D 108 -53.14 -9.98 -26.43
C GLY D 108 -53.40 -9.23 -27.73
N TYR D 109 -53.36 -7.90 -27.68
CA TYR D 109 -53.88 -7.08 -28.77
C TYR D 109 -53.11 -7.33 -30.07
N VAL D 110 -53.69 -8.08 -30.99
CA VAL D 110 -53.08 -8.33 -32.28
C VAL D 110 -53.38 -7.22 -33.27
N VAL D 111 -52.38 -6.89 -34.07
CA VAL D 111 -52.44 -5.83 -35.08
C VAL D 111 -52.07 -6.46 -36.42
N CYS D 112 -52.71 -6.01 -37.49
CA CYS D 112 -52.54 -6.63 -38.80
C CYS D 112 -52.58 -5.59 -39.91
N CYS D 113 -51.44 -5.38 -40.55
CA CYS D 113 -51.24 -4.34 -41.55
C CYS D 113 -50.94 -4.98 -42.90
N VAL D 114 -51.33 -4.31 -43.98
CA VAL D 114 -51.04 -4.83 -45.31
C VAL D 114 -50.58 -3.70 -46.21
N LEU D 115 -49.97 -4.06 -47.32
CA LEU D 115 -49.46 -3.09 -48.27
C LEU D 115 -50.34 -3.01 -49.51
N LYS D 116 -49.88 -2.19 -50.46
CA LYS D 116 -50.59 -2.01 -51.74
C LYS D 116 -49.93 -2.85 -52.83
N ASN D 117 -48.67 -2.58 -53.11
CA ASN D 117 -47.91 -3.26 -54.14
C ASN D 117 -46.54 -3.59 -53.58
N MET D 118 -45.94 -4.65 -54.10
CA MET D 118 -44.61 -5.05 -53.65
C MET D 118 -44.08 -6.11 -54.61
N ASN D 119 -42.87 -6.60 -54.32
CA ASN D 119 -42.27 -7.64 -55.13
C ASN D 119 -41.12 -8.27 -54.38
N ILE D 120 -40.97 -9.58 -54.54
CA ILE D 120 -39.94 -10.35 -53.85
C ILE D 120 -39.16 -11.17 -54.86
N ASN D 121 -38.01 -11.66 -54.41
CA ASN D 121 -37.17 -12.60 -55.15
C ASN D 121 -36.46 -13.47 -54.13
N ASP D 122 -35.67 -14.44 -54.61
CA ASP D 122 -35.04 -15.38 -53.70
C ASP D 122 -34.09 -14.67 -52.76
N SER D 123 -33.19 -13.87 -53.32
CA SER D 123 -32.28 -13.10 -52.47
C SER D 123 -33.02 -12.17 -51.54
N VAL D 124 -34.30 -11.90 -51.81
CA VAL D 124 -35.14 -11.18 -50.89
C VAL D 124 -36.07 -12.12 -50.13
N TYR D 125 -36.35 -13.30 -50.68
CA TYR D 125 -37.16 -14.26 -49.93
C TYR D 125 -36.42 -14.73 -48.69
N ASN D 126 -35.16 -15.11 -48.85
CA ASN D 126 -34.34 -15.51 -47.71
C ASN D 126 -34.20 -14.38 -46.70
N ASN D 127 -34.19 -13.12 -47.15
CA ASN D 127 -34.03 -12.01 -46.21
C ASN D 127 -35.33 -11.73 -45.45
N ILE D 128 -36.47 -11.78 -46.13
CA ILE D 128 -37.70 -11.60 -45.36
C ILE D 128 -37.86 -12.75 -44.38
N ILE D 129 -37.44 -13.95 -44.78
CA ILE D 129 -37.49 -15.06 -43.85
C ILE D 129 -36.49 -14.84 -42.72
N GLU D 130 -35.37 -14.18 -43.02
CA GLU D 130 -34.40 -13.94 -41.98
C GLU D 130 -34.96 -12.98 -40.94
N ILE D 131 -35.65 -11.94 -41.39
CA ILE D 131 -36.23 -11.01 -40.42
C ILE D 131 -37.33 -11.69 -39.64
N GLN D 132 -38.11 -12.55 -40.31
CA GLN D 132 -39.12 -13.32 -39.61
C GLN D 132 -38.50 -14.24 -38.58
N GLU D 133 -37.25 -14.66 -38.81
CA GLU D 133 -36.53 -15.50 -37.87
C GLU D 133 -35.81 -14.70 -36.80
N LYS D 134 -35.56 -13.43 -37.06
CA LYS D 134 -34.83 -12.59 -36.13
C LYS D 134 -35.77 -11.95 -35.12
N LEU D 135 -36.82 -11.30 -35.60
CA LEU D 135 -37.80 -10.73 -34.69
C LEU D 135 -38.33 -11.80 -33.76
N HIS D 136 -38.33 -13.06 -34.21
CA HIS D 136 -38.81 -14.18 -33.43
C HIS D 136 -37.72 -14.74 -32.51
N HIS D 137 -36.53 -15.00 -33.05
CA HIS D 137 -35.48 -15.58 -32.24
C HIS D 137 -34.78 -14.52 -31.40
N ASN D 138 -34.35 -13.43 -32.03
CA ASN D 138 -33.58 -12.42 -31.32
C ASN D 138 -34.46 -11.66 -30.34
N LEU D 139 -35.51 -11.02 -30.83
CA LEU D 139 -36.33 -10.20 -29.95
C LEU D 139 -37.19 -11.06 -29.04
N GLY D 140 -37.65 -12.21 -29.53
CA GLY D 140 -38.45 -13.10 -28.71
C GLY D 140 -37.58 -13.90 -27.75
N LYS D 141 -37.98 -13.94 -26.48
CA LYS D 141 -37.32 -14.79 -25.48
C LYS D 141 -38.00 -16.15 -25.50
N LYS D 142 -37.69 -16.89 -26.57
CA LYS D 142 -38.46 -18.07 -26.97
C LYS D 142 -39.90 -17.68 -27.33
N ARG D 143 -40.08 -16.44 -27.76
CA ARG D 143 -41.30 -15.98 -28.42
C ARG D 143 -42.53 -16.13 -27.55
N SER D 144 -42.54 -15.41 -26.43
CA SER D 144 -43.74 -15.34 -25.61
C SER D 144 -44.67 -14.25 -26.10
N VAL D 145 -44.13 -13.04 -26.24
CA VAL D 145 -44.85 -11.92 -26.81
C VAL D 145 -44.29 -11.69 -28.20
N LEU D 146 -43.88 -12.77 -28.86
CA LEU D 146 -43.24 -12.68 -30.16
C LEU D 146 -43.82 -13.70 -31.13
N ALA D 147 -44.05 -13.27 -32.36
CA ALA D 147 -44.61 -14.09 -33.43
C ALA D 147 -44.61 -13.26 -34.71
N ILE D 148 -44.69 -13.95 -35.84
CA ILE D 148 -44.70 -13.31 -37.15
C ILE D 148 -45.78 -13.97 -38.01
N GLY D 149 -46.75 -13.17 -38.44
CA GLY D 149 -47.93 -13.66 -39.13
C GLY D 149 -48.07 -13.18 -40.56
N ILE D 150 -46.99 -13.21 -41.33
CA ILE D 150 -46.99 -12.58 -42.65
C ILE D 150 -47.67 -13.48 -43.68
N HIS D 151 -48.13 -12.85 -44.75
CA HIS D 151 -48.79 -13.50 -45.90
C HIS D 151 -48.95 -12.42 -46.96
N ASP D 152 -49.74 -12.70 -47.98
CA ASP D 152 -49.93 -11.75 -49.07
C ASP D 152 -51.34 -11.17 -49.04
N TYR D 153 -51.48 -9.98 -49.62
CA TYR D 153 -52.76 -9.31 -49.74
C TYR D 153 -53.43 -9.66 -51.05
N ASP D 154 -53.19 -10.86 -51.55
CA ASP D 154 -53.80 -11.33 -52.79
C ASP D 154 -54.71 -12.52 -52.54
N LYS D 155 -55.34 -12.56 -51.38
CA LYS D 155 -56.31 -13.62 -51.09
C LYS D 155 -57.71 -13.05 -50.88
N ILE D 156 -57.91 -12.19 -49.88
CA ILE D 156 -59.19 -11.57 -49.61
C ILE D 156 -58.96 -10.13 -49.17
N LYS D 157 -60.05 -9.42 -48.86
CA LYS D 157 -59.94 -8.11 -48.24
C LYS D 157 -61.09 -7.81 -47.30
N PHE D 158 -61.73 -8.83 -46.74
CA PHE D 158 -62.98 -8.53 -46.03
C PHE D 158 -62.69 -8.02 -44.62
N PRO D 159 -63.30 -6.91 -44.22
CA PRO D 159 -63.14 -6.42 -42.85
C PRO D 159 -63.77 -7.39 -41.88
N LEU D 160 -63.14 -7.55 -40.71
CA LEU D 160 -63.73 -8.45 -39.73
C LEU D 160 -63.20 -8.14 -38.34
N LYS D 161 -63.78 -8.82 -37.37
CA LYS D 161 -63.35 -8.78 -35.98
C LYS D 161 -63.27 -10.20 -35.47
N TYR D 162 -62.33 -10.44 -34.57
CA TYR D 162 -62.09 -11.77 -34.01
C TYR D 162 -62.12 -11.83 -32.50
N LYS D 163 -61.83 -10.74 -31.79
CA LYS D 163 -61.77 -10.79 -30.34
C LYS D 163 -63.08 -11.35 -29.80
N PHE D 164 -62.98 -12.42 -29.03
CA PHE D 164 -64.13 -13.22 -28.69
C PHE D 164 -63.83 -14.00 -27.41
N GLU D 165 -64.65 -15.02 -27.17
CA GLU D 165 -64.31 -16.10 -26.26
C GLU D 165 -63.38 -17.04 -27.00
N LYS D 166 -63.18 -18.26 -26.49
CA LYS D 166 -62.21 -19.14 -27.13
C LYS D 166 -62.50 -19.40 -28.60
N LYS D 167 -63.54 -20.16 -28.93
CA LYS D 167 -63.77 -20.55 -30.31
C LYS D 167 -65.18 -21.08 -30.47
N GLU D 168 -65.53 -21.42 -31.73
CA GLU D 168 -66.80 -22.06 -32.03
C GLU D 168 -66.63 -23.28 -32.94
N LYS D 169 -65.62 -23.25 -33.80
CA LYS D 169 -65.43 -24.27 -34.83
C LYS D 169 -64.05 -24.11 -35.47
N ILE D 170 -63.61 -25.16 -36.14
CA ILE D 170 -62.30 -25.15 -36.76
C ILE D 170 -62.27 -26.21 -37.86
N ASN D 171 -61.64 -25.87 -38.97
CA ASN D 171 -61.56 -26.78 -40.11
C ASN D 171 -60.14 -27.02 -40.61
N PHE D 172 -59.29 -25.99 -40.64
CA PHE D 172 -57.99 -26.13 -41.29
C PHE D 172 -57.07 -25.01 -40.81
N ILE D 173 -55.89 -24.94 -41.43
CA ILE D 173 -54.86 -23.95 -41.10
C ILE D 173 -53.73 -23.98 -42.12
N PRO D 174 -53.05 -22.85 -42.35
CA PRO D 174 -52.03 -22.70 -43.42
C PRO D 174 -50.58 -22.95 -42.99
N LEU D 175 -50.22 -24.21 -42.75
CA LEU D 175 -48.84 -24.54 -42.41
C LEU D 175 -48.31 -25.61 -43.35
N ASN D 176 -46.99 -25.63 -43.52
CA ASN D 176 -46.43 -26.41 -44.63
C ASN D 176 -46.52 -27.90 -44.37
N GLU D 177 -46.34 -28.32 -43.13
CA GLU D 177 -46.36 -29.74 -42.84
C GLU D 177 -47.77 -30.28 -42.64
N LYS D 178 -48.80 -29.56 -43.10
CA LYS D 178 -50.17 -30.05 -43.00
C LYS D 178 -50.84 -29.91 -44.35
N THR D 179 -51.54 -30.98 -44.78
CA THR D 179 -52.21 -30.99 -46.08
C THR D 179 -53.54 -31.73 -46.05
N ASN D 180 -54.06 -32.06 -44.89
CA ASN D 180 -55.36 -32.72 -44.84
C ASN D 180 -56.30 -32.06 -43.85
N LEU D 181 -55.79 -31.59 -42.72
CA LEU D 181 -56.52 -30.77 -41.76
C LEU D 181 -57.66 -31.46 -41.03
N ASN D 182 -57.99 -32.71 -41.37
CA ASN D 182 -59.20 -33.32 -40.80
C ASN D 182 -59.19 -34.83 -40.95
N GLY D 183 -59.77 -35.52 -39.97
CA GLY D 183 -59.95 -36.95 -40.01
C GLY D 183 -59.43 -37.82 -38.88
N MET D 184 -58.23 -37.57 -38.37
CA MET D 184 -57.73 -38.44 -37.31
C MET D 184 -57.22 -37.70 -36.08
N ASN D 185 -56.51 -36.58 -36.26
CA ASN D 185 -55.78 -35.92 -35.18
C ASN D 185 -56.72 -35.09 -34.32
N LEU D 186 -56.86 -35.48 -33.05
CA LEU D 186 -57.73 -34.79 -32.11
C LEU D 186 -57.60 -33.28 -32.25
N ILE D 187 -58.72 -32.59 -32.07
CA ILE D 187 -58.83 -31.20 -32.48
C ILE D 187 -58.17 -30.29 -31.46
N ASP D 188 -57.97 -29.04 -31.88
CA ASP D 188 -57.42 -27.95 -31.07
C ASP D 188 -55.93 -28.15 -30.88
N PHE D 189 -55.42 -29.34 -31.22
CA PHE D 189 -54.04 -29.71 -30.92
C PHE D 189 -53.50 -30.64 -32.00
N TYR D 190 -52.46 -30.18 -32.70
CA TYR D 190 -51.73 -30.99 -33.67
C TYR D 190 -50.29 -30.49 -33.62
N SER D 191 -49.43 -31.22 -32.88
CA SER D 191 -48.11 -30.73 -32.52
C SER D 191 -47.01 -31.54 -33.20
N LYS D 192 -46.33 -30.93 -34.17
CA LYS D 192 -45.17 -31.51 -34.85
C LYS D 192 -44.42 -30.41 -35.58
N ASN D 193 -43.18 -30.14 -35.16
CA ASN D 193 -42.37 -29.11 -35.81
C ASN D 193 -40.91 -29.31 -35.42
N LEU D 194 -40.07 -28.32 -35.75
CA LEU D 194 -38.63 -28.47 -35.62
C LEU D 194 -38.11 -28.58 -34.19
N ASN D 195 -38.19 -27.50 -33.42
CA ASN D 195 -37.63 -27.53 -32.08
C ASN D 195 -38.64 -27.06 -31.03
N LEU D 196 -39.22 -25.90 -31.28
CA LEU D 196 -40.23 -25.26 -30.44
C LEU D 196 -41.64 -25.51 -30.97
N LYS D 197 -41.90 -26.71 -31.50
CA LYS D 197 -43.19 -27.05 -32.10
C LYS D 197 -44.41 -26.53 -31.34
N PRO D 198 -44.57 -26.73 -30.04
CA PRO D 198 -45.76 -26.21 -29.38
C PRO D 198 -45.67 -24.72 -29.13
N TYR D 199 -46.84 -24.09 -29.11
CA TYR D 199 -47.00 -22.77 -28.52
C TYR D 199 -48.28 -22.62 -27.70
N LEU D 200 -49.29 -23.45 -27.93
CA LEU D 200 -50.57 -23.27 -27.25
C LEU D 200 -50.40 -23.46 -25.76
N LYS D 201 -50.02 -24.67 -25.35
CA LYS D 201 -49.74 -24.99 -23.97
C LYS D 201 -48.28 -24.78 -23.59
N ILE D 202 -47.45 -24.35 -24.54
CA ILE D 202 -46.07 -24.04 -24.23
C ILE D 202 -45.70 -22.69 -24.82
N HIS D 230 -49.41 -26.14 -46.17
CA HIS D 230 -50.05 -24.83 -46.13
C HIS D 230 -50.86 -24.60 -47.38
N THR D 231 -51.11 -23.33 -47.65
CA THR D 231 -51.91 -22.91 -48.80
C THR D 231 -51.06 -22.23 -49.86
N LYS D 232 -50.24 -21.27 -49.47
CA LYS D 232 -49.23 -20.70 -50.35
C LYS D 232 -48.35 -19.77 -49.54
N ILE D 233 -47.05 -19.80 -49.82
CA ILE D 233 -46.12 -18.89 -49.14
C ILE D 233 -46.21 -17.49 -49.73
N SER D 234 -47.06 -17.31 -50.73
CA SER D 234 -47.21 -16.04 -51.44
C SER D 234 -45.93 -15.65 -52.16
N LEU D 235 -45.13 -16.66 -52.54
CA LEU D 235 -43.87 -16.38 -53.20
C LEU D 235 -44.10 -15.67 -54.52
N ASN D 236 -43.42 -14.54 -54.69
CA ASN D 236 -43.58 -13.67 -55.86
C ASN D 236 -45.02 -13.18 -55.99
N THR D 237 -45.42 -12.38 -55.00
CA THR D 237 -46.70 -11.69 -55.01
C THR D 237 -46.45 -10.20 -55.11
N LYS D 238 -47.52 -9.45 -55.27
CA LYS D 238 -47.45 -8.01 -55.39
C LYS D 238 -48.13 -7.30 -54.23
N ASN D 239 -49.17 -7.89 -53.67
CA ASN D 239 -49.83 -7.35 -52.49
C ASN D 239 -49.50 -8.26 -51.32
N VAL D 240 -49.37 -7.67 -50.14
CA VAL D 240 -48.81 -8.36 -48.99
C VAL D 240 -49.50 -7.87 -47.72
N PHE D 241 -49.75 -8.81 -46.81
CA PHE D 241 -50.35 -8.48 -45.52
C PHE D 241 -49.59 -9.20 -44.43
N ILE D 242 -49.92 -8.86 -43.19
CA ILE D 242 -49.18 -9.39 -42.06
C ILE D 242 -50.02 -9.19 -40.80
N GLU D 243 -49.91 -10.16 -39.90
CA GLU D 243 -50.63 -10.14 -38.63
C GLU D 243 -49.60 -10.42 -37.54
N CYS D 244 -49.90 -9.96 -36.33
CA CYS D 244 -49.00 -10.23 -35.24
C CYS D 244 -49.71 -9.99 -33.91
N THR D 245 -49.31 -10.76 -32.90
CA THR D 245 -49.87 -10.66 -31.56
C THR D 245 -48.84 -10.11 -30.59
N ALA D 246 -49.31 -9.32 -29.64
CA ALA D 246 -48.45 -8.66 -28.67
C ALA D 246 -49.17 -8.68 -27.33
N ILE D 247 -48.46 -8.25 -26.29
CA ILE D 247 -49.08 -8.19 -24.97
C ILE D 247 -50.11 -7.08 -24.94
N ASP D 248 -49.68 -5.85 -25.21
CA ASP D 248 -50.53 -4.68 -25.23
C ASP D 248 -49.92 -3.65 -26.18
N ARG D 249 -50.46 -2.44 -26.18
CA ARG D 249 -50.38 -1.58 -27.35
C ARG D 249 -49.01 -0.92 -27.52
N ASN D 250 -48.34 -0.53 -26.45
CA ASN D 250 -47.06 0.16 -26.64
C ASN D 250 -46.04 -0.76 -27.30
N LYS D 251 -45.75 -1.90 -26.67
CA LYS D 251 -44.84 -2.85 -27.30
C LYS D 251 -45.42 -3.40 -28.58
N ALA D 252 -46.74 -3.32 -28.75
CA ALA D 252 -47.33 -3.75 -30.01
C ALA D 252 -46.85 -2.87 -31.14
N GLN D 253 -47.14 -1.58 -31.07
CA GLN D 253 -46.67 -0.65 -32.08
C GLN D 253 -45.16 -0.75 -32.23
N ILE D 254 -44.45 -0.94 -31.12
CA ILE D 254 -43.00 -1.05 -31.17
C ILE D 254 -42.57 -2.21 -32.08
N ALA D 255 -43.02 -3.42 -31.76
CA ALA D 255 -42.63 -4.59 -32.53
C ALA D 255 -43.17 -4.55 -33.96
N LEU D 256 -44.30 -3.87 -34.18
CA LEU D 256 -44.94 -3.89 -35.49
C LEU D 256 -44.34 -2.89 -36.47
N ASN D 257 -44.09 -1.66 -36.04
CA ASN D 257 -43.66 -0.61 -36.95
C ASN D 257 -42.42 -0.97 -37.74
N ILE D 258 -41.63 -1.94 -37.30
CA ILE D 258 -40.37 -2.22 -37.96
C ILE D 258 -40.60 -2.77 -39.36
N LEU D 259 -41.54 -3.69 -39.53
CA LEU D 259 -41.82 -4.26 -40.84
C LEU D 259 -42.19 -3.19 -41.85
N CYS D 260 -42.77 -2.09 -41.38
CA CYS D 260 -43.19 -1.01 -42.27
C CYS D 260 -42.04 -0.51 -43.15
N SER D 261 -40.86 -0.32 -42.57
CA SER D 261 -39.76 0.30 -43.30
C SER D 261 -39.14 -0.60 -44.36
N MET D 262 -39.63 -1.81 -44.57
CA MET D 262 -39.14 -2.63 -45.67
C MET D 262 -39.70 -2.14 -46.99
N LEU D 263 -38.91 -2.30 -48.05
CA LEU D 263 -39.29 -1.83 -49.39
C LEU D 263 -40.20 -2.82 -50.10
N LYS D 270 -41.13 2.29 -53.39
CA LYS D 270 -40.08 2.97 -52.67
C LYS D 270 -40.53 3.40 -51.28
N TYR D 271 -40.64 2.43 -50.37
CA TYR D 271 -41.06 2.66 -49.00
C TYR D 271 -42.46 3.28 -48.95
N SER D 272 -43.43 2.46 -49.35
CA SER D 272 -44.84 2.84 -49.22
C SER D 272 -45.68 1.58 -49.12
N ILE D 273 -46.67 1.63 -48.23
CA ILE D 273 -47.45 0.47 -47.80
C ILE D 273 -48.87 0.92 -47.52
N GLN D 274 -49.85 0.12 -47.94
CA GLN D 274 -51.23 0.42 -47.60
C GLN D 274 -51.39 0.49 -46.07
N SER D 275 -52.50 1.09 -45.64
CA SER D 275 -52.72 1.26 -44.22
C SER D 275 -53.05 -0.09 -43.57
N PHE D 276 -53.36 -0.01 -42.27
CA PHE D 276 -53.77 -1.14 -41.47
C PHE D 276 -55.20 -0.93 -40.97
N VAL D 277 -55.95 -2.02 -40.89
CA VAL D 277 -57.36 -1.93 -40.51
C VAL D 277 -57.45 -1.81 -39.00
N VAL D 278 -57.94 -0.67 -38.53
CA VAL D 278 -57.87 -0.30 -37.12
C VAL D 278 -59.22 -0.60 -36.50
N ILE D 279 -59.32 -1.75 -35.84
CA ILE D 279 -60.53 -2.18 -35.17
C ILE D 279 -60.32 -2.04 -33.67
N TYR D 280 -61.23 -1.36 -33.01
CA TYR D 280 -61.06 -1.03 -31.60
C TYR D 280 -61.94 -1.90 -30.73
N ILE D 302 -49.50 6.08 -36.96
CA ILE D 302 -49.28 4.96 -36.06
C ILE D 302 -47.82 4.92 -35.66
N PHE D 303 -46.96 5.36 -36.57
CA PHE D 303 -45.53 5.43 -36.33
C PHE D 303 -45.24 6.76 -35.62
N GLU D 304 -44.86 6.68 -34.34
CA GLU D 304 -44.70 7.84 -33.49
C GLU D 304 -43.24 8.06 -33.13
N ASN D 305 -42.75 9.28 -33.34
CA ASN D 305 -41.40 9.65 -32.96
C ASN D 305 -41.42 10.33 -31.60
N LYS D 306 -40.22 10.53 -31.05
CA LYS D 306 -40.06 11.10 -29.72
C LYS D 306 -38.92 12.10 -29.73
N SER D 307 -38.74 12.80 -28.62
CA SER D 307 -37.74 13.87 -28.55
C SER D 307 -36.96 13.82 -27.25
N LEU D 308 -35.66 14.11 -27.34
CA LEU D 308 -34.78 14.16 -26.18
C LEU D 308 -34.04 15.49 -26.18
N THR D 309 -34.25 16.28 -25.15
CA THR D 309 -33.51 17.52 -24.96
C THR D 309 -32.16 17.24 -24.32
N CYS D 310 -31.13 17.96 -24.77
CA CYS D 310 -29.79 17.75 -24.24
C CYS D 310 -29.09 19.08 -24.05
N ASN D 311 -28.47 19.27 -22.89
CA ASN D 311 -27.69 20.47 -22.69
C ASN D 311 -26.33 20.30 -23.36
N ILE D 312 -25.66 21.41 -23.61
CA ILE D 312 -24.41 21.31 -24.34
C ILE D 312 -23.21 21.19 -23.40
N ASP D 313 -23.18 21.89 -22.27
CA ASP D 313 -22.04 21.71 -21.37
C ASP D 313 -21.99 20.30 -20.84
N TYR D 314 -23.15 19.66 -20.66
CA TYR D 314 -23.24 18.26 -20.32
C TYR D 314 -22.36 17.43 -21.24
N VAL D 315 -22.64 17.52 -22.54
CA VAL D 315 -21.91 16.73 -23.53
C VAL D 315 -20.46 17.21 -23.61
N ARG D 316 -20.27 18.51 -23.45
CA ARG D 316 -18.92 19.06 -23.49
C ARG D 316 -18.05 18.41 -22.44
N LYS D 317 -18.53 18.34 -21.21
CA LYS D 317 -17.80 17.70 -20.14
C LYS D 317 -17.65 16.20 -20.40
N LEU D 318 -18.75 15.53 -20.72
CA LEU D 318 -18.67 14.09 -20.93
C LEU D 318 -17.68 13.71 -22.00
N SER D 319 -17.94 14.06 -23.25
CA SER D 319 -17.08 13.56 -24.32
C SER D 319 -15.69 14.15 -24.28
N GLY D 320 -15.43 15.12 -23.41
CA GLY D 320 -14.08 15.63 -23.33
C GLY D 320 -13.66 16.48 -24.50
N ILE D 321 -14.61 17.09 -25.22
CA ILE D 321 -14.26 17.98 -26.32
C ILE D 321 -14.95 19.31 -26.13
N SER D 322 -14.85 20.18 -27.12
CA SER D 322 -15.32 21.56 -27.05
C SER D 322 -16.08 21.89 -28.33
N HIS D 323 -16.99 20.99 -28.70
CA HIS D 323 -17.79 21.09 -29.92
C HIS D 323 -18.38 22.47 -30.13
N ILE D 324 -18.62 22.80 -31.41
CA ILE D 324 -19.22 24.07 -31.80
C ILE D 324 -20.72 23.90 -32.03
N THR D 325 -21.20 22.67 -31.97
CA THR D 325 -22.58 22.22 -32.00
C THR D 325 -23.17 22.25 -33.39
N VAL D 326 -22.56 22.93 -34.34
CA VAL D 326 -23.00 22.72 -35.72
C VAL D 326 -22.44 21.39 -36.19
N HIS D 327 -21.23 21.07 -35.74
CA HIS D 327 -20.68 19.75 -35.95
C HIS D 327 -21.64 18.70 -35.42
N GLU D 328 -22.44 19.06 -34.43
CA GLU D 328 -23.46 18.14 -33.94
C GLU D 328 -24.51 17.86 -35.00
N VAL D 329 -25.01 18.90 -35.66
CA VAL D 329 -26.01 18.64 -36.68
C VAL D 329 -25.40 17.80 -37.77
N ASN D 330 -24.12 18.03 -38.08
CA ASN D 330 -23.47 17.22 -39.10
C ASN D 330 -23.36 15.76 -38.67
N ASN D 331 -22.96 15.54 -37.42
CA ASN D 331 -22.82 14.17 -36.92
C ASN D 331 -24.15 13.46 -36.91
N LEU D 332 -25.20 14.15 -36.49
CA LEU D 332 -26.48 13.49 -36.38
C LEU D 332 -27.08 13.26 -37.76
N LEU D 333 -26.79 14.12 -38.72
CA LEU D 333 -27.12 13.81 -40.09
C LEU D 333 -26.44 12.52 -40.52
N LYS D 334 -25.15 12.40 -40.22
CA LYS D 334 -24.44 11.22 -40.72
C LYS D 334 -24.87 9.94 -40.02
N ARG D 335 -25.57 10.02 -38.90
CA ARG D 335 -26.03 8.81 -38.26
C ARG D 335 -27.55 8.74 -38.19
N MET D 336 -28.21 9.35 -39.15
CA MET D 336 -29.66 9.27 -39.31
C MET D 336 -30.39 9.85 -38.11
N MET D 337 -29.93 11.00 -37.61
CA MET D 337 -30.52 11.65 -36.45
C MET D 337 -30.87 13.09 -36.83
N LEU D 338 -32.13 13.33 -37.15
CA LEU D 338 -32.59 14.65 -37.60
C LEU D 338 -32.82 15.54 -36.38
N SER D 339 -31.72 16.09 -35.86
CA SER D 339 -31.83 17.02 -34.75
C SER D 339 -32.66 18.24 -35.16
N CYS D 340 -32.93 19.09 -34.18
CA CYS D 340 -33.76 20.25 -34.44
C CYS D 340 -33.23 21.54 -33.81
N ASP D 341 -32.14 21.52 -33.08
CA ASP D 341 -31.28 22.68 -32.84
C ASP D 341 -31.96 23.77 -32.01
N ILE D 342 -32.74 23.39 -31.01
CA ILE D 342 -33.36 24.38 -30.14
C ILE D 342 -32.25 24.95 -29.26
N MET D 343 -31.83 26.17 -29.51
CA MET D 343 -30.50 26.59 -29.08
C MET D 343 -30.52 27.82 -28.18
N ASP D 344 -30.37 27.60 -26.88
CA ASP D 344 -30.01 28.67 -25.96
C ASP D 344 -28.51 28.87 -25.93
N ASN D 345 -27.85 28.44 -27.01
CA ASN D 345 -26.40 28.35 -27.18
C ASN D 345 -25.85 27.23 -26.33
N ASN D 346 -26.67 26.67 -25.45
CA ASN D 346 -26.21 25.60 -24.58
C ASN D 346 -27.15 24.40 -24.59
N THR D 347 -28.08 24.33 -25.54
CA THR D 347 -29.04 23.25 -25.58
C THR D 347 -29.32 22.89 -27.02
N PHE D 348 -29.51 21.59 -27.28
CA PHE D 348 -30.05 21.09 -28.54
C PHE D 348 -31.13 20.08 -28.22
N LYS D 349 -31.87 19.68 -29.25
CA LYS D 349 -32.93 18.70 -29.06
C LYS D 349 -32.99 17.75 -30.25
N VAL D 350 -32.92 16.46 -29.98
CA VAL D 350 -32.82 15.45 -31.02
C VAL D 350 -34.13 14.69 -31.13
N THR D 351 -34.49 14.33 -32.36
CA THR D 351 -35.74 13.65 -32.65
C THR D 351 -35.44 12.18 -32.86
N ILE D 352 -35.76 11.37 -31.86
CA ILE D 352 -35.45 9.94 -31.87
C ILE D 352 -36.62 9.20 -32.52
N PRO D 353 -36.38 8.45 -33.56
CA PRO D 353 -37.44 7.59 -34.09
C PRO D 353 -37.49 6.26 -33.38
N PHE D 354 -38.33 5.34 -33.85
CA PHE D 354 -38.35 4.00 -33.27
C PHE D 354 -37.15 3.17 -33.71
N TYR D 355 -36.69 3.35 -34.95
CA TYR D 355 -35.60 2.55 -35.48
C TYR D 355 -34.31 3.02 -34.84
N ARG D 356 -34.27 3.03 -33.51
CA ARG D 356 -33.12 3.47 -32.74
C ARG D 356 -32.85 2.48 -31.62
N SER D 357 -31.59 2.37 -31.21
CA SER D 357 -31.23 1.63 -30.01
C SER D 357 -31.79 2.43 -28.84
N ASP D 358 -33.09 2.28 -28.64
CA ASP D 358 -33.81 3.19 -27.79
C ASP D 358 -33.42 3.03 -26.33
N ILE D 359 -33.26 4.16 -25.65
CA ILE D 359 -32.91 4.22 -24.21
C ILE D 359 -33.23 5.58 -23.70
N MET D 360 -33.89 5.66 -22.57
CA MET D 360 -34.40 6.95 -22.20
C MET D 360 -33.49 8.10 -22.00
N HIS D 361 -32.49 8.00 -21.17
CA HIS D 361 -31.66 9.15 -20.96
C HIS D 361 -30.82 9.31 -22.18
N CYS D 362 -30.80 10.56 -22.57
CA CYS D 362 -30.14 11.13 -23.68
C CYS D 362 -28.65 10.95 -23.60
N CYS D 363 -28.27 9.94 -22.85
CA CYS D 363 -26.89 9.67 -22.77
C CYS D 363 -26.43 9.20 -24.09
N ASP D 364 -27.18 8.26 -24.65
CA ASP D 364 -26.81 7.59 -25.85
C ASP D 364 -26.45 8.49 -26.91
N ILE D 365 -27.18 9.59 -26.96
CA ILE D 365 -26.95 10.69 -27.90
C ILE D 365 -25.47 10.99 -27.97
N ILE D 366 -24.84 11.11 -26.81
CA ILE D 366 -23.41 11.35 -26.82
C ILE D 366 -22.66 10.12 -27.29
N GLU D 367 -23.21 8.93 -27.04
CA GLU D 367 -22.59 7.74 -27.57
C GLU D 367 -22.49 7.83 -29.09
N ASP D 368 -23.55 8.28 -29.74
CA ASP D 368 -23.58 8.39 -31.19
C ASP D 368 -22.69 9.54 -31.68
N ILE D 369 -22.77 10.69 -31.03
CA ILE D 369 -21.88 11.78 -31.40
C ILE D 369 -20.43 11.34 -31.26
N ALA D 370 -20.14 10.48 -30.30
CA ALA D 370 -18.76 10.06 -30.11
C ALA D 370 -18.35 9.04 -31.17
N ILE D 371 -19.26 8.12 -31.50
CA ILE D 371 -19.00 7.21 -32.61
C ILE D 371 -18.66 7.99 -33.85
N ALA D 372 -19.41 9.06 -34.12
CA ALA D 372 -19.18 9.83 -35.32
C ALA D 372 -17.90 10.63 -35.24
N TYR D 373 -17.59 11.18 -34.07
CA TYR D 373 -16.37 11.93 -33.92
C TYR D 373 -15.13 11.04 -33.86
N GLY D 374 -15.26 9.82 -33.37
CA GLY D 374 -14.12 8.92 -33.31
C GLY D 374 -13.38 8.92 -31.99
N TYR D 375 -13.50 7.82 -31.24
CA TYR D 375 -12.89 7.70 -29.92
C TYR D 375 -11.42 8.05 -29.90
N GLY D 376 -10.67 7.60 -30.90
CA GLY D 376 -9.25 7.84 -30.91
C GLY D 376 -8.90 9.31 -30.92
N ASN D 377 -9.71 10.12 -31.58
CA ASN D 377 -9.34 11.50 -31.82
C ASN D 377 -9.74 12.42 -30.68
N ILE D 378 -9.50 12.01 -29.45
CA ILE D 378 -9.68 12.83 -28.26
C ILE D 378 -8.33 13.37 -27.81
N LYS D 379 -8.33 14.60 -27.32
CA LYS D 379 -7.14 15.38 -27.05
C LYS D 379 -6.40 14.95 -25.79
N TYR D 380 -6.57 13.72 -25.33
CA TYR D 380 -6.29 13.40 -23.93
C TYR D 380 -4.79 13.30 -23.66
N GLU D 381 -4.45 13.51 -22.40
CA GLU D 381 -3.07 13.46 -21.92
C GLU D 381 -3.02 12.92 -20.50
N LYS D 388 8.29 7.13 -12.14
CA LYS D 388 7.62 5.86 -12.41
C LYS D 388 8.62 4.72 -12.44
N HIS D 389 9.06 4.30 -11.26
CA HIS D 389 9.78 3.05 -11.12
C HIS D 389 9.54 2.52 -9.72
N SER D 390 10.16 1.38 -9.42
CA SER D 390 9.90 0.72 -8.14
C SER D 390 11.06 -0.20 -7.82
N LEU D 391 11.61 -0.09 -6.61
CA LEU D 391 12.73 -0.93 -6.23
C LEU D 391 12.51 -1.74 -4.95
N ASN D 392 12.28 -1.09 -3.82
CA ASN D 392 12.28 -1.80 -2.55
C ASN D 392 10.99 -2.55 -2.30
N ASN D 393 9.95 -2.25 -3.06
CA ASN D 393 8.70 -2.97 -2.93
C ASN D 393 8.63 -4.20 -3.82
N CYS D 394 9.14 -4.10 -5.05
CA CYS D 394 9.14 -5.23 -5.97
C CYS D 394 10.43 -6.02 -5.94
N SER D 395 11.36 -5.68 -5.03
CA SER D 395 12.57 -6.48 -4.90
C SER D 395 12.31 -7.77 -4.14
N GLU D 396 11.47 -7.70 -3.11
CA GLU D 396 11.21 -8.85 -2.29
C GLU D 396 10.78 -10.07 -3.08
N LEU D 397 10.41 -9.89 -4.35
CA LEU D 397 10.17 -11.05 -5.20
C LEU D 397 11.30 -12.04 -5.04
N PHE D 398 12.52 -11.63 -5.41
CA PHE D 398 13.65 -12.52 -5.23
C PHE D 398 13.72 -12.99 -3.79
N ARG D 399 13.57 -12.05 -2.85
CA ARG D 399 13.64 -12.41 -1.46
C ARG D 399 12.69 -13.55 -1.16
N ASN D 400 11.43 -13.40 -1.58
CA ASN D 400 10.50 -14.51 -1.39
C ASN D 400 11.01 -15.75 -2.10
N VAL D 401 11.26 -15.63 -3.40
CA VAL D 401 11.77 -16.76 -4.15
C VAL D 401 13.03 -17.31 -3.51
N LEU D 402 13.78 -16.45 -2.84
CA LEU D 402 15.04 -16.92 -2.28
C LEU D 402 14.83 -17.72 -1.00
N VAL D 403 13.93 -17.27 -0.13
CA VAL D 403 13.85 -17.99 1.13
C VAL D 403 13.21 -19.33 0.91
N GLU D 404 12.51 -19.51 -0.20
CA GLU D 404 12.13 -20.84 -0.60
C GLU D 404 13.40 -21.67 -0.71
N CYS D 405 13.28 -22.97 -0.52
CA CYS D 405 14.42 -23.85 -0.62
C CYS D 405 15.43 -23.62 0.52
N GLY D 406 14.94 -23.40 1.72
CA GLY D 406 15.77 -23.42 2.91
C GLY D 406 16.81 -22.34 3.09
N TYR D 407 16.86 -21.33 2.23
CA TYR D 407 17.84 -20.27 2.41
C TYR D 407 17.32 -19.28 3.45
N THR D 408 18.15 -18.95 4.42
CA THR D 408 17.76 -18.01 5.45
C THR D 408 18.46 -16.67 5.23
N GLU D 409 17.81 -15.61 5.64
CA GLU D 409 18.35 -14.27 5.47
C GLU D 409 19.23 -13.90 6.64
N VAL D 410 20.17 -13.00 6.39
CA VAL D 410 21.07 -12.51 7.42
C VAL D 410 21.24 -11.01 7.28
N MET D 411 21.27 -10.32 8.41
CA MET D 411 21.50 -8.88 8.46
C MET D 411 22.97 -8.64 8.75
N THR D 412 23.66 -8.00 7.81
CA THR D 412 25.08 -7.75 8.00
C THR D 412 25.33 -6.78 9.13
N ASN D 413 26.59 -6.68 9.49
CA ASN D 413 27.06 -5.61 10.34
C ASN D 413 27.22 -4.35 9.49
N ALA D 414 27.26 -3.20 10.16
CA ALA D 414 27.26 -1.94 9.44
C ALA D 414 28.42 -1.86 8.47
N LEU D 415 29.63 -1.88 9.00
CA LEU D 415 30.82 -1.66 8.22
C LEU D 415 31.93 -2.56 8.75
N LEU D 416 32.98 -2.71 7.95
CA LEU D 416 34.05 -3.65 8.23
C LEU D 416 35.39 -2.96 8.10
N SER D 417 36.38 -3.47 8.84
CA SER D 417 37.72 -2.92 8.77
C SER D 417 38.30 -3.03 7.36
N ARG D 418 39.22 -2.14 7.05
CA ARG D 418 39.82 -2.12 5.72
C ARG D 418 40.45 -3.47 5.41
N ASP D 419 41.42 -3.89 6.21
CA ASP D 419 42.09 -5.17 5.98
C ASP D 419 41.08 -6.29 5.86
N GLU D 420 39.90 -6.12 6.46
CA GLU D 420 38.84 -7.10 6.33
C GLU D 420 38.32 -7.15 4.89
N ASN D 421 38.43 -6.06 4.15
CA ASN D 421 38.05 -6.07 2.75
C ASN D 421 39.22 -5.97 1.81
N TYR D 422 40.42 -5.69 2.30
CA TYR D 422 41.55 -5.54 1.42
C TYR D 422 42.62 -6.57 1.69
N ASN D 423 42.95 -6.80 2.96
CA ASN D 423 44.06 -7.69 3.24
C ASN D 423 43.57 -9.11 3.46
N CYS D 424 42.46 -9.27 4.15
CA CYS D 424 41.89 -10.59 4.31
C CYS D 424 41.53 -11.18 2.96
N MET D 425 40.74 -10.44 2.18
CA MET D 425 40.54 -10.82 0.80
C MET D 425 41.80 -10.56 -0.01
N LEU D 426 42.02 -11.41 -1.00
CA LEU D 426 43.21 -11.40 -1.83
C LEU D 426 43.18 -10.33 -2.91
N ARG D 427 42.34 -9.30 -2.79
CA ARG D 427 42.13 -8.37 -3.89
C ARG D 427 42.83 -7.04 -3.67
N THR D 428 42.58 -6.39 -2.54
CA THR D 428 43.33 -5.25 -2.03
C THR D 428 43.17 -4.03 -2.92
N HIS D 429 42.43 -4.12 -4.01
CA HIS D 429 42.47 -3.07 -5.01
C HIS D 429 41.33 -2.08 -4.80
N LYS D 430 41.26 -1.13 -5.72
CA LYS D 430 40.51 0.10 -5.59
C LYS D 430 40.75 0.87 -6.87
N SER D 431 39.81 1.72 -7.28
CA SER D 431 40.08 2.61 -8.41
C SER D 431 39.88 4.04 -7.92
N TYR D 432 40.85 4.53 -7.16
CA TYR D 432 40.71 5.80 -6.47
C TYR D 432 40.36 6.91 -7.45
N ASP D 433 41.29 7.21 -8.34
CA ASP D 433 41.04 8.12 -9.46
C ASP D 433 40.41 7.31 -10.59
N ASP D 434 39.21 6.84 -10.32
CA ASP D 434 38.39 5.99 -11.17
C ASP D 434 38.16 6.55 -12.57
N PRO D 435 38.34 7.84 -12.79
CA PRO D 435 37.67 8.53 -13.91
C PRO D 435 37.36 7.68 -15.13
N ASN D 436 38.32 6.93 -15.67
CA ASN D 436 37.95 5.95 -16.68
C ASN D 436 37.01 4.93 -16.07
N ILE D 437 37.48 4.21 -15.05
CA ILE D 437 36.67 3.16 -14.44
C ILE D 437 35.42 3.80 -13.85
N ASN D 438 34.38 2.97 -13.67
CA ASN D 438 33.09 3.43 -13.17
C ASN D 438 32.46 4.42 -14.15
N LEU D 439 32.79 4.27 -15.43
CA LEU D 439 32.16 5.08 -16.47
C LEU D 439 30.65 4.90 -16.46
N ASP D 440 30.14 3.87 -15.78
CA ASP D 440 28.71 3.70 -15.56
C ASP D 440 28.55 2.85 -14.31
N GLU D 441 27.70 3.29 -13.38
CA GLU D 441 27.63 2.73 -12.03
C GLU D 441 26.80 1.47 -11.90
N TYR D 442 26.81 0.64 -12.90
CA TYR D 442 26.34 -0.73 -12.78
C TYR D 442 27.58 -1.55 -12.40
N ASN D 443 27.57 -2.87 -12.54
CA ASN D 443 28.81 -3.62 -12.34
C ASN D 443 29.34 -3.58 -10.89
N PRO D 444 28.92 -4.50 -10.02
CA PRO D 444 29.38 -4.47 -8.63
C PRO D 444 30.90 -4.55 -8.53
N LEU D 445 31.47 -3.54 -7.90
CA LEU D 445 32.89 -3.23 -8.02
C LEU D 445 33.41 -2.91 -6.63
N ALA D 446 34.52 -2.18 -6.58
CA ALA D 446 34.99 -1.59 -5.33
C ALA D 446 35.66 -0.25 -5.60
N ALA D 447 35.35 0.72 -4.76
CA ALA D 447 36.01 2.02 -4.73
C ALA D 447 35.67 2.65 -3.39
N PRO D 448 36.04 2.03 -2.28
CA PRO D 448 35.34 2.26 -1.02
C PRO D 448 35.58 3.62 -0.40
N ILE D 449 34.70 3.89 0.56
CA ILE D 449 34.66 5.13 1.32
C ILE D 449 35.06 4.84 2.76
N GLN D 450 36.08 5.55 3.24
CA GLN D 450 36.58 5.33 4.59
C GLN D 450 35.89 6.26 5.57
N ILE D 451 36.22 6.13 6.86
CA ILE D 451 35.53 6.84 7.93
C ILE D 451 36.51 7.24 9.03
N LYS D 452 36.49 8.51 9.41
CA LYS D 452 37.19 9.04 10.56
C LYS D 452 36.29 9.07 11.80
N ASN D 453 36.93 9.08 12.97
CA ASN D 453 36.25 9.15 14.26
C ASN D 453 35.32 7.96 14.48
N SER D 454 35.77 6.79 14.08
CA SER D 454 34.98 5.59 14.23
C SER D 454 35.61 4.66 15.24
N LYS D 455 34.92 3.56 15.50
CA LYS D 455 35.43 2.56 16.42
C LYS D 455 36.72 1.97 15.86
N THR D 456 37.71 1.87 16.71
CA THR D 456 39.02 1.40 16.27
C THR D 456 39.10 -0.11 16.16
N SER D 457 37.99 -0.84 16.19
CA SER D 457 38.13 -2.29 16.10
C SER D 457 37.91 -2.79 14.69
N GLU D 458 36.68 -2.61 14.19
CA GLU D 458 36.30 -3.10 12.87
C GLU D 458 35.53 -2.05 12.08
N TYR D 459 35.61 -0.78 12.47
CA TYR D 459 34.73 0.22 11.87
C TYR D 459 35.49 1.25 11.06
N GLU D 460 36.27 0.81 10.08
CA GLU D 460 37.07 1.75 9.30
C GLU D 460 36.50 2.08 7.92
N ILE D 461 35.72 1.21 7.30
CA ILE D 461 35.19 1.50 5.97
C ILE D 461 33.89 0.74 5.80
N ILE D 462 33.05 1.23 4.90
CA ILE D 462 31.77 0.58 4.68
C ILE D 462 31.95 -0.61 3.76
N ARG D 463 30.92 -1.44 3.67
CA ARG D 463 30.95 -2.60 2.81
C ARG D 463 31.04 -2.18 1.36
N THR D 464 31.49 -3.13 0.54
CA THR D 464 31.41 -3.05 -0.91
C THR D 464 30.95 -4.35 -1.51
N SER D 465 31.12 -5.46 -0.83
CA SER D 465 30.59 -6.76 -1.23
C SER D 465 30.24 -7.47 0.07
N LEU D 466 28.99 -7.91 0.18
CA LEU D 466 28.49 -8.30 1.48
C LEU D 466 29.15 -9.56 2.02
N ILE D 467 29.67 -10.42 1.15
CA ILE D 467 30.06 -11.76 1.56
C ILE D 467 30.93 -11.75 2.80
N VAL D 468 31.79 -10.74 2.91
CA VAL D 468 32.75 -10.72 3.99
C VAL D 468 32.05 -10.69 5.33
N ASN D 469 31.13 -9.75 5.50
CA ASN D 469 30.38 -9.69 6.74
C ASN D 469 29.68 -11.00 7.00
N LEU D 470 29.07 -11.57 5.96
CA LEU D 470 28.47 -12.89 6.09
C LEU D 470 29.49 -13.90 6.58
N LEU D 471 30.66 -13.93 5.94
CA LEU D 471 31.73 -14.80 6.38
C LEU D 471 32.03 -14.55 7.85
N LYS D 472 32.09 -13.28 8.25
CA LYS D 472 32.29 -12.97 9.66
C LYS D 472 31.24 -13.69 10.48
N PHE D 473 29.98 -13.59 10.08
CA PHE D 473 28.94 -14.36 10.72
C PHE D 473 29.23 -15.85 10.62
N VAL D 474 29.64 -16.32 9.44
CA VAL D 474 29.88 -17.74 9.27
C VAL D 474 31.11 -18.17 10.05
N SER D 475 32.07 -17.27 10.24
CA SER D 475 33.17 -17.63 11.11
C SER D 475 32.78 -17.72 12.57
N ALA D 476 31.52 -17.40 12.92
CA ALA D 476 31.10 -17.35 14.30
C ALA D 476 30.28 -18.56 14.73
N ASN D 477 29.66 -19.26 13.79
CA ASN D 477 28.75 -20.36 14.09
C ASN D 477 29.08 -21.58 13.25
N LYS D 478 30.31 -22.06 13.31
CA LYS D 478 30.74 -23.19 12.49
C LYS D 478 30.44 -24.51 13.14
N HIS D 479 29.50 -24.53 14.08
CA HIS D 479 29.17 -25.68 14.88
C HIS D 479 27.73 -26.12 14.68
N ARG D 480 26.98 -25.42 13.83
CA ARG D 480 25.56 -25.67 13.65
C ARG D 480 25.36 -26.89 12.77
N GLU D 481 24.13 -27.09 12.31
CA GLU D 481 23.80 -28.24 11.47
C GLU D 481 24.67 -28.25 10.23
N LEU D 482 24.70 -29.39 9.54
CA LEU D 482 25.69 -29.58 8.48
C LEU D 482 25.58 -28.56 7.35
N PRO D 483 24.47 -28.48 6.61
CA PRO D 483 24.42 -27.52 5.49
C PRO D 483 24.03 -26.12 5.95
N LEU D 484 24.98 -25.19 5.86
CA LEU D 484 24.75 -23.80 6.20
C LEU D 484 24.59 -22.98 4.92
N ARG D 485 23.42 -22.38 4.75
CA ARG D 485 23.08 -21.63 3.55
C ARG D 485 22.46 -20.31 3.98
N PHE D 486 23.07 -19.20 3.59
CA PHE D 486 22.60 -17.88 4.03
C PHE D 486 22.55 -16.93 2.87
N PHE D 487 21.92 -15.78 3.08
CA PHE D 487 21.92 -14.75 2.05
C PHE D 487 21.58 -13.42 2.68
N GLU D 488 21.73 -12.38 1.87
CA GLU D 488 21.45 -11.04 2.35
C GLU D 488 21.34 -10.09 1.17
N ILE D 489 20.32 -9.24 1.19
CA ILE D 489 20.22 -8.09 0.31
C ILE D 489 20.42 -6.83 1.14
N GLY D 490 20.90 -5.82 0.48
CA GLY D 490 21.09 -4.58 1.15
C GLY D 490 21.46 -3.45 0.25
N ASP D 491 21.89 -2.41 0.90
CA ASP D 491 22.30 -1.23 0.22
C ASP D 491 23.72 -1.06 0.56
N VAL D 492 24.54 -0.59 -0.35
CA VAL D 492 25.92 -0.36 -0.03
C VAL D 492 26.36 0.97 -0.48
N SER D 493 27.64 1.24 -0.37
CA SER D 493 28.04 2.54 -0.73
C SER D 493 29.41 2.70 -1.22
N TYR D 494 29.62 3.68 -2.07
CA TYR D 494 30.95 3.96 -2.58
C TYR D 494 31.11 5.45 -2.78
N ALA D 495 32.33 5.83 -3.12
CA ALA D 495 32.67 7.19 -3.47
C ALA D 495 32.46 7.39 -4.96
N THR D 496 31.89 8.52 -5.34
CA THR D 496 31.66 8.83 -6.74
C THR D 496 32.15 10.23 -7.07
N TYR D 497 32.95 10.34 -8.14
CA TYR D 497 33.52 11.61 -8.53
C TYR D 497 32.45 12.58 -8.95
N ASN D 498 31.79 12.32 -10.07
CA ASN D 498 30.67 13.10 -10.56
C ASN D 498 29.39 12.40 -10.14
N GLN D 499 28.28 12.76 -10.77
CA GLN D 499 27.01 12.05 -10.73
C GLN D 499 26.28 12.08 -9.39
N THR D 500 26.78 12.79 -8.39
CA THR D 500 26.07 12.89 -7.12
C THR D 500 26.40 14.21 -6.45
N ASP D 501 25.37 14.83 -5.88
CA ASP D 501 25.56 16.09 -5.20
C ASP D 501 26.64 16.00 -4.13
N THR D 502 26.70 14.86 -3.44
CA THR D 502 27.65 14.66 -2.37
C THR D 502 28.85 13.84 -2.78
N ASN D 503 28.97 13.49 -4.05
CA ASN D 503 30.10 12.70 -4.53
C ASN D 503 30.12 11.31 -3.91
N ALA D 504 28.95 10.71 -3.75
CA ALA D 504 28.92 9.37 -3.17
C ALA D 504 27.62 8.70 -3.58
N VAL D 505 27.64 7.36 -3.63
CA VAL D 505 26.50 6.60 -4.14
C VAL D 505 26.18 5.46 -3.19
N ASN D 506 24.91 5.07 -3.17
CA ASN D 506 24.44 3.97 -2.35
C ASN D 506 23.51 3.10 -3.19
N LYS D 507 23.97 1.92 -3.58
CA LYS D 507 23.18 1.03 -4.41
C LYS D 507 22.97 -0.30 -3.70
N LYS D 508 21.85 -0.94 -3.96
CA LYS D 508 21.50 -2.19 -3.27
C LYS D 508 21.79 -3.39 -4.15
N TYR D 509 22.41 -4.40 -3.57
CA TYR D 509 22.55 -5.71 -4.22
C TYR D 509 22.45 -6.82 -3.20
N LEU D 510 22.64 -8.06 -3.66
CA LEU D 510 22.51 -9.19 -2.75
C LEU D 510 23.54 -10.27 -3.01
N SER D 511 23.90 -10.94 -1.94
CA SER D 511 24.83 -12.06 -1.95
C SER D 511 24.24 -13.26 -1.26
N ILE D 512 24.69 -14.44 -1.67
CA ILE D 512 24.22 -15.71 -1.14
C ILE D 512 25.42 -16.62 -0.96
N ILE D 513 25.29 -17.54 0.00
CA ILE D 513 26.42 -18.37 0.44
C ILE D 513 25.96 -19.78 0.77
N PHE D 514 26.79 -20.76 0.39
CA PHE D 514 26.61 -22.18 0.65
C PHE D 514 27.84 -22.77 1.33
N SER D 515 27.60 -23.72 2.23
CA SER D 515 28.65 -24.56 2.78
C SER D 515 28.03 -25.88 3.22
N ASP D 516 28.68 -27.01 2.89
CA ASP D 516 28.21 -28.31 3.38
C ASP D 516 29.34 -29.19 3.90
N LYS D 517 30.49 -28.62 4.24
CA LYS D 517 31.59 -29.39 4.81
C LYS D 517 32.21 -30.37 3.82
N PHE D 518 31.50 -30.69 2.74
CA PHE D 518 32.01 -31.68 1.82
C PHE D 518 32.27 -31.06 0.45
N THR D 519 31.25 -30.51 -0.16
CA THR D 519 31.33 -29.98 -1.50
C THR D 519 31.15 -28.48 -1.43
N ALA D 520 31.17 -27.86 -2.58
CA ALA D 520 30.68 -26.50 -2.70
C ALA D 520 29.23 -26.65 -3.15
N GLY D 521 28.60 -25.56 -3.54
CA GLY D 521 27.32 -25.77 -4.17
C GLY D 521 27.20 -25.17 -5.56
N LEU D 522 28.33 -25.02 -6.25
CA LEU D 522 28.28 -24.45 -7.59
C LEU D 522 27.29 -25.17 -8.48
N GLU D 523 26.99 -26.43 -8.20
CA GLU D 523 25.88 -27.06 -8.90
C GLU D 523 24.54 -26.58 -8.36
N GLU D 524 24.36 -26.68 -7.04
CA GLU D 524 23.15 -26.13 -6.43
C GLU D 524 23.04 -24.65 -6.73
N LEU D 525 24.09 -23.89 -6.48
CA LEU D 525 24.04 -22.46 -6.71
C LEU D 525 23.71 -22.15 -8.16
N HIS D 526 24.25 -22.93 -9.10
CA HIS D 526 23.87 -22.66 -10.48
C HIS D 526 22.40 -22.86 -10.68
N GLY D 527 21.86 -23.97 -10.19
CA GLY D 527 20.42 -24.18 -10.28
C GLY D 527 19.66 -23.01 -9.70
N VAL D 528 20.16 -22.47 -8.61
CA VAL D 528 19.52 -21.36 -7.91
C VAL D 528 19.50 -20.12 -8.78
N LEU D 529 20.67 -19.70 -9.23
CA LEU D 529 20.78 -18.53 -10.08
C LEU D 529 19.88 -18.70 -11.30
N GLU D 530 19.98 -19.85 -11.96
CA GLU D 530 19.16 -20.13 -13.11
C GLU D 530 17.67 -20.05 -12.77
N ALA D 531 17.29 -20.43 -11.55
CA ALA D 531 15.87 -20.39 -11.18
C ALA D 531 15.41 -18.96 -10.97
N ILE D 532 16.24 -18.14 -10.34
CA ILE D 532 15.90 -16.73 -10.19
C ILE D 532 15.71 -16.09 -11.55
N LEU D 533 16.65 -16.34 -12.47
CA LEU D 533 16.52 -15.73 -13.77
C LEU D 533 15.50 -16.47 -14.63
N LYS D 534 15.03 -17.60 -14.16
CA LYS D 534 13.82 -18.21 -14.67
C LYS D 534 12.60 -17.54 -14.05
N GLU D 535 12.80 -16.87 -12.92
CA GLU D 535 11.74 -16.12 -12.26
C GLU D 535 11.58 -14.74 -12.85
N TYR D 536 12.54 -14.29 -13.64
CA TYR D 536 12.34 -13.07 -14.41
C TYR D 536 12.52 -13.23 -15.91
N GLN D 537 13.30 -14.20 -16.37
CA GLN D 537 13.57 -14.29 -17.81
C GLN D 537 13.60 -15.67 -18.40
N LEU D 538 13.70 -16.74 -17.63
CA LEU D 538 13.75 -18.10 -18.16
C LEU D 538 14.88 -18.27 -19.17
N PHE D 539 15.97 -17.51 -19.06
CA PHE D 539 17.02 -17.57 -20.09
C PHE D 539 18.39 -17.28 -19.49
N SER D 540 19.21 -18.30 -19.30
CA SER D 540 20.63 -18.00 -19.15
C SER D 540 21.43 -18.12 -20.44
N ASP D 541 21.82 -19.34 -20.80
CA ASP D 541 22.42 -19.56 -22.11
C ASP D 541 22.04 -20.91 -22.70
N TYR D 542 21.89 -21.85 -21.78
CA TYR D 542 21.66 -23.22 -22.13
C TYR D 542 20.31 -23.46 -22.62
N LYS D 543 20.20 -24.59 -23.31
CA LYS D 543 19.01 -25.04 -24.06
C LYS D 543 18.52 -23.95 -24.96
N ILE D 544 19.44 -23.10 -25.28
CA ILE D 544 19.27 -21.96 -26.07
C ILE D 544 18.15 -21.14 -25.53
N GLU D 545 17.34 -20.75 -26.47
CA GLU D 545 16.16 -20.02 -26.34
C GLU D 545 15.41 -21.00 -27.17
N GLU D 546 15.12 -22.15 -26.57
CA GLU D 546 14.55 -23.27 -27.28
C GLU D 546 13.27 -22.92 -27.94
N LYS D 547 13.05 -23.46 -29.11
CA LYS D 547 11.87 -23.14 -29.85
C LYS D 547 10.62 -23.47 -29.10
N LYS D 548 10.57 -24.62 -28.46
CA LYS D 548 9.42 -24.89 -27.68
C LYS D 548 9.59 -23.95 -26.54
N SER D 556 13.39 -14.53 -26.12
CA SER D 556 14.77 -14.77 -26.52
C SER D 556 15.58 -13.48 -26.56
N ASP D 557 14.93 -12.35 -26.30
CA ASP D 557 15.56 -11.05 -26.43
C ASP D 557 15.82 -10.43 -25.06
N MET D 558 16.96 -9.77 -24.93
CA MET D 558 17.37 -9.09 -23.71
C MET D 558 17.56 -10.04 -22.53
N TYR D 559 18.50 -10.97 -22.67
CA TYR D 559 18.76 -11.93 -21.62
C TYR D 559 20.27 -11.99 -21.35
N TYR D 560 20.69 -12.90 -20.43
CA TYR D 560 22.03 -12.83 -19.86
C TYR D 560 22.92 -13.98 -20.31
N LYS D 561 24.09 -14.06 -19.70
CA LYS D 561 25.10 -15.07 -19.98
C LYS D 561 26.16 -15.03 -18.88
N LEU D 562 26.70 -16.21 -18.57
CA LEU D 562 27.76 -16.35 -17.59
C LEU D 562 29.06 -16.48 -18.35
N ILE D 563 29.93 -15.48 -18.19
CA ILE D 563 31.24 -15.48 -18.84
C ILE D 563 32.26 -15.89 -17.78
N PRO D 564 33.02 -16.96 -17.99
CA PRO D 564 34.09 -17.27 -17.05
C PRO D 564 35.09 -16.12 -17.04
N LYS D 565 35.61 -15.82 -15.86
CA LYS D 565 36.56 -14.74 -15.71
C LYS D 565 37.59 -15.17 -14.68
N GLU D 566 38.42 -14.21 -14.28
CA GLU D 566 39.49 -14.45 -13.32
C GLU D 566 39.53 -13.29 -12.33
N ASP D 567 39.21 -13.60 -11.08
CA ASP D 567 39.41 -12.69 -9.99
C ASP D 567 40.04 -13.45 -8.83
N PRO D 568 40.99 -12.83 -8.14
CA PRO D 568 41.83 -13.61 -7.22
C PRO D 568 41.09 -14.27 -6.08
N SER D 569 40.09 -13.61 -5.50
CA SER D 569 39.45 -14.19 -4.33
C SER D 569 38.91 -15.58 -4.57
N PHE D 570 38.68 -15.95 -5.81
CA PHE D 570 38.05 -17.23 -6.10
C PHE D 570 39.04 -18.16 -6.79
N LEU D 571 38.70 -19.45 -6.76
CA LEU D 571 39.56 -20.49 -7.28
C LEU D 571 39.49 -20.55 -8.80
N ASN D 572 40.66 -20.65 -9.42
CA ASN D 572 40.76 -20.56 -10.86
C ASN D 572 39.99 -21.67 -11.56
N GLU D 573 39.51 -21.34 -12.75
CA GLU D 573 38.72 -22.20 -13.62
C GLU D 573 37.39 -22.58 -12.96
N ARG D 574 37.14 -22.03 -11.78
CA ARG D 574 35.90 -22.24 -11.05
C ARG D 574 35.39 -20.90 -10.55
N ILE D 575 35.33 -19.93 -11.45
CA ILE D 575 34.82 -18.59 -11.16
C ILE D 575 34.29 -17.98 -12.45
N VAL D 576 33.10 -17.40 -12.40
CA VAL D 576 32.46 -16.83 -13.58
C VAL D 576 31.81 -15.51 -13.21
N ASP D 577 32.02 -14.50 -14.03
CA ASP D 577 31.26 -13.27 -13.93
C ASP D 577 29.98 -13.41 -14.75
N ILE D 578 28.99 -12.59 -14.42
CA ILE D 578 27.68 -12.68 -15.07
C ILE D 578 27.36 -11.35 -15.72
N VAL D 579 26.60 -11.40 -16.81
CA VAL D 579 26.39 -10.19 -17.60
C VAL D 579 25.08 -10.33 -18.35
N LEU D 580 24.39 -9.19 -18.53
CA LEU D 580 23.14 -9.13 -19.29
C LEU D 580 22.99 -7.76 -19.90
N PHE D 581 23.19 -7.66 -21.21
CA PHE D 581 22.55 -6.63 -22.01
C PHE D 581 22.98 -6.76 -23.47
N PRO D 582 22.38 -6.04 -24.38
CA PRO D 582 23.08 -5.71 -25.62
C PRO D 582 24.14 -4.64 -25.40
N HIS D 583 24.49 -4.38 -24.15
CA HIS D 583 25.58 -3.47 -23.82
C HIS D 583 26.71 -4.13 -23.05
N ASN D 584 26.66 -5.45 -22.84
CA ASN D 584 27.75 -6.17 -22.18
C ASN D 584 28.05 -5.55 -20.83
N LEU D 585 27.01 -5.49 -20.01
CA LEU D 585 27.10 -4.89 -18.68
C LEU D 585 27.07 -6.03 -17.70
N LYS D 586 28.22 -6.35 -17.14
CA LYS D 586 28.30 -7.42 -16.16
C LYS D 586 27.88 -6.88 -14.81
N PHE D 587 27.07 -7.67 -14.12
CA PHE D 587 26.56 -7.23 -12.82
C PHE D 587 26.60 -8.31 -11.76
N GLY D 588 26.88 -9.56 -12.10
CA GLY D 588 26.88 -10.62 -11.12
C GLY D 588 28.11 -11.48 -11.25
N VAL D 589 28.45 -12.14 -10.15
CA VAL D 589 29.54 -13.08 -10.10
C VAL D 589 29.07 -14.31 -9.34
N LEU D 590 29.68 -15.44 -9.67
CA LEU D 590 29.42 -16.71 -9.03
C LEU D 590 30.73 -17.43 -8.93
N GLY D 591 31.09 -17.88 -7.74
CA GLY D 591 32.41 -18.49 -7.63
C GLY D 591 32.61 -19.27 -6.36
N ILE D 592 33.70 -20.04 -6.37
CA ILE D 592 34.20 -20.74 -5.20
C ILE D 592 35.39 -19.96 -4.69
N ILE D 593 35.32 -19.50 -3.44
CA ILE D 593 36.35 -18.62 -2.93
C ILE D 593 37.66 -19.38 -2.78
N HIS D 594 38.78 -18.66 -2.89
CA HIS D 594 40.09 -19.31 -2.76
C HIS D 594 40.36 -19.62 -1.29
N PRO D 595 40.89 -20.80 -0.98
CA PRO D 595 41.04 -21.20 0.43
C PRO D 595 41.93 -20.29 1.27
N LYS D 596 42.89 -19.62 0.65
CA LYS D 596 43.78 -18.78 1.45
C LYS D 596 43.00 -17.76 2.25
N VAL D 597 41.95 -17.22 1.68
CA VAL D 597 41.14 -16.28 2.45
C VAL D 597 40.50 -16.99 3.64
N LEU D 598 40.10 -18.24 3.47
CA LEU D 598 39.53 -18.97 4.59
C LEU D 598 40.54 -19.11 5.70
N GLU D 599 41.79 -19.41 5.33
CA GLU D 599 42.87 -19.37 6.30
C GLU D 599 42.92 -18.01 6.98
N ASN D 600 42.72 -16.95 6.20
CA ASN D 600 42.68 -15.62 6.80
C ASN D 600 41.51 -15.51 7.76
N PHE D 601 40.32 -15.96 7.35
CA PHE D 601 39.11 -15.75 8.13
C PHE D 601 38.79 -16.88 9.07
N SER D 602 39.76 -17.69 9.43
CA SER D 602 39.53 -18.78 10.39
C SER D 602 38.34 -19.64 9.98
N LEU D 603 38.18 -19.84 8.69
CA LEU D 603 37.14 -20.72 8.18
C LEU D 603 37.69 -22.12 7.99
N ASP D 604 36.77 -23.09 7.98
CA ASP D 604 37.16 -24.49 7.96
C ASP D 604 36.47 -25.33 6.90
N ILE D 605 35.24 -24.99 6.53
CA ILE D 605 34.44 -25.81 5.63
C ILE D 605 34.30 -25.13 4.27
N PRO D 606 34.16 -25.88 3.17
CA PRO D 606 34.19 -25.26 1.84
C PRO D 606 32.91 -24.51 1.56
N VAL D 607 33.05 -23.31 0.99
CA VAL D 607 31.88 -22.51 0.68
C VAL D 607 31.89 -22.13 -0.79
N SER D 608 30.69 -21.88 -1.31
CA SER D 608 30.46 -21.37 -2.65
C SER D 608 29.54 -20.18 -2.53
N ALA D 609 29.60 -19.27 -3.49
CA ALA D 609 28.84 -18.05 -3.28
C ALA D 609 28.47 -17.39 -4.59
N ILE D 610 27.48 -16.50 -4.50
CA ILE D 610 27.07 -15.65 -5.61
C ILE D 610 26.86 -14.23 -5.10
N GLU D 611 27.16 -13.25 -5.95
CA GLU D 611 27.00 -11.83 -5.60
C GLU D 611 26.51 -11.10 -6.83
N ILE D 612 25.29 -10.54 -6.79
CA ILE D 612 24.77 -9.86 -7.98
C ILE D 612 24.17 -8.52 -7.59
N ASN D 613 24.37 -7.53 -8.45
CA ASN D 613 23.63 -6.29 -8.29
C ASN D 613 22.18 -6.56 -8.58
N VAL D 614 21.33 -5.65 -8.12
CA VAL D 614 19.92 -5.71 -8.49
C VAL D 614 19.46 -4.36 -9.00
N GLU D 615 19.86 -3.31 -8.32
CA GLU D 615 19.49 -1.95 -8.69
C GLU D 615 19.60 -1.74 -10.19
N THR D 616 20.53 -2.45 -10.83
CA THR D 616 20.59 -2.40 -12.28
C THR D 616 19.39 -3.07 -12.94
N LEU D 617 18.83 -4.10 -12.32
CA LEU D 617 17.80 -4.85 -13.02
C LEU D 617 16.61 -3.97 -13.33
N LEU D 618 15.97 -4.25 -14.47
CA LEU D 618 15.05 -3.32 -15.08
C LEU D 618 14.21 -4.04 -16.14
N B79 E . 11.87 1.97 22.65
C B79 E . 6.31 -1.05 21.86
O B79 E . 7.55 -1.18 21.18
C1 B79 E . 8.58 -0.37 21.55
C10 B79 E . 17.19 5.94 21.44
C11 B79 E . 17.62 7.37 21.82
C12 B79 E . 16.98 7.85 24.12
C13 B79 E . 16.51 9.43 22.41
C14 B79 E . 16.24 5.62 20.24
C15 B79 E . 15.55 4.61 21.22
C16 B79 E . 14.05 4.60 21.48
C17 B79 E . 15.49 6.66 19.44
C18 B79 E . 16.16 7.77 18.92
C19 B79 E . 15.47 8.77 18.27
C2 B79 E . 9.11 -0.48 22.82
C20 B79 E . 14.10 8.69 18.11
C21 B79 E . 13.43 7.55 18.57
C22 B79 E . 14.13 6.56 19.23
C23 B79 E . 13.35 9.77 17.53
C24 B79 E . 12.80 10.68 16.98
C25 B79 E . 12.13 11.81 16.41
C26 B79 E . 11.59 11.75 15.14
C27 B79 E . 10.86 12.80 14.63
C28 B79 E . 10.66 13.93 15.38
C29 B79 E . 11.14 13.98 16.67
C3 B79 E . 10.18 0.31 23.18
C30 B79 E . 11.85 12.93 17.20
C31 B79 E . 10.17 1.33 21.02
C32 B79 E . 9.09 0.55 20.65
C4 B79 E . 10.73 1.22 22.29
C5 B79 E . 12.22 3.17 22.10
C6 B79 E . 14.40 2.82 23.20
C7 B79 E . 14.63 3.53 24.54
C8 B79 E . 15.88 4.40 24.63
C9 B79 E . 16.76 4.45 23.40
N1 B79 E . 13.53 3.53 22.27
N2 B79 E . 16.19 5.32 22.35
N3 B79 E . 16.64 8.01 22.71
O1 B79 E . 11.46 3.87 21.48
N B79 F . -8.24 -10.58 -22.94
C B79 F . -2.66 -7.62 -22.06
O B79 F . -3.32 -8.64 -21.30
C1 B79 F . -4.52 -9.09 -21.75
C10 B79 F . -14.70 -12.33 -21.82
C11 B79 F . -16.07 -11.84 -22.33
C12 B79 F . -16.02 -11.34 -24.72
C13 B79 F . -17.07 -9.79 -23.24
C14 B79 F . -13.93 -11.60 -20.68
C15 B79 F . -12.65 -11.80 -21.56
C16 B79 F . -11.71 -10.65 -21.95
C17 B79 F . -14.36 -10.28 -20.06
C18 B79 F . -15.66 -10.07 -19.62
C19 B79 F . -16.07 -8.83 -19.18
C2 B79 F . -4.63 -9.78 -22.94
C20 B79 F . -15.18 -7.77 -19.14
C21 B79 F . -13.87 -7.99 -19.55
C22 B79 F . -13.47 -9.23 -20.01
C23 B79 F . -15.63 -6.48 -18.69
C24 B79 F . -15.99 -5.41 -18.31
C25 B79 F . -16.43 -4.07 -18.05
C26 B79 F . -16.42 -3.60 -16.74
C27 B79 F . -16.93 -2.36 -16.44
C28 B79 F . -17.42 -1.55 -17.42
C29 B79 F . -17.47 -2.02 -18.74
C3 B79 F . -5.86 -10.25 -23.35
C30 B79 F . -16.97 -3.27 -19.05
C31 B79 F . -6.87 -9.33 -21.39
C32 B79 F . -5.65 -8.86 -20.98
C4 B79 F . -6.99 -10.04 -22.57
C5 B79 F . -9.44 -10.11 -22.52
C6 B79 F . -10.36 -12.22 -23.37
C7 B79 F . -10.98 -12.17 -24.76
C8 B79 F . -12.41 -12.69 -24.89
C9 B79 F . -13.09 -13.17 -23.61
N1 B79 F . -10.48 -10.97 -22.62
N2 B79 F . -13.55 -12.04 -22.72
N3 B79 F . -16.00 -10.78 -23.38
O1 B79 F . -9.59 -8.99 -22.06
MG MG G . 11.28 23.74 22.88
#